data_9EFU
#
_entry.id   9EFU
#
_cell.length_a   1.00
_cell.length_b   1.00
_cell.length_c   1.00
_cell.angle_alpha   90.00
_cell.angle_beta   90.00
_cell.angle_gamma   90.00
#
_symmetry.space_group_name_H-M   'P 1'
#
loop_
_entity.id
_entity.type
_entity.pdbx_description
1 polymer 'Light-independent protochlorophyllide reductase subunit N'
2 polymer 'Light-independent protochlorophyllide reductase subunit B'
3 non-polymer 'IRON/SULFUR CLUSTER'
4 non-polymer Protochlorophyllide
5 non-polymer 'COPPER (II) ION'
#
loop_
_entity_poly.entity_id
_entity_poly.type
_entity_poly.pdbx_seq_one_letter_code
_entity_poly.pdbx_strand_id
1 'polypeptide(L)'
;MSLDLPPPPARGCRSTEVLKERGQREVFCGLTGIIWLHRKMQDAFFLVVGSRTCAHLLQSAAGVMIFAEPRFGTAVLEEK
DLAGLADANAELDREVDRLLARRPDIRQLFLVGSCPSEVIKLDLHRAAERLSAHHGPAVRVYNFSGSGIETTFTQGEDAC
LASIVPTLPATEARELLLVGALPDVVEDQAVSLLTQLGIGPVRCLPAHHAAEAPGVGPNTVFALVQPFLGDTHGALTRRG
ARHIAAPFPFGEEGTTLWLKAIADEFGVSAETFEAVTAAPRARARKAVAAASEGLRGKSVFFLPDSQLEPSLARFLTREC
GMSAVEVGTPFLHRGILGPDLDLLAEGPVLSEGQDVERQLDRVRAARPDLTVCGLGLANPLEAEGFTTKWAIELVFTPVH
FYEQAGDLAGLFSRPVRRRAILRREAAE
;
A,C
2 'polypeptide(L)'
;MKLTLWTYEGPPHVGAMRVATGMTGMHYVLHAPQGDTYADLLFTMIERRGKRPPVSYTTFQARDLGSDTAELFQSACRDA
YERFQPQAIMVGSSCTAELIQDDTGGLADALSLPVPVVHLELPSYQRKENFGADESFLQICRKLARPMERTEKVSCNLLG
PTALGFRHRDDILEVTRLLEGMGIAVNAVAPMGASPADIARLGAAHFNVLLYPETGESAARWAEKTLKQPYTKTVPIGVG
ATRDFVAEVAALAGVAPVADDSRLRQPWWSASVDSTYLTGKRVFLFGDATHVIAAARVARDEMGFEVVGMGCYNREFARP
MRAAAKGYGLEALVTDDYLEVEEAIQALAPELILGTQMERHIAKRLGIPCAVISAPVHVQDFPARYSPQMGFEGANVLFD
TWIHPLTMGLEEHLLTMFR
;
B,D
#
loop_
_chem_comp.id
_chem_comp.type
_chem_comp.name
_chem_comp.formula
CU non-polymer 'COPPER (II) ION' 'Cu 2'
PMR non-polymer Protochlorophyllide 'C35 H32 Mg N4 O5 2'
SF4 non-polymer 'IRON/SULFUR CLUSTER' 'Fe4 S4'
#
# COMPACT_ATOMS: atom_id res chain seq x y z
N GLN A 24 41.87 4.97 1.50
CA GLN A 24 40.48 5.41 1.59
C GLN A 24 39.82 4.93 2.88
N ARG A 25 39.16 5.85 3.58
CA ARG A 25 38.50 5.55 4.85
C ARG A 25 37.00 5.61 4.62
N GLU A 26 36.37 4.43 4.58
CA GLU A 26 34.93 4.35 4.33
C GLU A 26 34.21 4.52 5.66
N VAL A 27 34.33 5.73 6.21
CA VAL A 27 33.77 6.09 7.51
C VAL A 27 33.00 7.40 7.36
N PHE A 28 32.07 7.64 8.29
CA PHE A 28 31.29 8.85 8.28
C PHE A 28 32.00 9.96 9.05
N CYS A 29 31.65 11.20 8.75
CA CYS A 29 32.15 12.33 9.52
C CYS A 29 31.32 12.49 10.78
N GLY A 30 31.88 13.26 11.73
CA GLY A 30 31.32 13.32 13.07
C GLY A 30 29.92 13.89 13.15
N LEU A 31 29.42 14.45 12.05
CA LEU A 31 28.06 14.98 12.04
C LEU A 31 27.02 13.89 12.25
N THR A 32 27.35 12.64 11.94
CA THR A 32 26.40 11.56 12.20
C THR A 32 26.19 11.31 13.68
N GLY A 33 27.09 11.80 14.54
CA GLY A 33 26.86 11.70 15.97
C GLY A 33 25.70 12.54 16.43
N ILE A 34 25.35 13.57 15.66
CA ILE A 34 24.25 14.47 16.03
C ILE A 34 22.94 13.70 16.15
N ILE A 35 22.75 12.68 15.32
CA ILE A 35 21.45 12.06 15.16
C ILE A 35 21.00 11.32 16.41
N TRP A 36 21.93 10.66 17.10
CA TRP A 36 21.57 10.03 18.36
C TRP A 36 21.88 10.89 19.58
N LEU A 37 22.63 11.98 19.40
CA LEU A 37 22.90 12.87 20.53
C LEU A 37 21.66 13.66 20.92
N HIS A 38 20.95 14.23 19.95
CA HIS A 38 19.84 15.11 20.27
C HIS A 38 18.62 14.36 20.77
N ARG A 39 18.58 13.03 20.59
CA ARG A 39 17.58 12.25 21.30
C ARG A 39 17.87 12.20 22.79
N LYS A 40 19.16 12.21 23.17
CA LYS A 40 19.55 12.32 24.57
C LYS A 40 19.32 13.71 25.13
N MET A 41 19.59 14.75 24.33
CA MET A 41 19.46 16.13 24.79
C MET A 41 18.20 16.73 24.16
N GLN A 42 17.10 16.72 24.92
CA GLN A 42 15.84 17.29 24.44
C GLN A 42 15.86 18.81 24.36
N ASP A 43 16.83 19.47 24.98
CA ASP A 43 16.91 20.92 24.94
C ASP A 43 18.07 21.44 24.10
N ALA A 44 18.71 20.58 23.32
CA ALA A 44 19.87 20.96 22.52
C ALA A 44 19.49 20.98 21.04
N PHE A 45 19.86 22.05 20.35
CA PHE A 45 19.74 22.14 18.90
C PHE A 45 21.15 22.16 18.31
N PHE A 46 21.41 21.27 17.37
CA PHE A 46 22.72 21.14 16.74
C PHE A 46 22.69 21.87 15.40
N LEU A 47 23.24 23.08 15.38
CA LEU A 47 23.28 23.90 14.17
C LEU A 47 24.60 23.61 13.47
N VAL A 48 24.52 22.81 12.41
CA VAL A 48 25.71 22.52 11.62
C VAL A 48 25.98 23.66 10.66
N VAL A 49 27.17 24.23 10.72
CA VAL A 49 27.60 25.26 9.78
C VAL A 49 28.39 24.55 8.69
N GLY A 50 27.72 24.22 7.60
CA GLY A 50 28.37 23.45 6.56
C GLY A 50 27.72 23.67 5.21
N SER A 51 28.26 22.96 4.22
CA SER A 51 27.79 23.06 2.86
C SER A 51 26.53 22.21 2.68
N ARG A 52 26.08 22.07 1.44
CA ARG A 52 24.92 21.22 1.17
C ARG A 52 25.24 19.75 1.43
N THR A 53 26.50 19.37 1.30
CA THR A 53 26.87 17.97 1.46
C THR A 53 26.58 17.49 2.88
N CYS A 54 26.88 18.33 3.88
CA CYS A 54 26.67 17.92 5.26
C CYS A 54 25.18 17.94 5.62
N ALA A 55 24.42 18.86 5.03
CA ALA A 55 22.97 18.83 5.19
C ALA A 55 22.38 17.56 4.59
N HIS A 56 22.87 17.14 3.42
CA HIS A 56 22.42 15.90 2.81
C HIS A 56 22.80 14.71 3.66
N LEU A 57 24.00 14.74 4.24
CA LEU A 57 24.39 13.72 5.23
C LEU A 57 23.38 13.63 6.35
N LEU A 58 23.06 14.75 6.98
CA LEU A 58 22.16 14.71 8.13
C LEU A 58 20.78 14.20 7.72
N GLN A 59 20.27 14.67 6.58
CA GLN A 59 18.95 14.23 6.13
C GLN A 59 18.93 12.75 5.80
N SER A 60 19.91 12.29 5.02
CA SER A 60 19.94 10.88 4.61
C SER A 60 20.10 9.96 5.81
N ALA A 61 21.01 10.32 6.74
CA ALA A 61 21.27 9.43 7.87
C ALA A 61 20.13 9.48 8.87
N ALA A 62 19.42 10.60 8.96
CA ALA A 62 18.21 10.64 9.77
C ALA A 62 17.13 9.75 9.17
N GLY A 63 16.99 9.77 7.85
CA GLY A 63 16.04 8.90 7.19
C GLY A 63 14.61 9.31 7.51
N VAL A 64 13.93 8.51 8.33
CA VAL A 64 12.56 8.83 8.71
C VAL A 64 12.54 10.05 9.62
N MET A 65 13.60 10.27 10.40
CA MET A 65 13.57 11.25 11.47
C MET A 65 13.39 12.68 10.96
N ILE A 66 13.92 12.99 9.77
CA ILE A 66 13.83 14.36 9.27
C ILE A 66 12.40 14.80 8.98
N PHE A 67 11.44 13.87 8.99
CA PHE A 67 10.03 14.20 8.83
C PHE A 67 9.31 14.26 10.17
N ALA A 68 10.05 14.50 11.25
CA ALA A 68 9.48 14.63 12.58
C ALA A 68 10.06 15.84 13.31
N GLU A 69 10.20 16.97 12.62
CA GLU A 69 10.82 18.22 13.07
C GLU A 69 12.03 17.98 13.97
N PRO A 70 13.13 17.43 13.46
CA PRO A 70 14.30 17.17 14.31
C PRO A 70 14.85 18.44 14.92
N ARG A 71 15.84 18.25 15.80
CA ARG A 71 16.52 19.36 16.44
C ARG A 71 17.91 19.60 15.88
N PHE A 72 18.18 19.16 14.65
CA PHE A 72 19.42 19.50 13.96
C PHE A 72 19.10 20.22 12.68
N GLY A 73 19.85 21.26 12.38
CA GLY A 73 19.69 21.99 11.13
C GLY A 73 21.02 22.49 10.64
N THR A 74 21.20 22.45 9.33
CA THR A 74 22.46 22.83 8.70
C THR A 74 22.30 24.19 8.03
N ALA A 75 23.14 25.14 8.42
CA ALA A 75 23.17 26.46 7.79
C ALA A 75 24.09 26.39 6.58
N VAL A 76 23.52 26.37 5.39
CA VAL A 76 24.31 26.22 4.17
C VAL A 76 25.16 27.46 3.94
N LEU A 77 26.42 27.24 3.58
CA LEU A 77 27.33 28.34 3.26
C LEU A 77 27.32 28.56 1.76
N GLU A 78 26.99 29.78 1.34
CA GLU A 78 27.00 30.12 -0.08
C GLU A 78 28.33 30.78 -0.45
N GLU A 79 28.53 30.99 -1.75
CA GLU A 79 29.80 31.56 -2.21
C GLU A 79 29.99 32.97 -1.66
N LYS A 80 28.90 33.69 -1.40
CA LYS A 80 29.00 34.97 -0.71
C LYS A 80 29.33 34.77 0.76
N ASP A 81 28.82 33.69 1.36
CA ASP A 81 29.09 33.42 2.76
C ASP A 81 30.54 32.97 2.97
N LEU A 82 31.13 32.31 1.97
CA LEU A 82 32.51 31.85 2.11
C LEU A 82 33.48 33.02 2.22
N ALA A 83 33.28 34.06 1.41
CA ALA A 83 34.18 35.20 1.42
C ALA A 83 33.98 36.02 2.69
N GLY A 84 35.08 36.31 3.37
CA GLY A 84 35.01 37.11 4.59
C GLY A 84 34.65 36.29 5.80
N LEU A 85 34.97 36.85 6.97
CA LEU A 85 34.65 36.22 8.25
C LEU A 85 33.65 37.01 9.07
N ALA A 86 33.78 38.34 9.09
CA ALA A 86 32.84 39.16 9.86
C ALA A 86 31.43 39.08 9.27
N ASP A 87 31.32 39.11 7.93
CA ASP A 87 30.01 38.97 7.31
C ASP A 87 29.41 37.60 7.60
N ALA A 88 30.23 36.56 7.53
CA ALA A 88 29.75 35.23 7.87
C ALA A 88 29.30 35.16 9.32
N ASN A 89 30.05 35.80 10.21
CA ASN A 89 29.67 35.82 11.63
C ASN A 89 28.34 36.54 11.84
N ALA A 90 28.14 37.66 11.15
CA ALA A 90 26.88 38.38 11.26
C ALA A 90 25.72 37.54 10.73
N GLU A 91 25.92 36.87 9.60
CA GLU A 91 24.86 36.02 9.05
C GLU A 91 24.56 34.85 9.98
N LEU A 92 25.60 34.27 10.60
CA LEU A 92 25.39 33.21 11.56
C LEU A 92 24.60 33.69 12.76
N ASP A 93 24.90 34.90 13.25
CA ASP A 93 24.14 35.47 14.35
C ASP A 93 22.68 35.67 13.96
N ARG A 94 22.44 36.17 12.75
CA ARG A 94 21.08 36.37 12.28
C ARG A 94 20.33 35.03 12.19
N GLU A 95 21.01 33.99 11.70
CA GLU A 95 20.38 32.67 11.61
C GLU A 95 20.09 32.10 12.99
N VAL A 96 21.00 32.30 13.94
CA VAL A 96 20.76 31.82 15.30
C VAL A 96 19.58 32.55 15.92
N ASP A 97 19.46 33.85 15.67
CA ASP A 97 18.30 34.58 16.16
C ASP A 97 17.01 34.09 15.51
N ARG A 98 17.05 33.80 14.21
CA ARG A 98 15.87 33.25 13.54
C ARG A 98 15.48 31.90 14.15
N LEU A 99 16.46 31.06 14.43
CA LEU A 99 16.19 29.77 15.07
C LEU A 99 15.61 29.96 16.47
N LEU A 100 16.18 30.88 17.25
CA LEU A 100 15.68 31.12 18.60
C LEU A 100 14.26 31.65 18.59
N ALA A 101 13.91 32.47 17.60
CA ALA A 101 12.54 32.94 17.48
C ALA A 101 11.58 31.77 17.23
N ARG A 102 11.95 30.85 16.34
CA ARG A 102 11.09 29.71 16.05
C ARG A 102 10.99 28.77 17.25
N ARG A 103 12.12 28.53 17.93
CA ARG A 103 12.21 27.55 19.01
C ARG A 103 12.75 28.23 20.26
N PRO A 104 11.92 28.99 20.97
CA PRO A 104 12.38 29.60 22.23
C PRO A 104 12.72 28.59 23.30
N ASP A 105 12.25 27.34 23.17
CA ASP A 105 12.48 26.34 24.21
C ASP A 105 13.97 26.00 24.33
N ILE A 106 14.67 25.93 23.20
CA ILE A 106 16.06 25.51 23.20
C ILE A 106 16.89 26.43 24.08
N ARG A 107 17.63 25.84 25.03
CA ARG A 107 18.51 26.61 25.89
C ARG A 107 19.97 26.15 25.88
N GLN A 108 20.36 25.27 24.94
CA GLN A 108 21.78 24.97 24.72
C GLN A 108 21.96 24.67 23.23
N LEU A 109 22.51 25.64 22.51
CA LEU A 109 22.73 25.49 21.08
C LEU A 109 24.14 24.95 20.85
N PHE A 110 24.24 23.95 19.96
CA PHE A 110 25.50 23.29 19.67
C PHE A 110 25.90 23.68 18.25
N LEU A 111 26.70 24.72 18.13
CA LEU A 111 27.29 25.06 16.85
C LEU A 111 28.36 24.03 16.48
N VAL A 112 28.07 23.24 15.46
CA VAL A 112 28.94 22.13 15.07
C VAL A 112 29.75 22.56 13.87
N GLY A 113 31.06 22.56 14.01
CA GLY A 113 31.91 22.83 12.87
C GLY A 113 31.88 21.70 11.86
N SER A 114 32.06 22.06 10.59
CA SER A 114 32.04 21.12 9.50
C SER A 114 33.30 21.30 8.65
N CYS A 115 33.43 20.45 7.63
CA CYS A 115 34.60 20.53 6.77
C CYS A 115 34.67 21.87 6.04
N PRO A 116 33.64 22.33 5.32
CA PRO A 116 33.72 23.67 4.71
C PRO A 116 33.88 24.78 5.71
N SER A 117 33.26 24.66 6.88
CA SER A 117 33.45 25.68 7.92
C SER A 117 34.89 25.72 8.39
N GLU A 118 35.52 24.56 8.54
CA GLU A 118 36.91 24.51 8.98
C GLU A 118 37.84 25.09 7.92
N VAL A 119 37.58 24.81 6.64
CA VAL A 119 38.39 25.40 5.58
C VAL A 119 38.18 26.91 5.52
N ILE A 120 36.95 27.37 5.73
CA ILE A 120 36.68 28.80 5.81
C ILE A 120 37.40 29.40 7.01
N LYS A 121 37.67 28.61 8.04
CA LYS A 121 38.22 29.03 9.31
C LYS A 121 37.27 29.96 10.06
N LEU A 122 35.97 29.79 9.86
CA LEU A 122 34.99 30.52 10.64
C LEU A 122 35.16 30.20 12.12
N ASP A 123 35.47 31.22 12.91
CA ASP A 123 35.83 31.02 14.31
C ASP A 123 34.57 30.67 15.08
N LEU A 124 34.24 29.37 15.09
CA LEU A 124 33.06 28.91 15.82
C LEU A 124 33.21 29.15 17.31
N HIS A 125 34.44 29.13 17.83
CA HIS A 125 34.65 29.46 19.23
C HIS A 125 34.30 30.92 19.52
N ARG A 126 34.74 31.83 18.65
CA ARG A 126 34.37 33.23 18.76
C ARG A 126 32.86 33.43 18.59
N ALA A 127 32.24 32.70 17.67
CA ALA A 127 30.79 32.78 17.52
C ALA A 127 30.10 32.32 18.79
N ALA A 128 30.59 31.24 19.40
CA ALA A 128 30.03 30.78 20.66
C ALA A 128 30.18 31.84 21.74
N GLU A 129 31.35 32.50 21.78
CA GLU A 129 31.58 33.56 22.75
C GLU A 129 30.59 34.69 22.58
N ARG A 130 30.32 35.08 21.34
CA ARG A 130 29.37 36.17 21.09
C ARG A 130 27.94 35.76 21.44
N LEU A 131 27.51 34.58 20.98
CA LEU A 131 26.12 34.20 21.17
C LEU A 131 25.83 33.74 22.59
N SER A 132 26.87 33.40 23.36
CA SER A 132 26.68 33.15 24.77
C SER A 132 26.77 34.42 25.60
N ALA A 133 26.95 35.57 24.95
CA ALA A 133 26.82 36.87 25.59
C ALA A 133 25.52 37.55 25.17
N HIS A 134 25.06 37.28 23.95
CA HIS A 134 23.77 37.79 23.51
C HIS A 134 22.63 37.25 24.37
N HIS A 135 22.46 35.93 24.37
CA HIS A 135 21.42 35.27 25.15
C HIS A 135 21.99 34.20 26.07
N GLY A 136 23.11 34.50 26.74
CA GLY A 136 23.83 33.55 27.55
C GLY A 136 23.08 32.93 28.71
N PRO A 137 22.40 33.76 29.53
CA PRO A 137 21.73 33.19 30.73
C PRO A 137 20.76 32.07 30.43
N ALA A 138 20.02 32.16 29.32
CA ALA A 138 19.10 31.09 28.97
C ALA A 138 19.75 30.09 28.02
N VAL A 139 20.17 30.56 26.85
CA VAL A 139 20.73 29.68 25.82
C VAL A 139 22.24 29.72 25.97
N ARG A 140 22.83 28.60 26.40
CA ARG A 140 24.28 28.49 26.53
C ARG A 140 24.80 27.85 25.25
N VAL A 141 25.37 28.66 24.37
CA VAL A 141 25.78 28.19 23.04
C VAL A 141 27.13 27.50 23.18
N TYR A 142 27.20 26.25 22.74
CA TYR A 142 28.44 25.48 22.70
C TYR A 142 28.95 25.36 21.28
N ASN A 143 30.22 24.97 21.15
CA ASN A 143 30.80 24.70 19.83
C ASN A 143 31.67 23.45 19.94
N PHE A 144 31.58 22.60 18.92
CA PHE A 144 32.48 21.47 18.77
C PHE A 144 32.59 21.10 17.30
N SER A 145 33.74 20.54 16.93
CA SER A 145 34.03 20.19 15.55
C SER A 145 33.40 18.84 15.24
N GLY A 146 32.65 18.78 14.14
CA GLY A 146 32.10 17.54 13.65
C GLY A 146 32.62 17.24 12.25
N SER A 147 33.72 17.90 11.89
CA SER A 147 34.24 17.81 10.53
C SER A 147 34.97 16.49 10.31
N GLY A 148 34.79 15.93 9.12
CA GLY A 148 35.44 14.66 8.81
C GLY A 148 36.94 14.78 8.72
N ILE A 149 37.44 15.98 8.45
CA ILE A 149 38.89 16.19 8.40
C ILE A 149 39.50 16.08 9.79
N GLU A 150 38.67 16.21 10.83
CA GLU A 150 39.12 16.19 12.21
C GLU A 150 38.53 15.03 13.02
N THR A 151 37.25 14.76 12.87
CA THR A 151 36.50 13.83 13.70
C THR A 151 35.59 12.96 12.84
N THR A 152 35.34 11.73 13.29
CA THR A 152 34.59 10.78 12.48
C THR A 152 33.68 9.90 13.35
N PHE A 153 32.46 9.67 12.87
CA PHE A 153 31.48 8.79 13.49
C PHE A 153 31.27 9.21 14.94
N THR A 154 31.50 8.33 15.91
CA THR A 154 31.22 8.64 17.30
C THR A 154 32.21 9.65 17.88
N GLN A 155 33.28 9.95 17.15
CA GLN A 155 34.13 11.05 17.56
C GLN A 155 33.33 12.33 17.64
N GLY A 156 32.27 12.45 16.85
CA GLY A 156 31.38 13.59 16.99
C GLY A 156 30.69 13.64 18.33
N GLU A 157 30.22 12.50 18.83
CA GLU A 157 29.57 12.48 20.13
C GLU A 157 30.57 12.80 21.26
N ASP A 158 31.77 12.21 21.20
CA ASP A 158 32.71 12.51 22.27
C ASP A 158 33.22 13.95 22.17
N ALA A 159 33.22 14.52 20.97
CA ALA A 159 33.55 15.94 20.84
C ALA A 159 32.44 16.81 21.41
N CYS A 160 31.18 16.43 21.19
CA CYS A 160 30.07 17.16 21.79
C CYS A 160 30.15 17.13 23.30
N LEU A 161 30.54 15.99 23.86
CA LEU A 161 30.67 15.89 25.31
C LEU A 161 31.93 16.58 25.81
N ALA A 162 32.96 16.67 24.98
CA ALA A 162 34.17 17.40 25.36
C ALA A 162 34.01 18.91 25.21
N SER A 163 32.98 19.36 24.51
CA SER A 163 32.69 20.78 24.42
C SER A 163 31.88 21.29 25.61
N ILE A 164 31.22 20.40 26.34
CA ILE A 164 30.35 20.84 27.43
C ILE A 164 31.06 20.76 28.77
N VAL A 165 32.00 19.81 28.92
CA VAL A 165 32.68 19.63 30.20
C VAL A 165 33.45 20.86 30.65
N PRO A 166 34.24 21.55 29.80
CA PRO A 166 35.04 22.67 30.31
C PRO A 166 34.21 23.81 30.89
N THR A 167 32.92 23.87 30.54
CA THR A 167 32.04 24.92 31.03
C THR A 167 31.05 24.43 32.08
N LEU A 168 31.15 23.16 32.51
CA LEU A 168 30.32 22.69 33.62
C LEU A 168 30.83 23.25 34.94
N PRO A 169 29.92 23.50 35.88
CA PRO A 169 30.32 24.12 37.16
C PRO A 169 31.22 23.21 37.97
N ALA A 170 32.11 23.84 38.73
CA ALA A 170 32.97 23.12 39.65
C ALA A 170 32.17 22.64 40.85
N THR A 171 32.63 21.56 41.47
CA THR A 171 31.96 20.96 42.60
C THR A 171 32.96 20.61 43.69
N GLU A 172 32.45 20.50 44.92
CA GLU A 172 33.27 20.13 46.06
C GLU A 172 32.75 18.86 46.74
N ALA A 173 31.96 18.07 46.04
CA ALA A 173 31.41 16.83 46.57
C ALA A 173 31.80 15.69 45.66
N ARG A 174 32.46 14.68 46.24
CA ARG A 174 32.87 13.51 45.48
C ARG A 174 31.62 12.76 45.00
N GLU A 175 31.47 12.66 43.68
CA GLU A 175 30.31 12.01 43.09
C GLU A 175 30.77 11.17 41.91
N LEU A 176 30.11 10.03 41.71
CA LEU A 176 30.35 9.23 40.53
C LEU A 176 29.43 9.66 39.40
N LEU A 177 30.00 9.83 38.21
CA LEU A 177 29.25 10.36 37.09
C LEU A 177 29.32 9.40 35.90
N LEU A 178 28.16 9.20 35.26
CA LEU A 178 28.04 8.31 34.11
C LEU A 178 28.29 9.11 32.84
N VAL A 179 29.57 9.18 32.45
CA VAL A 179 29.94 9.82 31.21
C VAL A 179 29.66 8.87 30.05
N GLY A 180 28.91 9.37 29.07
CA GLY A 180 28.52 8.55 27.94
C GLY A 180 27.03 8.61 27.68
N ALA A 181 26.65 8.84 26.43
CA ALA A 181 25.24 8.94 26.07
C ALA A 181 24.63 7.54 25.96
N LEU A 182 23.60 7.29 26.76
CA LEU A 182 22.91 6.02 26.79
C LEU A 182 21.42 6.23 26.62
N PRO A 183 20.71 5.22 26.11
CA PRO A 183 19.24 5.31 26.09
C PRO A 183 18.69 5.42 27.50
N ASP A 184 17.52 6.06 27.59
CA ASP A 184 16.94 6.34 28.91
C ASP A 184 16.72 5.07 29.71
N VAL A 185 16.36 3.97 29.04
CA VAL A 185 16.17 2.70 29.74
C VAL A 185 17.49 2.18 30.28
N VAL A 186 18.53 2.18 29.45
CA VAL A 186 19.84 1.69 29.87
C VAL A 186 20.39 2.59 30.96
N GLU A 187 20.20 3.90 30.83
CA GLU A 187 20.60 4.83 31.88
C GLU A 187 19.88 4.53 33.18
N ASP A 188 18.57 4.25 33.10
CA ASP A 188 17.80 4.00 34.30
C ASP A 188 18.28 2.74 35.01
N GLN A 189 18.58 1.69 34.25
CA GLN A 189 19.07 0.48 34.92
C GLN A 189 20.50 0.64 35.41
N ALA A 190 21.33 1.43 34.71
CA ALA A 190 22.67 1.68 35.21
C ALA A 190 22.63 2.40 36.55
N VAL A 191 21.83 3.46 36.63
CA VAL A 191 21.72 4.21 37.88
C VAL A 191 21.04 3.36 38.96
N SER A 192 20.08 2.52 38.57
CA SER A 192 19.44 1.66 39.56
C SER A 192 20.42 0.65 40.13
N LEU A 193 21.26 0.06 39.28
CA LEU A 193 22.28 -0.87 39.78
C LEU A 193 23.28 -0.16 40.67
N LEU A 194 23.70 1.04 40.28
CA LEU A 194 24.66 1.77 41.11
C LEU A 194 24.04 2.18 42.44
N THR A 195 22.74 2.44 42.47
CA THR A 195 22.05 2.69 43.73
C THR A 195 21.97 1.43 44.57
N GLN A 196 21.67 0.29 43.95
CA GLN A 196 21.66 -0.98 44.66
C GLN A 196 23.03 -1.29 45.26
N LEU A 197 24.10 -0.83 44.60
CA LEU A 197 25.43 -0.95 45.17
C LEU A 197 25.52 -0.26 46.52
N GLY A 198 24.75 0.80 46.72
CA GLY A 198 24.61 1.43 48.01
C GLY A 198 25.54 2.58 48.27
N ILE A 199 26.64 2.69 47.53
CA ILE A 199 27.63 3.75 47.72
C ILE A 199 27.76 4.51 46.41
N GLY A 200 27.65 5.84 46.49
CA GLY A 200 27.86 6.68 45.34
C GLY A 200 26.57 7.03 44.62
N PRO A 201 26.10 8.26 44.82
CA PRO A 201 25.00 8.76 43.99
C PRO A 201 25.54 9.29 42.68
N VAL A 202 24.80 9.01 41.60
CA VAL A 202 25.29 9.15 40.24
C VAL A 202 24.69 10.39 39.59
N ARG A 203 25.48 11.03 38.73
CA ARG A 203 25.06 12.20 37.96
C ARG A 203 25.59 12.05 36.55
N CYS A 204 24.76 11.57 35.63
CA CYS A 204 25.19 11.31 34.26
C CYS A 204 25.57 12.61 33.57
N LEU A 205 26.71 12.60 32.87
CA LEU A 205 27.25 13.83 32.31
C LEU A 205 26.36 14.45 31.24
N PRO A 206 25.86 13.72 30.24
CA PRO A 206 24.92 14.33 29.29
C PRO A 206 23.66 14.78 30.00
N ALA A 207 23.41 16.07 29.99
CA ALA A 207 22.22 16.65 30.60
C ALA A 207 21.12 16.75 29.54
N HIS A 208 19.97 16.15 29.82
CA HIS A 208 18.86 16.19 28.87
C HIS A 208 18.41 17.62 28.60
N HIS A 209 18.54 18.49 29.60
CA HIS A 209 18.29 19.91 29.43
C HIS A 209 19.37 20.68 30.15
N ALA A 210 19.53 21.96 29.80
CA ALA A 210 20.48 22.79 30.53
C ALA A 210 20.03 23.03 31.96
N ALA A 211 18.75 22.76 32.26
CA ALA A 211 18.22 23.02 33.60
C ALA A 211 18.92 22.20 34.67
N GLU A 212 19.05 20.89 34.48
CA GLU A 212 19.69 20.03 35.47
C GLU A 212 21.12 19.66 35.10
N ALA A 213 21.88 20.61 34.54
CA ALA A 213 23.26 20.34 34.17
C ALA A 213 24.08 19.94 35.40
N PRO A 214 24.97 18.97 35.29
CA PRO A 214 25.68 18.47 36.48
C PRO A 214 26.93 19.26 36.82
N GLY A 215 27.62 18.83 37.87
CA GLY A 215 28.84 19.48 38.30
C GLY A 215 30.01 18.51 38.32
N VAL A 216 31.19 18.99 37.94
CA VAL A 216 32.39 18.16 37.87
C VAL A 216 33.55 18.93 38.47
N GLY A 217 34.43 18.21 39.16
CA GLY A 217 35.58 18.82 39.78
C GLY A 217 36.59 17.78 40.23
N PRO A 218 37.62 18.21 40.96
CA PRO A 218 38.56 17.24 41.53
C PRO A 218 37.90 16.25 42.48
N ASN A 219 36.81 16.65 43.12
CA ASN A 219 36.09 15.74 44.01
C ASN A 219 35.50 14.57 43.24
N THR A 220 34.78 14.86 42.15
CA THR A 220 34.03 13.84 41.44
C THR A 220 34.94 12.87 40.70
N VAL A 221 34.50 11.63 40.60
CA VAL A 221 35.19 10.57 39.88
C VAL A 221 34.26 10.05 38.79
N PHE A 222 34.82 9.76 37.63
CA PHE A 222 34.06 9.44 36.43
C PHE A 222 34.47 8.10 35.86
N ALA A 223 33.54 7.44 35.16
CA ALA A 223 33.79 6.16 34.52
C ALA A 223 32.99 6.09 33.23
N LEU A 224 33.67 5.81 32.13
CA LEU A 224 33.01 5.71 30.83
C LEU A 224 32.03 4.54 30.79
N VAL A 225 31.01 4.68 29.96
CA VAL A 225 30.15 3.58 29.59
C VAL A 225 30.36 3.17 28.14
N GLN A 226 30.83 4.10 27.31
CA GLN A 226 31.01 3.82 25.90
C GLN A 226 32.44 4.12 25.49
N PRO A 227 33.06 3.25 24.70
CA PRO A 227 34.53 3.24 24.58
C PRO A 227 35.15 4.49 23.96
N PHE A 228 34.41 5.26 23.18
CA PHE A 228 35.04 6.22 22.28
C PHE A 228 35.27 7.58 22.90
N LEU A 229 34.97 7.76 24.19
CA LEU A 229 35.00 9.08 24.81
C LEU A 229 36.41 9.44 25.30
N GLY A 230 37.32 9.62 24.33
CA GLY A 230 38.67 10.01 24.67
C GLY A 230 38.83 11.50 24.88
N ASP A 231 38.18 12.31 24.02
CA ASP A 231 38.18 13.75 24.25
C ASP A 231 37.50 14.09 25.57
N THR A 232 36.47 13.32 25.92
CA THR A 232 35.84 13.50 27.23
C THR A 232 36.79 13.13 28.36
N HIS A 233 37.61 12.10 28.15
CA HIS A 233 38.71 11.83 29.08
C HIS A 233 39.61 13.02 29.25
N GLY A 234 40.03 13.63 28.15
CA GLY A 234 40.89 14.81 28.27
C GLY A 234 40.22 15.94 29.04
N ALA A 235 38.96 16.21 28.72
CA ALA A 235 38.25 17.31 29.39
C ALA A 235 38.10 17.03 30.88
N LEU A 236 37.64 15.83 31.26
CA LEU A 236 37.44 15.53 32.66
C LEU A 236 38.74 15.32 33.41
N THR A 237 39.83 15.00 32.73
CA THR A 237 41.13 14.92 33.38
C THR A 237 41.67 16.31 33.68
N ARG A 238 41.53 17.24 32.72
CA ARG A 238 41.86 18.63 33.02
C ARG A 238 40.95 19.20 34.09
N ARG A 239 39.71 18.73 34.19
CA ARG A 239 38.83 19.17 35.27
C ARG A 239 39.34 18.73 36.63
N GLY A 240 40.18 17.70 36.68
CA GLY A 240 40.67 17.15 37.93
C GLY A 240 40.09 15.80 38.30
N ALA A 241 39.00 15.39 37.66
CA ALA A 241 38.46 14.06 37.90
C ALA A 241 39.42 13.00 37.38
N ARG A 242 39.42 11.83 38.02
CA ARG A 242 40.36 10.77 37.70
C ARG A 242 39.61 9.58 37.11
N HIS A 243 40.21 8.98 36.09
CA HIS A 243 39.59 7.86 35.38
C HIS A 243 39.78 6.56 36.14
N ILE A 244 38.73 5.73 36.16
CA ILE A 244 38.87 4.38 36.67
C ILE A 244 38.76 3.40 35.50
N ALA A 245 39.82 2.63 35.29
CA ALA A 245 39.87 1.73 34.15
C ALA A 245 39.01 0.50 34.41
N ALA A 246 38.14 0.19 33.45
CA ALA A 246 37.22 -0.92 33.58
C ALA A 246 36.82 -1.38 32.18
N PRO A 247 36.54 -2.67 32.02
CA PRO A 247 35.94 -3.13 30.75
C PRO A 247 34.53 -2.57 30.62
N PHE A 248 34.14 -2.30 29.38
CA PHE A 248 32.93 -1.54 29.14
C PHE A 248 31.70 -2.46 29.16
N PRO A 249 30.52 -1.93 29.53
CA PRO A 249 29.33 -2.79 29.72
C PRO A 249 28.76 -3.29 28.39
N PHE A 250 29.40 -4.34 27.87
CA PHE A 250 28.95 -5.02 26.66
C PHE A 250 28.92 -6.51 26.96
N GLY A 251 27.78 -6.98 27.46
CA GLY A 251 27.66 -8.37 27.83
C GLY A 251 27.80 -8.55 29.33
N GLU A 252 27.44 -9.74 29.82
CA GLU A 252 27.41 -10.00 31.25
C GLU A 252 28.76 -9.76 31.92
N GLU A 253 29.83 -10.32 31.34
CA GLU A 253 31.15 -10.17 31.94
C GLU A 253 31.61 -8.73 31.90
N GLY A 254 31.33 -8.02 30.80
CA GLY A 254 31.75 -6.64 30.70
C GLY A 254 31.14 -5.74 31.76
N THR A 255 29.81 -5.82 31.90
CA THR A 255 29.16 -4.99 32.91
C THR A 255 29.51 -5.46 34.31
N THR A 256 29.74 -6.76 34.48
CA THR A 256 30.15 -7.27 35.78
C THR A 256 31.48 -6.69 36.20
N LEU A 257 32.47 -6.69 35.31
CA LEU A 257 33.76 -6.11 35.65
C LEU A 257 33.69 -4.60 35.76
N TRP A 258 32.82 -3.96 34.99
CA TRP A 258 32.60 -2.53 35.11
C TRP A 258 32.12 -2.17 36.51
N LEU A 259 31.09 -2.88 36.99
CA LEU A 259 30.56 -2.60 38.32
C LEU A 259 31.52 -3.07 39.41
N LYS A 260 32.34 -4.07 39.12
CA LYS A 260 33.38 -4.46 40.06
C LYS A 260 34.40 -3.36 40.24
N ALA A 261 34.80 -2.72 39.14
CA ALA A 261 35.69 -1.57 39.24
C ALA A 261 35.03 -0.42 39.97
N ILE A 262 33.73 -0.20 39.72
CA ILE A 262 32.98 0.80 40.47
C ILE A 262 33.04 0.51 41.97
N ALA A 263 32.79 -0.74 42.36
CA ALA A 263 32.78 -1.11 43.76
C ALA A 263 34.16 -0.96 44.40
N ASP A 264 35.20 -1.38 43.69
CA ASP A 264 36.55 -1.23 44.21
C ASP A 264 36.91 0.25 44.36
N GLU A 265 36.48 1.08 43.43
CA GLU A 265 36.71 2.51 43.50
C GLU A 265 35.98 3.13 44.69
N PHE A 266 34.77 2.64 44.99
CA PHE A 266 33.97 3.17 46.08
C PHE A 266 34.05 2.33 47.35
N GLY A 267 34.89 1.31 47.37
CA GLY A 267 35.03 0.51 48.57
C GLY A 267 33.82 -0.33 48.93
N VAL A 268 32.98 -0.68 47.95
CA VAL A 268 31.87 -1.59 48.22
C VAL A 268 32.41 -2.99 48.43
N SER A 269 31.97 -3.63 49.51
CA SER A 269 32.46 -4.97 49.83
C SER A 269 32.02 -5.96 48.77
N ALA A 270 32.83 -7.01 48.60
CA ALA A 270 32.59 -7.98 47.53
C ALA A 270 31.28 -8.74 47.74
N GLU A 271 30.92 -9.00 49.00
CA GLU A 271 29.75 -9.82 49.28
C GLU A 271 28.46 -9.11 48.87
N THR A 272 28.32 -7.83 49.22
CA THR A 272 27.13 -7.09 48.81
C THR A 272 27.06 -6.92 47.30
N PHE A 273 28.21 -6.70 46.65
CA PHE A 273 28.22 -6.62 45.20
C PHE A 273 27.76 -7.93 44.57
N GLU A 274 28.25 -9.05 45.11
CA GLU A 274 27.79 -10.35 44.62
C GLU A 274 26.30 -10.52 44.82
N ALA A 275 25.79 -10.09 45.98
CA ALA A 275 24.36 -10.20 46.26
C ALA A 275 23.54 -9.37 45.29
N VAL A 276 24.01 -8.18 44.94
CA VAL A 276 23.20 -7.28 44.11
C VAL A 276 23.33 -7.63 42.63
N THR A 277 24.42 -8.28 42.23
CA THR A 277 24.54 -8.66 40.82
C THR A 277 24.45 -10.15 40.56
N ALA A 278 24.02 -10.96 41.53
CA ALA A 278 23.85 -12.39 41.28
C ALA A 278 22.75 -12.66 40.26
N ALA A 279 21.59 -12.00 40.43
CA ALA A 279 20.46 -12.29 39.55
C ALA A 279 20.60 -11.64 38.18
N PRO A 280 20.96 -10.35 38.06
CA PRO A 280 21.18 -9.80 36.71
C PRO A 280 22.23 -10.56 35.93
N ARG A 281 23.28 -11.02 36.60
CA ARG A 281 24.28 -11.85 35.93
C ARG A 281 23.67 -13.15 35.44
N ALA A 282 22.76 -13.74 36.23
CA ALA A 282 22.12 -14.97 35.82
C ALA A 282 21.28 -14.79 34.56
N ARG A 283 20.41 -13.77 34.56
CA ARG A 283 19.60 -13.54 33.36
C ARG A 283 20.47 -13.17 32.17
N ALA A 284 21.50 -12.35 32.37
CA ALA A 284 22.36 -11.96 31.26
C ALA A 284 23.09 -13.16 30.67
N ARG A 285 23.61 -14.05 31.53
CA ARG A 285 24.29 -15.23 31.04
C ARG A 285 23.34 -16.15 30.28
N LYS A 286 22.12 -16.32 30.81
CA LYS A 286 21.15 -17.17 30.12
C LYS A 286 20.81 -16.62 28.74
N ALA A 287 20.54 -15.32 28.67
CA ALA A 287 20.19 -14.70 27.39
C ALA A 287 21.36 -14.76 26.41
N VAL A 288 22.58 -14.51 26.90
CA VAL A 288 23.74 -14.56 26.03
C VAL A 288 23.96 -15.96 25.47
N ALA A 289 23.83 -16.98 26.32
CA ALA A 289 23.98 -18.35 25.83
C ALA A 289 22.90 -18.69 24.80
N ALA A 290 21.65 -18.32 25.09
CA ALA A 290 20.55 -18.63 24.19
C ALA A 290 20.74 -17.97 22.83
N ALA A 291 21.17 -16.70 22.81
CA ALA A 291 21.37 -16.02 21.54
C ALA A 291 22.67 -16.45 20.86
N SER A 292 23.64 -16.95 21.63
CA SER A 292 24.94 -17.26 21.07
C SER A 292 25.03 -18.71 20.60
N GLU A 293 24.01 -19.52 20.87
CA GLU A 293 24.03 -20.92 20.42
C GLU A 293 24.27 -21.01 18.92
N GLY A 294 23.82 -20.00 18.16
CA GLY A 294 24.03 -20.02 16.73
C GLY A 294 25.41 -19.53 16.31
N LEU A 295 26.16 -18.95 17.25
CA LEU A 295 27.45 -18.36 16.94
C LEU A 295 28.63 -19.13 17.53
N ARG A 296 28.39 -20.28 18.17
CA ARG A 296 29.49 -21.06 18.70
C ARG A 296 30.37 -21.58 17.56
N GLY A 297 31.68 -21.42 17.72
CA GLY A 297 32.61 -21.87 16.70
C GLY A 297 32.50 -21.12 15.39
N LYS A 298 32.30 -19.81 15.45
CA LYS A 298 32.22 -18.98 14.27
C LYS A 298 33.33 -17.94 14.31
N SER A 299 33.52 -17.27 13.17
CA SER A 299 34.61 -16.32 12.99
C SER A 299 34.05 -14.94 12.69
N VAL A 300 34.60 -13.92 13.34
CA VAL A 300 34.10 -12.55 13.25
C VAL A 300 35.23 -11.63 12.83
N PHE A 301 34.91 -10.68 11.95
CA PHE A 301 35.86 -9.69 11.46
C PHE A 301 35.29 -8.31 11.76
N PHE A 302 36.15 -7.39 12.20
CA PHE A 302 35.72 -6.04 12.56
C PHE A 302 36.42 -5.02 11.67
N LEU A 303 35.63 -4.35 10.82
CA LEU A 303 35.96 -3.21 10.00
C LEU A 303 35.83 -1.92 10.81
N PRO A 304 36.84 -1.05 10.79
CA PRO A 304 36.83 0.11 11.71
C PRO A 304 35.67 1.07 11.47
N ASP A 305 34.69 1.08 12.37
CA ASP A 305 33.58 2.02 12.24
C ASP A 305 33.46 3.00 13.41
N SER A 306 33.36 2.50 14.65
CA SER A 306 32.88 3.31 15.76
C SER A 306 33.58 3.03 17.09
N GLN A 307 34.75 2.39 17.04
CA GLN A 307 35.55 2.01 18.21
C GLN A 307 34.79 1.19 19.24
N LEU A 308 33.61 0.67 18.91
CA LEU A 308 32.95 -0.28 19.79
C LEU A 308 33.54 -1.67 19.66
N GLU A 309 34.46 -1.85 18.71
CA GLU A 309 34.81 -3.16 18.21
C GLU A 309 35.76 -3.95 19.11
N PRO A 310 36.73 -3.35 19.82
CA PRO A 310 37.48 -4.16 20.79
C PRO A 310 36.61 -4.78 21.87
N SER A 311 35.72 -4.00 22.47
CA SER A 311 34.80 -4.55 23.46
C SER A 311 33.85 -5.55 22.82
N LEU A 312 33.41 -5.24 21.60
CA LEU A 312 32.57 -6.18 20.85
C LEU A 312 33.27 -7.52 20.66
N ALA A 313 34.53 -7.48 20.25
CA ALA A 313 35.29 -8.69 20.01
C ALA A 313 35.51 -9.46 21.29
N ARG A 314 35.80 -8.76 22.39
CA ARG A 314 35.92 -9.45 23.68
C ARG A 314 34.64 -10.18 24.03
N PHE A 315 33.50 -9.46 23.96
CA PHE A 315 32.23 -10.05 24.34
C PHE A 315 31.88 -11.25 23.45
N LEU A 316 32.13 -11.11 22.14
CA LEU A 316 31.83 -12.21 21.23
C LEU A 316 32.81 -13.37 21.41
N THR A 317 34.02 -13.07 21.87
CA THR A 317 35.06 -14.11 21.96
C THR A 317 34.85 -14.98 23.19
N ARG A 318 34.60 -14.37 24.35
CA ARG A 318 34.46 -15.18 25.55
C ARG A 318 33.02 -15.55 25.85
N GLU A 319 32.11 -14.57 25.84
CA GLU A 319 30.72 -14.87 26.17
C GLU A 319 30.00 -15.59 25.03
N CYS A 320 30.24 -15.17 23.79
CA CYS A 320 29.52 -15.70 22.64
C CYS A 320 30.25 -16.85 21.95
N GLY A 321 31.55 -17.02 22.22
CA GLY A 321 32.27 -18.14 21.63
C GLY A 321 32.85 -17.90 20.25
N MET A 322 32.81 -16.67 19.76
CA MET A 322 33.42 -16.39 18.46
C MET A 322 34.93 -16.41 18.54
N SER A 323 35.56 -16.39 17.37
CA SER A 323 36.99 -16.19 17.22
C SER A 323 37.22 -15.07 16.24
N ALA A 324 37.93 -14.03 16.67
CA ALA A 324 38.08 -12.80 15.89
C ALA A 324 39.39 -12.87 15.12
N VAL A 325 39.30 -12.79 13.79
CA VAL A 325 40.51 -12.77 12.97
C VAL A 325 41.15 -11.38 12.99
N GLU A 326 40.33 -10.34 13.11
CA GLU A 326 40.86 -8.99 13.20
C GLU A 326 39.84 -8.10 13.91
N VAL A 327 40.35 -7.25 14.78
CA VAL A 327 39.57 -6.20 15.42
C VAL A 327 40.13 -4.86 14.97
N GLY A 328 39.36 -4.14 14.16
CA GLY A 328 39.83 -2.88 13.62
C GLY A 328 39.19 -1.68 14.28
N THR A 329 39.98 -0.69 14.65
CA THR A 329 39.49 0.47 15.37
C THR A 329 40.00 1.75 14.71
N PRO A 330 39.11 2.69 14.36
CA PRO A 330 39.59 3.94 13.74
C PRO A 330 40.55 4.71 14.63
N PHE A 331 40.33 4.72 15.94
CA PHE A 331 41.24 5.34 16.88
C PHE A 331 41.26 4.51 18.15
N LEU A 332 42.33 3.73 18.33
CA LEU A 332 42.45 2.80 19.45
C LEU A 332 43.12 3.52 20.60
N HIS A 333 42.33 4.03 21.54
CA HIS A 333 42.84 4.71 22.72
C HIS A 333 43.19 3.64 23.75
N ARG A 334 44.48 3.28 23.79
CA ARG A 334 44.91 2.15 24.60
C ARG A 334 44.64 2.36 26.09
N GLY A 335 44.86 3.58 26.58
CA GLY A 335 44.80 3.80 28.02
C GLY A 335 43.43 3.53 28.61
N ILE A 336 42.37 3.83 27.84
CA ILE A 336 41.02 3.75 28.38
C ILE A 336 40.38 2.42 28.00
N LEU A 337 40.86 1.81 26.92
CA LEU A 337 40.40 0.50 26.48
C LEU A 337 41.20 -0.63 27.10
N GLY A 338 42.23 -0.32 27.89
CA GLY A 338 43.21 -1.28 28.35
C GLY A 338 42.67 -2.53 29.00
N PRO A 339 41.79 -2.38 29.99
CA PRO A 339 41.20 -3.59 30.60
C PRO A 339 40.47 -4.47 29.60
N ASP A 340 39.88 -3.87 28.57
CA ASP A 340 39.11 -4.64 27.60
C ASP A 340 40.03 -5.45 26.69
N LEU A 341 41.15 -4.86 26.26
CA LEU A 341 42.15 -5.65 25.54
C LEU A 341 42.77 -6.71 26.44
N ASP A 342 42.95 -6.40 27.72
CA ASP A 342 43.47 -7.40 28.65
C ASP A 342 42.53 -8.60 28.73
N LEU A 343 41.23 -8.34 28.79
CA LEU A 343 40.26 -9.44 28.69
C LEU A 343 40.32 -10.09 27.32
N LEU A 344 40.52 -9.29 26.28
CA LEU A 344 40.56 -9.81 24.92
C LEU A 344 41.75 -10.74 24.73
N ALA A 345 41.56 -11.78 23.92
CA ALA A 345 42.61 -12.78 23.71
C ALA A 345 43.74 -12.20 22.85
N GLU A 346 44.88 -12.89 22.90
CA GLU A 346 46.05 -12.44 22.14
C GLU A 346 45.89 -12.76 20.66
N GLY A 347 45.02 -13.71 20.33
CA GLY A 347 44.81 -14.16 18.98
C GLY A 347 44.44 -13.08 17.98
N PRO A 348 43.30 -12.41 18.20
CA PRO A 348 42.85 -11.39 17.25
C PRO A 348 43.88 -10.28 17.08
N VAL A 349 44.03 -9.81 15.83
CA VAL A 349 44.95 -8.72 15.55
C VAL A 349 44.23 -7.39 15.68
N LEU A 350 44.97 -6.36 16.07
CA LEU A 350 44.44 -5.02 16.27
C LEU A 350 44.90 -4.14 15.13
N SER A 351 43.97 -3.44 14.48
CA SER A 351 44.26 -2.58 13.35
C SER A 351 43.94 -1.13 13.68
N GLU A 352 44.89 -0.25 13.42
CA GLU A 352 44.73 1.18 13.61
C GLU A 352 44.70 1.86 12.25
N GLY A 353 43.70 2.71 12.03
CA GLY A 353 43.50 3.32 10.73
C GLY A 353 42.84 2.37 9.76
N GLN A 354 42.41 2.93 8.63
CA GLN A 354 41.70 2.14 7.64
C GLN A 354 42.29 2.35 6.25
N ASP A 355 42.55 1.24 5.56
CA ASP A 355 42.80 1.18 4.13
C ASP A 355 41.74 0.22 3.60
N VAL A 356 40.57 0.76 3.26
CA VAL A 356 39.38 -0.07 3.08
C VAL A 356 39.56 -1.08 1.96
N GLU A 357 40.40 -0.76 0.98
CA GLU A 357 40.70 -1.74 -0.06
C GLU A 357 41.51 -2.90 0.52
N ARG A 358 42.57 -2.59 1.26
CA ARG A 358 43.37 -3.64 1.91
C ARG A 358 42.54 -4.41 2.94
N GLN A 359 41.73 -3.69 3.72
CA GLN A 359 40.92 -4.34 4.74
C GLN A 359 39.89 -5.27 4.10
N LEU A 360 39.28 -4.83 2.99
CA LEU A 360 38.30 -5.66 2.30
C LEU A 360 38.96 -6.85 1.61
N ASP A 361 40.17 -6.68 1.11
CA ASP A 361 40.92 -7.82 0.59
C ASP A 361 41.22 -8.82 1.70
N ARG A 362 41.54 -8.32 2.90
CA ARG A 362 41.74 -9.20 4.04
C ARG A 362 40.46 -9.94 4.40
N VAL A 363 39.31 -9.26 4.29
CA VAL A 363 38.03 -9.92 4.51
C VAL A 363 37.81 -11.02 3.48
N ARG A 364 38.12 -10.74 2.21
CA ARG A 364 38.05 -11.76 1.17
C ARG A 364 38.89 -12.97 1.55
N ALA A 365 40.14 -12.74 1.96
CA ALA A 365 41.06 -13.83 2.23
C ALA A 365 40.62 -14.65 3.44
N ALA A 366 40.14 -13.98 4.49
CA ALA A 366 39.79 -14.69 5.71
C ALA A 366 38.52 -15.51 5.55
N ARG A 367 37.56 -15.00 4.77
CA ARG A 367 36.23 -15.60 4.62
C ARG A 367 35.58 -15.78 6.00
N PRO A 368 35.40 -14.71 6.78
CA PRO A 368 34.83 -14.87 8.11
C PRO A 368 33.36 -15.24 8.05
N ASP A 369 32.89 -15.91 9.12
CA ASP A 369 31.47 -16.25 9.19
C ASP A 369 30.62 -15.00 9.29
N LEU A 370 31.02 -14.03 10.10
CA LEU A 370 30.32 -12.78 10.27
C LEU A 370 31.32 -11.64 10.21
N THR A 371 30.97 -10.59 9.47
CA THR A 371 31.81 -9.41 9.34
C THR A 371 31.06 -8.19 9.84
N VAL A 372 31.54 -7.63 10.95
CA VAL A 372 30.95 -6.42 11.51
C VAL A 372 31.58 -5.23 10.80
N CYS A 373 30.85 -4.64 9.86
CA CYS A 373 31.38 -3.62 8.97
C CYS A 373 30.39 -2.48 8.85
N GLY A 374 30.80 -1.43 8.14
CA GLY A 374 29.96 -0.27 7.96
C GLY A 374 28.81 -0.53 7.02
N LEU A 375 27.85 0.40 7.04
CA LEU A 375 26.65 0.24 6.22
C LEU A 375 26.97 0.41 4.74
N GLY A 376 28.01 1.18 4.41
CA GLY A 376 28.38 1.36 3.02
C GLY A 376 28.87 0.09 2.37
N LEU A 377 29.60 -0.72 3.11
CA LEU A 377 30.12 -1.99 2.63
C LEU A 377 29.22 -3.17 2.97
N ALA A 378 28.12 -2.92 3.69
CA ALA A 378 27.35 -4.02 4.25
C ALA A 378 26.73 -4.88 3.16
N ASN A 379 26.00 -4.26 2.23
CA ASN A 379 25.41 -5.01 1.13
C ASN A 379 26.44 -5.63 0.19
N PRO A 380 27.49 -4.93 -0.26
CA PRO A 380 28.47 -5.59 -1.14
C PRO A 380 29.11 -6.83 -0.53
N LEU A 381 29.38 -6.80 0.77
CA LEU A 381 29.97 -7.97 1.43
C LEU A 381 29.04 -9.17 1.33
N GLU A 382 27.74 -8.97 1.54
CA GLU A 382 26.79 -10.07 1.39
C GLU A 382 26.67 -10.52 -0.05
N ALA A 383 26.68 -9.57 -0.99
CA ALA A 383 26.63 -9.95 -2.40
C ALA A 383 27.83 -10.79 -2.77
N GLU A 384 28.98 -10.56 -2.13
CA GLU A 384 30.17 -11.35 -2.36
C GLU A 384 30.11 -12.72 -1.69
N GLY A 385 29.27 -12.90 -0.68
CA GLY A 385 29.14 -14.16 0.00
C GLY A 385 29.45 -14.16 1.48
N PHE A 386 29.62 -12.99 2.09
CA PHE A 386 29.97 -12.87 3.50
C PHE A 386 28.80 -12.31 4.29
N THR A 387 28.48 -12.94 5.42
CA THR A 387 27.48 -12.39 6.31
C THR A 387 27.99 -11.09 6.92
N THR A 388 27.10 -10.13 7.13
CA THR A 388 27.48 -8.81 7.58
C THR A 388 26.58 -8.33 8.70
N LYS A 389 27.19 -7.82 9.76
CA LYS A 389 26.51 -7.04 10.79
C LYS A 389 27.08 -5.62 10.76
N TRP A 390 26.23 -4.65 11.07
CA TRP A 390 26.62 -3.24 10.97
C TRP A 390 26.50 -2.58 12.35
N ALA A 391 27.57 -1.90 12.76
CA ALA A 391 27.63 -1.32 14.10
C ALA A 391 26.89 0.01 14.20
N ILE A 392 26.46 0.56 13.06
CA ILE A 392 25.61 1.75 13.09
C ILE A 392 24.36 1.46 13.92
N GLU A 393 23.78 0.27 13.74
CA GLU A 393 22.68 -0.16 14.58
C GLU A 393 23.10 -0.27 16.03
N LEU A 394 24.35 -0.67 16.27
CA LEU A 394 24.83 -0.86 17.63
C LEU A 394 24.92 0.45 18.39
N VAL A 395 25.34 1.52 17.72
CA VAL A 395 25.36 2.84 18.36
C VAL A 395 23.94 3.29 18.67
N PHE A 396 22.96 2.78 17.94
CA PHE A 396 21.56 3.14 18.16
C PHE A 396 20.90 2.27 19.21
N THR A 397 20.90 0.95 18.98
CA THR A 397 20.16 0.00 19.81
C THR A 397 20.70 -0.08 21.23
N PRO A 398 19.84 -0.27 22.22
CA PRO A 398 20.31 -0.46 23.61
C PRO A 398 20.97 -1.82 23.77
N VAL A 399 22.28 -1.82 24.00
CA VAL A 399 23.05 -3.06 24.04
C VAL A 399 23.99 -3.11 25.24
N HIS A 400 23.78 -2.23 26.22
CA HIS A 400 24.76 -2.16 27.34
C HIS A 400 24.24 -2.86 28.60
N PHE A 401 25.16 -3.17 29.53
CA PHE A 401 24.77 -3.74 30.85
C PHE A 401 24.23 -5.17 30.76
N TYR A 402 23.43 -5.58 31.75
CA TYR A 402 22.98 -7.00 31.83
C TYR A 402 21.76 -7.30 30.98
N GLU A 403 20.67 -6.56 31.13
CA GLU A 403 19.46 -6.96 30.43
C GLU A 403 19.65 -7.00 28.91
N GLN A 404 20.23 -5.94 28.33
CA GLN A 404 20.40 -5.93 26.88
C GLN A 404 21.55 -6.82 26.42
N ALA A 405 22.11 -7.64 27.30
CA ALA A 405 23.16 -8.56 26.85
C ALA A 405 22.61 -9.55 25.84
N GLY A 406 21.40 -10.05 26.07
CA GLY A 406 20.78 -10.93 25.10
C GLY A 406 20.49 -10.25 23.78
N ASP A 407 20.04 -8.99 23.83
CA ASP A 407 19.81 -8.24 22.59
C ASP A 407 21.12 -8.02 21.85
N LEU A 408 22.20 -7.71 22.58
CA LEU A 408 23.50 -7.53 21.95
C LEU A 408 23.96 -8.80 21.26
N ALA A 409 23.82 -9.94 21.93
CA ALA A 409 24.22 -11.21 21.32
C ALA A 409 23.33 -11.54 20.12
N GLY A 410 22.02 -11.30 20.24
CA GLY A 410 21.11 -11.64 19.15
C GLY A 410 21.27 -10.75 17.94
N LEU A 411 21.77 -9.52 18.15
CA LEU A 411 22.00 -8.63 17.02
C LEU A 411 23.05 -9.21 16.07
N PHE A 412 24.08 -9.83 16.63
CA PHE A 412 25.04 -10.57 15.80
C PHE A 412 24.50 -11.93 15.38
N SER A 413 23.66 -12.54 16.21
CA SER A 413 23.14 -13.87 15.91
C SER A 413 22.25 -13.86 14.68
N ARG A 414 21.42 -12.83 14.53
CA ARG A 414 20.39 -12.77 13.50
C ARG A 414 20.93 -12.90 12.08
N PRO A 415 22.03 -12.21 11.70
CA PRO A 415 22.54 -12.38 10.33
C PRO A 415 22.93 -13.82 9.99
N VAL A 416 23.58 -14.50 10.93
CA VAL A 416 24.00 -15.88 10.70
C VAL A 416 22.78 -16.79 10.57
N ARG A 417 21.78 -16.55 11.43
CA ARG A 417 20.53 -17.31 11.35
C ARG A 417 19.85 -17.09 10.01
N ARG A 418 19.85 -15.85 9.52
CA ARG A 418 19.22 -15.56 8.25
C ARG A 418 19.97 -16.22 7.10
N ARG A 419 21.31 -16.23 7.16
CA ARG A 419 22.06 -16.92 6.13
C ARG A 419 21.74 -18.41 6.13
N ALA A 420 21.66 -19.02 7.33
CA ALA A 420 21.34 -20.44 7.41
C ALA A 420 19.94 -20.73 6.88
N ILE A 421 18.97 -19.87 7.21
CA ILE A 421 17.60 -20.07 6.78
C ILE A 421 17.46 -19.91 5.26
N LEU A 422 18.04 -18.84 4.71
CA LEU A 422 17.82 -18.51 3.32
C LEU A 422 18.45 -19.53 2.38
N ARG A 423 19.65 -19.99 2.71
CA ARG A 423 20.30 -21.03 1.92
C ARG A 423 21.03 -22.02 2.84
N MET B 1 22.72 31.97 4.05
CA MET B 1 23.04 31.06 5.16
C MET B 1 21.73 30.54 5.76
N LYS B 2 20.71 30.42 4.91
CA LYS B 2 19.40 29.97 5.39
C LYS B 2 19.50 28.56 5.97
N LEU B 3 18.90 28.37 7.15
CA LEU B 3 18.94 27.07 7.79
C LEU B 3 18.17 26.05 6.95
N THR B 4 18.83 24.92 6.69
CA THR B 4 18.28 23.87 5.84
C THR B 4 18.18 22.57 6.64
N LEU B 5 16.98 22.00 6.69
CA LEU B 5 16.74 20.71 7.31
C LEU B 5 16.53 19.60 6.28
N TRP B 6 15.84 19.91 5.18
CA TRP B 6 15.56 18.95 4.13
C TRP B 6 15.91 19.56 2.79
N THR B 7 16.70 18.84 1.99
CA THR B 7 17.08 19.26 0.66
C THR B 7 16.46 18.31 -0.34
N TYR B 8 15.79 18.86 -1.36
CA TYR B 8 15.16 18.02 -2.36
C TYR B 8 16.20 17.31 -3.22
N GLU B 9 17.33 17.98 -3.49
CA GLU B 9 18.44 17.38 -4.21
C GLU B 9 19.70 17.47 -3.36
N GLY B 10 20.65 16.61 -3.67
CA GLY B 10 21.94 16.63 -3.00
C GLY B 10 22.93 17.52 -3.72
N PRO B 11 24.19 17.47 -3.30
CA PRO B 11 25.23 18.20 -4.03
C PRO B 11 25.46 17.57 -5.39
N PRO B 12 26.03 18.33 -6.34
CA PRO B 12 26.25 17.77 -7.69
C PRO B 12 27.08 16.51 -7.73
N HIS B 13 28.01 16.33 -6.79
CA HIS B 13 28.82 15.12 -6.80
C HIS B 13 27.98 13.87 -6.55
N VAL B 14 26.85 14.01 -5.85
CA VAL B 14 25.92 12.89 -5.76
C VAL B 14 25.37 12.55 -7.13
N GLY B 15 25.04 13.57 -7.93
CA GLY B 15 24.61 13.32 -9.30
C GLY B 15 25.70 12.67 -10.13
N ALA B 16 26.95 13.11 -9.96
CA ALA B 16 28.06 12.46 -10.65
C ALA B 16 28.16 11.01 -10.25
N MET B 17 27.91 10.71 -8.98
CA MET B 17 27.84 9.33 -8.52
C MET B 17 26.72 8.59 -9.22
N ARG B 18 25.55 9.22 -9.39
CA ARG B 18 24.41 8.56 -10.01
C ARG B 18 24.66 8.23 -11.47
N VAL B 19 25.62 8.88 -12.13
CA VAL B 19 26.02 8.54 -13.49
C VAL B 19 27.07 7.43 -13.49
N ALA B 20 28.14 7.61 -12.72
CA ALA B 20 29.22 6.63 -12.67
C ALA B 20 28.74 5.30 -12.15
N THR B 21 27.87 5.31 -11.14
CA THR B 21 27.36 4.06 -10.58
C THR B 21 26.55 3.30 -11.62
N GLY B 22 25.76 3.99 -12.42
CA GLY B 22 24.99 3.31 -13.47
C GLY B 22 25.87 2.65 -14.50
N MET B 23 26.82 3.41 -15.06
CA MET B 23 27.70 2.87 -16.08
C MET B 23 28.59 1.77 -15.51
N THR B 24 28.89 0.79 -16.35
CA THR B 24 29.79 -0.31 -16.01
C THR B 24 31.17 -0.02 -16.60
N GLY B 25 32.20 -0.21 -15.78
CA GLY B 25 33.55 0.06 -16.21
C GLY B 25 33.98 1.51 -16.09
N MET B 26 33.15 2.37 -15.53
CA MET B 26 33.51 3.76 -15.31
C MET B 26 33.56 3.99 -13.81
N HIS B 27 34.77 4.00 -13.27
CA HIS B 27 35.05 4.33 -11.88
C HIS B 27 35.45 5.79 -11.85
N TYR B 28 35.10 6.52 -10.80
CA TYR B 28 35.68 7.85 -10.67
C TYR B 28 36.21 8.09 -9.27
N VAL B 29 37.41 8.65 -9.20
CA VAL B 29 37.96 9.18 -7.97
C VAL B 29 37.34 10.56 -7.77
N LEU B 30 37.22 10.99 -6.52
CA LEU B 30 36.56 12.24 -6.19
C LEU B 30 37.19 12.82 -4.94
N HIS B 31 37.80 14.00 -5.07
CA HIS B 31 38.45 14.70 -3.97
C HIS B 31 37.41 15.04 -2.91
N ALA B 32 37.46 14.35 -1.77
CA ALA B 32 36.49 14.56 -0.71
C ALA B 32 37.16 14.47 0.64
N PRO B 33 36.65 15.17 1.65
CA PRO B 33 37.14 14.95 3.02
C PRO B 33 36.77 13.56 3.49
N GLN B 34 37.58 13.03 4.40
CA GLN B 34 37.29 11.73 4.98
C GLN B 34 35.95 11.78 5.71
N GLY B 35 34.94 11.12 5.15
CA GLY B 35 33.62 11.17 5.73
C GLY B 35 32.51 11.39 4.72
N ASP B 36 32.88 11.70 3.48
CA ASP B 36 31.92 11.80 2.39
C ASP B 36 31.54 10.43 1.84
N THR B 37 32.03 9.36 2.47
CA THR B 37 31.69 7.99 2.11
C THR B 37 30.20 7.71 2.25
N TYR B 38 29.49 8.55 3.00
CA TYR B 38 28.07 8.33 3.25
C TYR B 38 27.28 8.16 1.96
N ALA B 39 27.75 8.79 0.88
CA ALA B 39 26.97 8.89 -0.35
C ALA B 39 26.95 7.57 -1.12
N ASP B 40 27.95 6.72 -0.91
CA ASP B 40 27.96 5.42 -1.60
C ASP B 40 26.90 4.49 -1.05
N LEU B 41 26.65 4.53 0.26
CA LEU B 41 25.64 3.64 0.79
C LEU B 41 24.24 4.04 0.38
N LEU B 42 24.05 5.24 -0.18
CA LEU B 42 22.79 5.54 -0.85
C LEU B 42 22.48 4.50 -1.92
N PHE B 43 23.43 4.26 -2.81
CA PHE B 43 23.27 3.21 -3.82
C PHE B 43 23.29 1.83 -3.19
N THR B 44 24.15 1.65 -2.18
CA THR B 44 24.28 0.33 -1.54
C THR B 44 22.98 -0.15 -0.91
N MET B 45 22.21 0.75 -0.29
CA MET B 45 21.04 0.36 0.49
C MET B 45 19.73 0.82 -0.14
N ILE B 46 19.62 2.09 -0.53
CA ILE B 46 18.38 2.59 -1.13
C ILE B 46 18.08 1.84 -2.42
N GLU B 47 19.08 1.70 -3.28
CA GLU B 47 18.95 0.97 -4.53
C GLU B 47 19.18 -0.54 -4.36
N ARG B 48 19.69 -0.96 -3.20
CA ARG B 48 20.02 -2.36 -2.93
C ARG B 48 20.94 -2.92 -4.02
N ARG B 49 22.08 -2.24 -4.20
CA ARG B 49 23.04 -2.60 -5.22
C ARG B 49 24.14 -3.45 -4.59
N GLY B 50 24.33 -4.66 -5.13
CA GLY B 50 25.38 -5.53 -4.62
C GLY B 50 26.77 -4.99 -4.89
N LYS B 51 26.99 -4.46 -6.09
CA LYS B 51 28.29 -3.89 -6.42
C LYS B 51 28.55 -2.64 -5.59
N ARG B 52 29.76 -2.53 -5.06
CA ARG B 52 30.19 -1.28 -4.45
C ARG B 52 30.14 -0.18 -5.49
N PRO B 53 29.66 1.02 -5.13
CA PRO B 53 29.67 2.13 -6.09
C PRO B 53 31.07 2.40 -6.59
N PRO B 54 31.23 2.55 -7.90
CA PRO B 54 32.57 2.74 -8.50
C PRO B 54 33.15 4.11 -8.17
N VAL B 55 33.48 4.34 -6.90
CA VAL B 55 33.94 5.64 -6.44
C VAL B 55 35.14 5.43 -5.54
N SER B 56 36.18 6.26 -5.73
CA SER B 56 37.41 6.18 -4.95
C SER B 56 37.68 7.55 -4.33
N TYR B 57 37.25 7.73 -3.08
CA TYR B 57 37.51 8.98 -2.38
C TYR B 57 38.99 9.10 -2.05
N THR B 58 39.46 10.35 -1.99
CA THR B 58 40.79 10.62 -1.46
C THR B 58 40.83 10.60 0.06
N THR B 59 39.74 11.04 0.71
CA THR B 59 39.61 11.04 2.17
C THR B 59 40.78 11.77 2.82
N PHE B 60 40.89 13.07 2.52
CA PHE B 60 41.93 13.88 3.14
C PHE B 60 41.45 14.36 4.51
N GLN B 61 42.40 14.60 5.41
CA GLN B 61 42.08 15.10 6.74
C GLN B 61 42.89 16.34 7.05
N ALA B 62 42.83 16.81 8.31
CA ALA B 62 43.59 17.98 8.71
C ALA B 62 45.09 17.77 8.58
N ARG B 63 45.55 16.53 8.69
CA ARG B 63 46.96 16.20 8.53
C ARG B 63 47.38 16.10 7.07
N ASP B 64 46.42 16.15 6.13
CA ASP B 64 46.72 16.10 4.71
C ASP B 64 46.16 17.28 3.93
N LEU B 65 45.54 18.24 4.60
CA LEU B 65 44.88 19.36 3.91
C LEU B 65 45.86 20.47 3.53
N GLY B 66 46.98 20.58 4.23
CA GLY B 66 47.94 21.63 3.95
C GLY B 66 48.52 21.57 2.55
N SER B 67 49.28 20.51 2.26
CA SER B 67 49.88 20.33 0.95
C SER B 67 49.76 18.91 0.39
N ASP B 68 49.32 17.93 1.17
CA ASP B 68 49.29 16.55 0.72
C ASP B 68 48.02 16.20 -0.05
N THR B 69 47.14 17.17 -0.31
CA THR B 69 45.90 16.89 -1.03
C THR B 69 46.18 16.41 -2.45
N ALA B 70 47.10 17.08 -3.14
CA ALA B 70 47.45 16.68 -4.50
C ALA B 70 48.09 15.30 -4.52
N GLU B 71 48.96 15.02 -3.55
CA GLU B 71 49.57 13.70 -3.46
C GLU B 71 48.53 12.63 -3.21
N LEU B 72 47.56 12.90 -2.33
CA LEU B 72 46.50 11.94 -2.05
C LEU B 72 45.66 11.69 -3.30
N PHE B 73 45.34 12.75 -4.05
CA PHE B 73 44.59 12.57 -5.29
C PHE B 73 45.37 11.77 -6.32
N GLN B 74 46.67 12.05 -6.44
CA GLN B 74 47.49 11.29 -7.38
C GLN B 74 47.52 9.81 -7.01
N SER B 75 47.70 9.51 -5.72
CA SER B 75 47.69 8.13 -5.26
C SER B 75 46.34 7.48 -5.50
N ALA B 76 45.25 8.23 -5.28
CA ALA B 76 43.92 7.69 -5.51
C ALA B 76 43.70 7.32 -6.96
N CYS B 77 44.09 8.21 -7.89
CA CYS B 77 43.95 7.89 -9.31
C CYS B 77 44.82 6.69 -9.70
N ARG B 78 46.08 6.68 -9.22
CA ARG B 78 46.97 5.56 -9.53
C ARG B 78 46.37 4.24 -9.08
N ASP B 79 45.95 4.17 -7.81
CA ASP B 79 45.39 2.92 -7.29
C ASP B 79 44.09 2.56 -7.99
N ALA B 80 43.26 3.56 -8.30
CA ALA B 80 41.99 3.30 -8.97
C ALA B 80 42.22 2.58 -10.29
N TYR B 81 43.11 3.11 -11.13
CA TYR B 81 43.43 2.38 -12.36
C TYR B 81 44.08 1.04 -12.02
N GLU B 82 45.03 1.01 -11.09
CA GLU B 82 45.86 -0.18 -10.89
C GLU B 82 45.02 -1.38 -10.51
N ARG B 83 44.04 -1.20 -9.64
CA ARG B 83 43.28 -2.33 -9.12
C ARG B 83 41.82 -2.37 -9.56
N PHE B 84 41.16 -1.22 -9.71
CA PHE B 84 39.76 -1.23 -10.12
C PHE B 84 39.62 -1.53 -11.60
N GLN B 85 40.68 -1.29 -12.38
CA GLN B 85 40.69 -1.52 -13.81
C GLN B 85 39.48 -0.93 -14.54
N PRO B 86 39.27 0.39 -14.45
CA PRO B 86 38.13 1.00 -15.14
C PRO B 86 38.40 1.15 -16.62
N GLN B 87 37.33 1.05 -17.42
CA GLN B 87 37.48 1.29 -18.86
C GLN B 87 37.66 2.76 -19.16
N ALA B 88 37.12 3.63 -18.30
CA ALA B 88 37.33 5.07 -18.39
C ALA B 88 37.22 5.66 -16.99
N ILE B 89 37.81 6.85 -16.84
CA ILE B 89 37.87 7.52 -15.56
C ILE B 89 37.25 8.91 -15.70
N MET B 90 36.46 9.29 -14.71
CA MET B 90 35.89 10.63 -14.63
C MET B 90 36.29 11.24 -13.29
N VAL B 91 36.49 12.56 -13.28
CA VAL B 91 37.22 13.21 -12.19
C VAL B 91 36.47 14.46 -11.74
N GLY B 92 36.34 14.63 -10.42
CA GLY B 92 35.65 15.77 -9.87
C GLY B 92 36.14 16.09 -8.47
N SER B 93 35.51 17.11 -7.87
CA SER B 93 35.84 17.57 -6.53
C SER B 93 34.56 17.68 -5.71
N SER B 94 34.67 17.46 -4.41
CA SER B 94 33.56 17.75 -3.51
C SER B 94 33.59 19.24 -3.13
N CYS B 95 32.59 19.65 -2.35
CA CYS B 95 32.50 21.05 -1.95
C CYS B 95 33.71 21.47 -1.11
N THR B 96 34.10 20.61 -0.15
CA THR B 96 35.27 20.92 0.66
C THR B 96 36.53 20.98 -0.21
N ALA B 97 36.68 20.04 -1.14
CA ALA B 97 37.78 20.09 -2.08
C ALA B 97 37.63 21.22 -3.09
N GLU B 98 36.41 21.67 -3.36
CA GLU B 98 36.23 22.88 -4.17
C GLU B 98 36.81 24.09 -3.46
N LEU B 99 36.61 24.17 -2.15
CA LEU B 99 37.18 25.27 -1.37
C LEU B 99 38.71 25.15 -1.31
N ILE B 100 39.22 23.96 -1.03
CA ILE B 100 40.65 23.75 -0.96
C ILE B 100 41.26 23.94 -2.34
N GLN B 101 42.42 24.60 -2.40
CA GLN B 101 43.04 24.93 -3.67
C GLN B 101 43.64 23.68 -4.32
N ASP B 102 42.81 22.92 -5.02
CA ASP B 102 43.25 21.71 -5.71
C ASP B 102 42.91 21.82 -7.20
N ASP B 103 43.57 21.00 -8.01
CA ASP B 103 43.33 20.97 -9.45
C ASP B 103 43.15 19.51 -9.84
N THR B 104 41.90 19.10 -10.02
CA THR B 104 41.61 17.72 -10.42
C THR B 104 42.15 17.42 -11.80
N GLY B 105 42.05 18.37 -12.73
CA GLY B 105 42.48 18.12 -14.09
C GLY B 105 43.97 17.92 -14.23
N GLY B 106 44.75 18.76 -13.55
CA GLY B 106 46.20 18.71 -13.74
C GLY B 106 46.80 17.38 -13.29
N LEU B 107 46.38 16.89 -12.13
CA LEU B 107 46.92 15.64 -11.62
C LEU B 107 46.54 14.45 -12.51
N ALA B 108 45.27 14.38 -12.90
CA ALA B 108 44.83 13.29 -13.76
C ALA B 108 45.53 13.32 -15.11
N ASP B 109 45.73 14.52 -15.66
CA ASP B 109 46.45 14.63 -16.93
C ASP B 109 47.91 14.24 -16.77
N ALA B 110 48.54 14.63 -15.65
CA ALA B 110 49.95 14.31 -15.44
C ALA B 110 50.16 12.81 -15.24
N LEU B 111 49.18 12.12 -14.65
CA LEU B 111 49.31 10.67 -14.50
C LEU B 111 49.32 9.97 -15.85
N SER B 112 48.70 10.58 -16.86
CA SER B 112 48.71 10.05 -18.22
C SER B 112 48.21 8.60 -18.27
N LEU B 113 47.09 8.34 -17.60
CA LEU B 113 46.51 7.01 -17.62
C LEU B 113 46.03 6.67 -19.03
N PRO B 114 46.34 5.48 -19.54
CA PRO B 114 45.89 5.13 -20.90
C PRO B 114 44.38 5.13 -21.07
N VAL B 115 43.62 4.79 -20.03
CA VAL B 115 42.17 4.85 -20.18
C VAL B 115 41.74 6.31 -20.25
N PRO B 116 40.71 6.65 -21.03
CA PRO B 116 40.30 8.06 -21.13
C PRO B 116 39.83 8.60 -19.79
N VAL B 117 40.16 9.87 -19.54
CA VAL B 117 39.83 10.53 -18.28
C VAL B 117 39.04 11.79 -18.61
N VAL B 118 37.86 11.93 -18.01
CA VAL B 118 37.00 13.09 -18.24
C VAL B 118 37.07 13.95 -16.99
N HIS B 119 37.03 15.26 -17.18
CA HIS B 119 37.26 16.21 -16.10
C HIS B 119 35.98 17.01 -15.88
N LEU B 120 35.53 17.07 -14.62
CA LEU B 120 34.25 17.67 -14.29
C LEU B 120 34.48 18.96 -13.51
N GLU B 121 33.86 20.04 -13.96
CA GLU B 121 33.84 21.31 -13.25
C GLU B 121 32.41 21.61 -12.85
N LEU B 122 32.04 21.30 -11.61
CA LEU B 122 30.70 21.51 -11.11
C LEU B 122 30.71 22.55 -10.00
N PRO B 123 29.97 23.65 -10.15
CA PRO B 123 29.83 24.61 -9.04
C PRO B 123 28.98 23.99 -7.94
N SER B 124 29.63 23.61 -6.85
CA SER B 124 28.96 22.86 -5.79
C SER B 124 27.88 23.70 -5.11
N TYR B 125 28.23 24.92 -4.71
CA TYR B 125 27.29 25.74 -3.95
C TYR B 125 26.23 26.36 -4.84
N GLN B 126 26.61 26.72 -6.07
CA GLN B 126 25.64 27.32 -6.99
C GLN B 126 24.63 26.30 -7.48
N ARG B 127 25.10 25.14 -7.93
CA ARG B 127 24.27 24.15 -8.61
C ARG B 127 23.85 23.04 -7.65
N LYS B 128 23.20 22.01 -8.19
CA LYS B 128 22.56 20.99 -7.38
C LYS B 128 22.84 19.62 -7.99
N GLU B 129 22.13 18.60 -7.49
CA GLU B 129 22.47 17.22 -7.84
C GLU B 129 22.12 16.91 -9.30
N ASN B 130 20.95 17.34 -9.76
CA ASN B 130 20.54 17.04 -11.13
C ASN B 130 21.49 17.69 -12.12
N PHE B 131 21.97 18.89 -11.81
CA PHE B 131 23.00 19.50 -12.64
C PHE B 131 24.25 18.64 -12.66
N GLY B 132 24.64 18.10 -11.51
CA GLY B 132 25.80 17.23 -11.47
C GLY B 132 25.65 16.04 -12.38
N ALA B 133 24.51 15.36 -12.31
CA ALA B 133 24.29 14.19 -13.16
C ALA B 133 24.25 14.57 -14.64
N ASP B 134 23.53 15.65 -14.97
CA ASP B 134 23.40 16.06 -16.37
C ASP B 134 24.76 16.46 -16.94
N GLU B 135 25.51 17.28 -16.20
CA GLU B 135 26.82 17.70 -16.67
C GLU B 135 27.80 16.53 -16.76
N SER B 136 27.75 15.61 -15.80
CA SER B 136 28.63 14.46 -15.86
C SER B 136 28.36 13.63 -17.08
N PHE B 137 27.08 13.33 -17.35
CA PHE B 137 26.74 12.56 -18.54
C PHE B 137 27.14 13.32 -19.81
N LEU B 138 26.96 14.64 -19.81
CA LEU B 138 27.36 15.45 -20.96
C LEU B 138 28.85 15.31 -21.23
N GLN B 139 29.69 15.50 -20.20
CA GLN B 139 31.14 15.44 -20.41
C GLN B 139 31.58 14.04 -20.79
N ILE B 140 30.95 13.01 -20.24
CA ILE B 140 31.26 11.65 -20.68
C ILE B 140 30.96 11.49 -22.16
N CYS B 141 29.82 12.03 -22.61
CA CYS B 141 29.48 11.95 -24.03
C CYS B 141 30.50 12.69 -24.89
N ARG B 142 30.87 13.91 -24.50
CA ARG B 142 31.83 14.67 -25.29
C ARG B 142 33.20 13.99 -25.33
N LYS B 143 33.59 13.32 -24.24
CA LYS B 143 34.88 12.66 -24.22
C LYS B 143 34.87 11.39 -25.04
N LEU B 144 33.77 10.62 -24.99
CA LEU B 144 33.75 9.30 -25.60
C LEU B 144 32.96 9.25 -26.91
N ALA B 145 31.73 9.78 -26.90
CA ALA B 145 30.87 9.72 -28.10
C ALA B 145 31.44 10.63 -29.20
N ARG B 146 31.65 10.09 -30.40
CA ARG B 146 32.12 10.92 -31.53
C ARG B 146 31.25 10.60 -32.75
N PRO B 147 30.96 11.57 -33.65
CA PRO B 147 30.21 11.28 -34.87
C PRO B 147 30.65 9.92 -35.47
N MET B 148 29.75 8.92 -35.64
CA MET B 148 30.11 7.55 -36.12
C MET B 148 29.20 7.08 -37.27
N GLU B 149 29.29 5.81 -37.74
CA GLU B 149 28.38 5.48 -38.83
C GLU B 149 27.10 4.87 -38.28
N ARG B 150 25.98 5.14 -38.95
CA ARG B 150 24.68 4.70 -38.47
C ARG B 150 24.55 3.18 -38.60
N THR B 151 23.67 2.61 -37.79
CA THR B 151 23.42 1.17 -37.83
C THR B 151 22.56 0.82 -39.04
N GLU B 152 22.53 -0.47 -39.36
CA GLU B 152 21.70 -0.94 -40.47
C GLU B 152 20.22 -0.83 -40.11
N LYS B 153 19.80 -1.52 -39.06
CA LYS B 153 18.45 -1.36 -38.55
C LYS B 153 18.32 -0.02 -37.83
N VAL B 154 17.08 0.45 -37.71
CA VAL B 154 16.84 1.71 -37.03
C VAL B 154 17.09 1.54 -35.54
N SER B 155 17.98 2.38 -35.00
CA SER B 155 18.43 2.28 -33.62
C SER B 155 18.13 3.57 -32.89
N CYS B 156 17.83 3.47 -31.60
CA CYS B 156 17.56 4.62 -30.75
C CYS B 156 18.36 4.48 -29.46
N ASN B 157 18.58 5.59 -28.78
CA ASN B 157 19.29 5.62 -27.51
C ASN B 157 18.36 6.16 -26.43
N LEU B 158 18.23 5.43 -25.32
CA LEU B 158 17.47 5.89 -24.17
C LEU B 158 18.39 6.73 -23.29
N LEU B 159 18.28 8.05 -23.41
CA LEU B 159 19.15 8.98 -22.71
C LEU B 159 18.43 9.51 -21.48
N GLY B 160 19.14 9.53 -20.34
CA GLY B 160 18.56 10.03 -19.12
C GLY B 160 18.58 9.09 -17.92
N PRO B 161 18.30 7.80 -18.10
CA PRO B 161 18.22 6.91 -16.94
C PRO B 161 19.56 6.76 -16.23
N THR B 162 19.59 7.19 -14.97
CA THR B 162 20.77 7.07 -14.13
C THR B 162 20.42 6.30 -12.87
N ALA B 163 21.44 6.01 -12.07
CA ALA B 163 21.22 5.32 -10.81
C ALA B 163 20.55 6.25 -9.80
N LEU B 164 19.95 5.64 -8.78
CA LEU B 164 19.21 6.37 -7.75
C LEU B 164 18.12 7.23 -8.36
N GLY B 165 17.47 6.69 -9.40
CA GLY B 165 16.41 7.39 -10.08
C GLY B 165 15.08 6.70 -9.85
N PHE B 166 14.02 7.50 -9.89
CA PHE B 166 12.68 7.00 -9.63
C PHE B 166 12.25 6.06 -10.75
N ARG B 167 12.21 4.76 -10.46
CA ARG B 167 11.66 3.74 -11.35
C ARG B 167 12.40 3.64 -12.67
N HIS B 168 13.66 4.07 -12.73
CA HIS B 168 14.35 4.14 -14.01
C HIS B 168 14.49 2.77 -14.66
N ARG B 169 14.69 1.73 -13.86
CA ARG B 169 14.87 0.37 -14.39
C ARG B 169 13.62 -0.11 -15.13
N ASP B 170 12.48 -0.05 -14.47
CA ASP B 170 11.25 -0.57 -15.06
C ASP B 170 10.82 0.28 -16.26
N ASP B 171 11.09 1.58 -16.20
CA ASP B 171 10.81 2.43 -17.35
C ASP B 171 11.71 2.09 -18.53
N ILE B 172 12.98 1.78 -18.28
CA ILE B 172 13.85 1.31 -19.35
C ILE B 172 13.25 0.08 -20.00
N LEU B 173 12.83 -0.89 -19.17
CA LEU B 173 12.25 -2.11 -19.71
C LEU B 173 10.99 -1.83 -20.52
N GLU B 174 10.12 -0.94 -20.02
CA GLU B 174 8.85 -0.68 -20.69
C GLU B 174 9.05 0.06 -22.02
N VAL B 175 9.92 1.07 -22.02
CA VAL B 175 10.19 1.79 -23.26
C VAL B 175 10.88 0.87 -24.26
N THR B 176 11.73 -0.04 -23.78
CA THR B 176 12.35 -1.01 -24.66
C THR B 176 11.31 -1.93 -25.27
N ARG B 177 10.32 -2.35 -24.49
CA ARG B 177 9.24 -3.17 -25.03
C ARG B 177 8.45 -2.42 -26.10
N LEU B 178 8.11 -1.15 -25.82
CA LEU B 178 7.37 -0.37 -26.81
C LEU B 178 8.17 -0.24 -28.10
N LEU B 179 9.47 0.03 -27.98
CA LEU B 179 10.31 0.24 -29.15
C LEU B 179 10.50 -1.07 -29.93
N GLU B 180 10.62 -2.19 -29.22
CA GLU B 180 10.70 -3.48 -29.89
C GLU B 180 9.41 -3.78 -30.64
N GLY B 181 8.26 -3.47 -30.05
CA GLY B 181 7.01 -3.60 -30.77
C GLY B 181 6.96 -2.72 -32.00
N MET B 182 7.49 -1.50 -31.89
CA MET B 182 7.58 -0.61 -33.05
C MET B 182 8.47 -1.20 -34.12
N GLY B 183 9.41 -2.07 -33.76
CA GLY B 183 10.44 -2.52 -34.66
C GLY B 183 11.77 -1.83 -34.46
N ILE B 184 11.86 -0.91 -33.49
CA ILE B 184 13.10 -0.17 -33.24
C ILE B 184 13.90 -0.89 -32.17
N ALA B 185 15.18 -1.11 -32.45
CA ALA B 185 16.10 -1.76 -31.52
C ALA B 185 16.86 -0.69 -30.76
N VAL B 186 16.97 -0.86 -29.45
CA VAL B 186 17.68 0.10 -28.61
C VAL B 186 19.18 -0.11 -28.80
N ASN B 187 19.86 0.91 -29.32
CA ASN B 187 21.30 0.80 -29.53
C ASN B 187 22.04 0.83 -28.19
N ALA B 188 21.67 1.76 -27.31
CA ALA B 188 22.33 1.88 -26.02
C ALA B 188 21.40 2.58 -25.05
N VAL B 189 21.46 2.16 -23.79
CA VAL B 189 20.79 2.83 -22.69
C VAL B 189 21.85 3.42 -21.80
N ALA B 190 21.87 4.74 -21.69
CA ALA B 190 22.90 5.46 -20.96
C ALA B 190 22.25 6.45 -20.02
N PRO B 191 22.86 6.72 -18.86
CA PRO B 191 24.08 6.08 -18.33
C PRO B 191 23.88 4.75 -17.61
N MET B 192 22.65 4.32 -17.31
CA MET B 192 22.48 3.22 -16.36
C MET B 192 22.93 1.88 -16.94
N GLY B 193 22.63 1.63 -18.20
CA GLY B 193 23.00 0.36 -18.80
C GLY B 193 24.20 0.45 -19.70
N ALA B 194 24.92 1.56 -19.63
CA ALA B 194 25.96 1.84 -20.60
C ALA B 194 27.35 1.51 -20.05
N SER B 195 28.30 1.46 -20.97
CA SER B 195 29.72 1.35 -20.73
C SER B 195 30.40 2.38 -21.61
N PRO B 196 31.69 2.65 -21.39
CA PRO B 196 32.40 3.56 -22.29
C PRO B 196 32.29 3.16 -23.76
N ALA B 197 32.27 1.86 -24.03
CA ALA B 197 32.00 1.40 -25.39
C ALA B 197 30.61 1.80 -25.85
N ASP B 198 29.63 1.77 -24.93
CA ASP B 198 28.27 2.20 -25.30
C ASP B 198 28.22 3.71 -25.56
N ILE B 199 28.94 4.50 -24.77
CA ILE B 199 29.01 5.93 -25.06
C ILE B 199 29.65 6.16 -26.42
N ALA B 200 30.65 5.36 -26.77
CA ALA B 200 31.23 5.44 -28.11
C ALA B 200 30.19 5.09 -29.17
N ARG B 201 29.38 4.05 -28.92
CA ARG B 201 28.36 3.61 -29.86
C ARG B 201 27.16 4.54 -29.92
N LEU B 202 27.07 5.53 -29.03
CA LEU B 202 25.96 6.47 -29.05
C LEU B 202 25.81 7.14 -30.42
N GLY B 203 26.92 7.30 -31.15
CA GLY B 203 26.84 7.91 -32.46
C GLY B 203 26.11 7.05 -33.49
N ALA B 204 26.00 5.76 -33.23
CA ALA B 204 25.40 4.84 -34.19
C ALA B 204 23.89 4.94 -34.25
N ALA B 205 23.23 5.35 -33.16
CA ALA B 205 21.78 5.36 -33.13
C ALA B 205 21.21 6.41 -34.06
N HIS B 206 20.06 6.10 -34.66
CA HIS B 206 19.43 7.01 -35.60
C HIS B 206 18.87 8.24 -34.91
N PHE B 207 18.34 8.07 -33.70
CA PHE B 207 17.76 9.18 -32.95
C PHE B 207 17.87 8.86 -31.46
N ASN B 208 17.70 9.88 -30.64
CA ASN B 208 17.81 9.74 -29.19
C ASN B 208 16.43 9.84 -28.55
N VAL B 209 16.21 9.02 -27.53
CA VAL B 209 14.99 9.05 -26.74
C VAL B 209 15.33 9.63 -25.38
N LEU B 210 14.78 10.79 -25.08
CA LEU B 210 15.07 11.50 -23.83
C LEU B 210 14.00 11.10 -22.82
N LEU B 211 14.26 10.02 -22.08
CA LEU B 211 13.31 9.56 -21.08
C LEU B 211 13.23 10.54 -19.92
N TYR B 212 14.38 10.99 -19.43
CA TYR B 212 14.45 11.91 -18.30
C TYR B 212 15.25 13.14 -18.68
N PRO B 213 14.60 14.26 -18.99
CA PRO B 213 15.36 15.46 -19.37
C PRO B 213 16.30 15.95 -18.29
N GLU B 214 15.97 15.75 -17.01
CA GLU B 214 16.79 16.27 -15.92
C GLU B 214 18.23 15.78 -16.00
N THR B 215 18.42 14.50 -16.34
CA THR B 215 19.75 13.92 -16.43
C THR B 215 20.23 13.70 -17.86
N GLY B 216 19.45 14.09 -18.87
CA GLY B 216 19.80 13.75 -20.23
C GLY B 216 19.62 14.83 -21.27
N GLU B 217 19.08 16.00 -20.91
CA GLU B 217 18.81 17.02 -21.91
C GLU B 217 20.09 17.57 -22.53
N SER B 218 21.12 17.76 -21.71
CA SER B 218 22.38 18.28 -22.24
C SER B 218 23.00 17.30 -23.22
N ALA B 219 22.99 16.01 -22.86
CA ALA B 219 23.51 14.99 -23.78
C ALA B 219 22.69 14.95 -25.05
N ALA B 220 21.36 15.06 -24.94
CA ALA B 220 20.51 15.03 -26.12
C ALA B 220 20.81 16.21 -27.05
N ARG B 221 20.99 17.40 -26.49
CA ARG B 221 21.27 18.57 -27.31
C ARG B 221 22.65 18.48 -27.96
N TRP B 222 23.65 18.01 -27.20
CA TRP B 222 24.98 17.87 -27.77
C TRP B 222 25.01 16.81 -28.85
N ALA B 223 24.19 15.76 -28.73
CA ALA B 223 24.10 14.77 -29.79
C ALA B 223 23.31 15.31 -30.98
N GLU B 224 22.36 16.21 -30.72
CA GLU B 224 21.65 16.86 -31.81
C GLU B 224 22.60 17.69 -32.66
N LYS B 225 23.49 18.44 -32.01
CA LYS B 225 24.41 19.26 -32.79
C LYS B 225 25.58 18.46 -33.36
N THR B 226 26.38 17.84 -32.50
CA THR B 226 27.61 17.19 -32.97
C THR B 226 27.32 15.89 -33.69
N LEU B 227 26.42 15.06 -33.15
CA LEU B 227 26.14 13.75 -33.71
C LEU B 227 24.99 13.74 -34.71
N LYS B 228 24.35 14.90 -34.95
CA LYS B 228 23.25 14.99 -35.92
C LYS B 228 22.15 13.98 -35.60
N GLN B 229 21.76 13.93 -34.32
CA GLN B 229 20.79 12.96 -33.84
C GLN B 229 19.57 13.67 -33.28
N PRO B 230 18.40 13.55 -33.89
CA PRO B 230 17.21 14.16 -33.31
C PRO B 230 16.78 13.44 -32.04
N TYR B 231 16.17 14.18 -31.13
CA TYR B 231 15.76 13.63 -29.84
C TYR B 231 14.31 13.98 -29.53
N THR B 232 13.65 13.06 -28.82
CA THR B 232 12.22 13.15 -28.54
C THR B 232 11.95 14.17 -27.44
N LYS B 233 10.96 15.02 -27.66
CA LYS B 233 10.61 16.08 -26.72
C LYS B 233 9.49 15.70 -25.77
N THR B 234 8.90 14.52 -25.89
CA THR B 234 7.79 14.11 -25.04
C THR B 234 8.23 12.96 -24.14
N VAL B 235 7.63 12.87 -22.98
CA VAL B 235 7.96 11.85 -21.99
C VAL B 235 6.78 10.89 -21.85
N PRO B 236 6.97 9.58 -22.09
CA PRO B 236 5.84 8.64 -22.15
C PRO B 236 5.33 8.18 -20.79
N ILE B 237 4.83 9.11 -20.00
CA ILE B 237 4.18 8.80 -18.73
C ILE B 237 2.69 9.10 -18.87
N GLY B 238 1.87 8.06 -18.82
CA GLY B 238 0.46 8.18 -19.08
C GLY B 238 0.11 7.74 -20.49
N VAL B 239 -1.13 7.30 -20.67
CA VAL B 239 -1.56 6.73 -21.94
C VAL B 239 -1.52 7.79 -23.04
N GLY B 240 -2.01 8.99 -22.76
CA GLY B 240 -1.93 10.05 -23.75
C GLY B 240 -0.49 10.37 -24.11
N ALA B 241 0.37 10.54 -23.11
CA ALA B 241 1.78 10.79 -23.38
C ALA B 241 2.43 9.59 -24.05
N THR B 242 2.03 8.37 -23.69
CA THR B 242 2.59 7.20 -24.33
C THR B 242 2.24 7.13 -25.82
N ARG B 243 0.99 7.47 -26.16
CA ARG B 243 0.58 7.47 -27.56
C ARG B 243 1.28 8.58 -28.33
N ASP B 244 1.43 9.75 -27.72
CA ASP B 244 2.19 10.82 -28.36
C ASP B 244 3.64 10.40 -28.59
N PHE B 245 4.24 9.73 -27.60
CA PHE B 245 5.61 9.24 -27.74
C PHE B 245 5.70 8.21 -28.85
N VAL B 246 4.74 7.29 -28.92
CA VAL B 246 4.74 6.29 -29.98
C VAL B 246 4.64 6.96 -31.34
N ALA B 247 3.74 7.94 -31.48
CA ALA B 247 3.57 8.63 -32.75
C ALA B 247 4.84 9.37 -33.16
N GLU B 248 5.44 10.12 -32.22
CA GLU B 248 6.60 10.93 -32.60
C GLU B 248 7.82 10.06 -32.86
N VAL B 249 7.99 8.99 -32.09
CA VAL B 249 9.14 8.11 -32.32
C VAL B 249 8.96 7.33 -33.62
N ALA B 250 7.72 6.96 -33.95
CA ALA B 250 7.45 6.35 -35.25
C ALA B 250 7.75 7.32 -36.39
N ALA B 251 7.40 8.59 -36.20
CA ALA B 251 7.73 9.60 -37.21
C ALA B 251 9.24 9.75 -37.35
N LEU B 252 9.96 9.75 -36.24
CA LEU B 252 11.41 9.90 -36.28
C LEU B 252 12.08 8.71 -36.97
N ALA B 253 11.65 7.50 -36.62
CA ALA B 253 12.26 6.30 -37.19
C ALA B 253 11.77 6.05 -38.61
N GLY B 254 10.54 6.48 -38.92
CA GLY B 254 9.94 6.17 -40.19
C GLY B 254 9.14 4.89 -40.22
N VAL B 255 9.14 4.13 -39.13
CA VAL B 255 8.36 2.90 -39.04
C VAL B 255 6.93 3.23 -38.65
N ALA B 256 6.08 2.20 -38.62
CA ALA B 256 4.67 2.37 -38.16
C ALA B 256 4.62 2.21 -36.64
N PRO B 257 3.54 2.63 -35.95
CA PRO B 257 3.50 2.60 -34.47
C PRO B 257 3.33 1.24 -33.75
N VAL B 258 2.43 0.37 -34.22
CA VAL B 258 2.15 -0.92 -33.50
C VAL B 258 2.11 -0.68 -31.99
N ALA B 259 1.29 0.28 -31.53
CA ALA B 259 1.15 0.42 -30.07
C ALA B 259 0.59 -0.90 -29.54
N ASP B 260 1.23 -1.49 -28.53
CA ASP B 260 0.67 -2.73 -27.92
C ASP B 260 -0.27 -2.32 -26.79
N ASP B 261 -1.58 -2.28 -27.06
CA ASP B 261 -2.47 -1.80 -26.02
C ASP B 261 -3.30 -2.91 -25.38
N SER B 262 -2.91 -4.17 -25.59
CA SER B 262 -3.62 -5.27 -24.94
C SER B 262 -3.45 -5.23 -23.42
N ARG B 263 -2.26 -4.85 -22.96
CA ARG B 263 -2.00 -4.75 -21.53
C ARG B 263 -2.78 -3.62 -20.88
N LEU B 264 -3.23 -2.65 -21.68
CA LEU B 264 -3.86 -1.44 -21.15
C LEU B 264 -5.12 -1.74 -20.36
N ARG B 265 -5.15 -1.31 -19.10
CA ARG B 265 -6.31 -1.48 -18.25
C ARG B 265 -6.75 -0.20 -17.56
N GLN B 266 -5.89 0.80 -17.45
CA GLN B 266 -6.25 2.03 -16.74
C GLN B 266 -7.43 2.76 -17.39
N PRO B 267 -7.52 2.90 -18.72
CA PRO B 267 -8.69 3.60 -19.28
C PRO B 267 -10.02 2.97 -18.91
N TRP B 268 -10.13 1.64 -19.04
CA TRP B 268 -11.38 0.97 -18.66
C TRP B 268 -11.62 1.07 -17.17
N TRP B 269 -10.57 0.95 -16.35
CA TRP B 269 -10.75 0.99 -14.91
C TRP B 269 -11.12 2.39 -14.43
N SER B 270 -10.72 3.41 -15.19
CA SER B 270 -11.15 4.78 -14.90
C SER B 270 -12.59 5.01 -15.37
N ALA B 271 -12.95 4.41 -16.51
CA ALA B 271 -14.31 4.59 -17.03
C ALA B 271 -15.32 3.78 -16.23
N SER B 272 -14.86 2.86 -15.38
CA SER B 272 -15.78 2.04 -14.60
C SER B 272 -16.52 2.91 -13.59
N VAL B 273 -17.71 2.42 -13.20
CA VAL B 273 -18.55 3.17 -12.27
C VAL B 273 -17.95 3.20 -10.88
N ASP B 274 -16.96 2.35 -10.61
CA ASP B 274 -16.23 2.43 -9.34
C ASP B 274 -15.48 3.75 -9.22
N SER B 275 -14.83 4.18 -10.30
CA SER B 275 -14.00 5.37 -10.30
C SER B 275 -14.80 6.66 -10.47
N THR B 276 -16.12 6.61 -10.22
CA THR B 276 -16.93 7.81 -10.34
C THR B 276 -16.61 8.81 -9.24
N TYR B 277 -16.28 8.31 -8.03
CA TYR B 277 -15.96 9.22 -6.94
C TYR B 277 -14.66 9.96 -7.19
N LEU B 278 -13.89 9.52 -8.18
CA LEU B 278 -12.62 10.18 -8.49
C LEU B 278 -12.82 11.53 -9.13
N THR B 279 -14.01 11.79 -9.69
CA THR B 279 -14.22 12.98 -10.49
C THR B 279 -14.14 14.24 -9.65
N GLY B 280 -13.26 15.15 -10.06
CA GLY B 280 -13.14 16.43 -9.40
C GLY B 280 -12.32 16.42 -8.13
N LYS B 281 -11.76 15.29 -7.74
CA LYS B 281 -10.92 15.25 -6.54
C LYS B 281 -9.71 16.16 -6.74
N ARG B 282 -9.39 16.93 -5.71
CA ARG B 282 -8.35 17.95 -5.82
C ARG B 282 -6.99 17.33 -5.54
N VAL B 283 -6.05 17.53 -6.45
CA VAL B 283 -4.73 16.92 -6.37
C VAL B 283 -3.67 18.00 -6.36
N PHE B 284 -2.78 17.92 -5.38
CA PHE B 284 -1.56 18.74 -5.33
C PHE B 284 -0.38 17.90 -5.78
N LEU B 285 0.42 18.45 -6.68
CA LEU B 285 1.52 17.74 -7.30
C LEU B 285 2.83 18.47 -7.04
N PHE B 286 3.85 17.72 -6.62
CA PHE B 286 5.19 18.26 -6.48
C PHE B 286 6.21 17.21 -6.86
N GLY B 287 7.45 17.66 -7.06
CA GLY B 287 8.56 16.82 -7.41
C GLY B 287 9.28 17.36 -8.62
N ASP B 288 10.08 16.51 -9.26
CA ASP B 288 10.82 16.95 -10.43
C ASP B 288 9.87 17.25 -11.58
N ALA B 289 10.31 18.13 -12.48
CA ALA B 289 9.40 18.77 -13.43
C ALA B 289 8.73 17.76 -14.35
N THR B 290 9.50 16.81 -14.88
CA THR B 290 8.96 15.86 -15.84
C THR B 290 7.81 15.06 -15.23
N HIS B 291 8.04 14.49 -14.05
CA HIS B 291 7.03 13.66 -13.42
C HIS B 291 5.81 14.49 -13.03
N VAL B 292 6.02 15.72 -12.57
CA VAL B 292 4.89 16.55 -12.17
C VAL B 292 4.03 16.91 -13.38
N ILE B 293 4.65 17.28 -14.50
CA ILE B 293 3.90 17.61 -15.70
C ILE B 293 3.11 16.40 -16.18
N ALA B 294 3.78 15.25 -16.26
CA ALA B 294 3.12 14.04 -16.72
C ALA B 294 2.00 13.63 -15.79
N ALA B 295 2.21 13.75 -14.48
CA ALA B 295 1.19 13.39 -13.51
C ALA B 295 0.00 14.32 -13.57
N ALA B 296 0.25 15.61 -13.85
CA ALA B 296 -0.86 16.54 -14.02
C ALA B 296 -1.70 16.17 -15.23
N ARG B 297 -1.04 15.83 -16.34
CA ARG B 297 -1.79 15.41 -17.52
C ARG B 297 -2.60 14.14 -17.22
N VAL B 298 -1.98 13.17 -16.56
CA VAL B 298 -2.69 11.93 -16.24
C VAL B 298 -3.88 12.23 -15.33
N ALA B 299 -3.66 12.99 -14.26
CA ALA B 299 -4.72 13.25 -13.30
C ALA B 299 -5.88 14.00 -13.92
N ARG B 300 -5.58 14.96 -14.81
CA ARG B 300 -6.69 15.72 -15.40
C ARG B 300 -7.40 14.92 -16.48
N ASP B 301 -6.70 14.56 -17.56
CA ASP B 301 -7.40 13.93 -18.68
C ASP B 301 -7.78 12.48 -18.43
N GLU B 302 -6.91 11.70 -17.77
CA GLU B 302 -7.14 10.27 -17.68
C GLU B 302 -7.79 9.87 -16.36
N MET B 303 -7.67 10.70 -15.33
CA MET B 303 -8.15 10.34 -13.99
C MET B 303 -9.33 11.19 -13.54
N GLY B 304 -9.65 12.26 -14.25
CA GLY B 304 -10.76 13.12 -13.85
C GLY B 304 -10.52 13.86 -12.55
N PHE B 305 -9.28 14.22 -12.27
CA PHE B 305 -8.93 14.99 -11.09
C PHE B 305 -8.84 16.47 -11.44
N GLU B 306 -9.07 17.30 -10.43
CA GLU B 306 -8.87 18.73 -10.56
C GLU B 306 -7.52 19.09 -9.97
N VAL B 307 -6.57 19.45 -10.84
CA VAL B 307 -5.22 19.78 -10.40
C VAL B 307 -5.29 21.16 -9.76
N VAL B 308 -4.98 21.23 -8.47
CA VAL B 308 -5.04 22.49 -7.75
C VAL B 308 -3.64 22.98 -7.41
N GLY B 309 -2.64 22.13 -7.54
CA GLY B 309 -1.28 22.53 -7.25
C GLY B 309 -0.29 21.87 -8.18
N MET B 310 0.58 22.68 -8.75
CA MET B 310 1.66 22.22 -9.61
C MET B 310 2.95 22.87 -9.13
N GLY B 311 4.00 22.06 -8.98
CA GLY B 311 5.26 22.60 -8.50
C GLY B 311 6.42 21.70 -8.88
N CYS B 312 7.61 22.28 -8.85
CA CYS B 312 8.83 21.57 -9.14
C CYS B 312 9.96 22.11 -8.28
N TYR B 313 10.86 21.22 -7.86
CA TYR B 313 12.06 21.65 -7.16
C TYR B 313 13.25 21.81 -8.09
N ASN B 314 13.07 21.56 -9.39
CA ASN B 314 14.11 21.87 -10.38
C ASN B 314 13.87 23.30 -10.85
N ARG B 315 14.65 24.23 -10.30
CA ARG B 315 14.61 25.60 -10.81
C ARG B 315 15.11 25.67 -12.24
N GLU B 316 15.94 24.72 -12.66
CA GLU B 316 16.43 24.70 -14.04
C GLU B 316 15.31 24.37 -15.02
N PHE B 317 14.24 23.74 -14.54
CA PHE B 317 13.07 23.42 -15.35
C PHE B 317 11.85 24.24 -14.96
N ALA B 318 12.08 25.48 -14.50
CA ALA B 318 10.96 26.32 -14.07
C ALA B 318 10.09 26.74 -15.25
N ARG B 319 10.71 27.07 -16.37
CA ARG B 319 9.94 27.54 -17.53
C ARG B 319 8.96 26.51 -18.06
N PRO B 320 9.34 25.26 -18.33
CA PRO B 320 8.32 24.29 -18.77
C PRO B 320 7.26 24.01 -17.71
N MET B 321 7.65 23.96 -16.44
CA MET B 321 6.66 23.79 -15.38
C MET B 321 5.73 24.99 -15.29
N ARG B 322 6.27 26.20 -15.46
CA ARG B 322 5.42 27.39 -15.43
C ARG B 322 4.41 27.36 -16.57
N ALA B 323 4.88 27.00 -17.77
CA ALA B 323 3.96 26.91 -18.91
C ALA B 323 2.91 25.83 -18.70
N ALA B 324 3.32 24.66 -18.22
CA ALA B 324 2.36 23.58 -17.99
C ALA B 324 1.33 23.97 -16.94
N ALA B 325 1.78 24.57 -15.83
CA ALA B 325 0.86 25.00 -14.79
C ALA B 325 -0.09 26.06 -15.30
N LYS B 326 0.40 26.97 -16.14
CA LYS B 326 -0.49 27.92 -16.80
C LYS B 326 -1.50 27.20 -17.67
N GLY B 327 -1.14 26.03 -18.19
CA GLY B 327 -2.09 25.24 -18.95
C GLY B 327 -3.29 24.81 -18.12
N TYR B 328 -3.07 24.49 -16.85
CA TYR B 328 -4.13 24.04 -15.96
C TYR B 328 -4.77 25.18 -15.19
N GLY B 329 -4.42 26.43 -15.48
CA GLY B 329 -5.00 27.55 -14.78
C GLY B 329 -4.39 27.84 -13.43
N LEU B 330 -3.14 27.46 -13.20
CA LEU B 330 -2.47 27.65 -11.93
C LEU B 330 -1.11 28.29 -12.14
N GLU B 331 -0.48 28.69 -11.04
CA GLU B 331 0.87 29.20 -11.04
C GLU B 331 1.80 28.13 -10.47
N ALA B 332 2.85 27.82 -11.20
CA ALA B 332 3.78 26.77 -10.78
C ALA B 332 4.47 27.17 -9.48
N LEU B 333 4.68 26.18 -8.61
CA LEU B 333 5.38 26.38 -7.35
C LEU B 333 6.81 25.91 -7.52
N VAL B 334 7.68 26.79 -8.03
CA VAL B 334 9.07 26.44 -8.25
C VAL B 334 9.89 26.85 -7.04
N THR B 335 10.01 25.96 -6.06
CA THR B 335 10.84 26.18 -4.87
C THR B 335 11.54 24.89 -4.49
N ASP B 336 12.71 25.03 -3.88
CA ASP B 336 13.43 23.91 -3.29
C ASP B 336 13.24 23.83 -1.78
N ASP B 337 12.32 24.61 -1.23
CA ASP B 337 12.08 24.69 0.21
C ASP B 337 10.80 23.93 0.51
N TYR B 338 10.84 23.08 1.52
CA TYR B 338 9.67 22.26 1.84
C TYR B 338 8.65 23.05 2.66
N LEU B 339 9.06 24.18 3.25
CA LEU B 339 8.12 25.01 4.00
C LEU B 339 7.15 25.74 3.07
N GLU B 340 7.64 26.21 1.91
CA GLU B 340 6.75 26.86 0.95
C GLU B 340 5.70 25.88 0.44
N VAL B 341 6.12 24.66 0.14
CA VAL B 341 5.19 23.64 -0.31
C VAL B 341 4.23 23.26 0.81
N GLU B 342 4.73 23.17 2.04
CA GLU B 342 3.87 22.99 3.20
C GLU B 342 2.77 24.03 3.25
N GLU B 343 3.14 25.30 3.08
CA GLU B 343 2.16 26.38 3.14
C GLU B 343 1.15 26.25 2.01
N ALA B 344 1.63 25.90 0.81
CA ALA B 344 0.72 25.75 -0.33
C ALA B 344 -0.28 24.62 -0.08
N ILE B 345 0.18 23.50 0.46
CA ILE B 345 -0.73 22.39 0.77
C ILE B 345 -1.74 22.80 1.83
N GLN B 346 -1.28 23.48 2.89
CA GLN B 346 -2.19 23.87 3.96
C GLN B 346 -3.26 24.82 3.46
N ALA B 347 -2.86 25.82 2.66
CA ALA B 347 -3.83 26.76 2.12
C ALA B 347 -4.77 26.08 1.14
N LEU B 348 -4.23 25.16 0.33
CA LEU B 348 -4.99 24.56 -0.76
C LEU B 348 -5.90 23.45 -0.28
N ALA B 349 -5.45 22.65 0.69
CA ALA B 349 -6.20 21.53 1.23
C ALA B 349 -6.68 20.57 0.14
N PRO B 350 -5.76 19.88 -0.54
CA PRO B 350 -6.18 18.96 -1.61
C PRO B 350 -6.78 17.69 -1.04
N GLU B 351 -7.56 16.99 -1.86
CA GLU B 351 -8.11 15.70 -1.46
C GLU B 351 -7.06 14.59 -1.60
N LEU B 352 -6.17 14.73 -2.58
CA LEU B 352 -5.09 13.79 -2.82
C LEU B 352 -3.83 14.59 -3.13
N ILE B 353 -2.68 14.03 -2.78
CA ILE B 353 -1.39 14.67 -3.04
C ILE B 353 -0.43 13.64 -3.61
N LEU B 354 0.21 13.99 -4.72
CA LEU B 354 1.20 13.15 -5.37
C LEU B 354 2.50 13.91 -5.47
N GLY B 355 3.55 13.38 -4.85
CA GLY B 355 4.81 14.09 -4.84
C GLY B 355 5.95 13.24 -4.32
N THR B 356 6.85 13.90 -3.59
CA THR B 356 8.05 13.26 -3.09
C THR B 356 7.76 12.54 -1.78
N GLN B 357 8.82 11.98 -1.19
CA GLN B 357 8.70 11.38 0.13
C GLN B 357 8.36 12.42 1.18
N MET B 358 8.97 13.60 1.09
CA MET B 358 8.61 14.70 1.99
C MET B 358 7.15 15.06 1.80
N GLU B 359 6.67 15.01 0.56
CA GLU B 359 5.27 15.31 0.28
C GLU B 359 4.37 14.29 0.95
N ARG B 360 4.74 13.01 0.87
CA ARG B 360 3.97 11.95 1.51
C ARG B 360 3.93 12.12 3.01
N HIS B 361 5.07 12.49 3.62
CA HIS B 361 5.08 12.70 5.06
C HIS B 361 4.26 13.93 5.46
N ILE B 362 4.32 14.98 4.67
CA ILE B 362 3.47 16.15 4.89
C ILE B 362 2.01 15.75 4.88
N ALA B 363 1.62 14.95 3.91
CA ALA B 363 0.24 14.46 3.85
C ALA B 363 -0.09 13.61 5.07
N LYS B 364 0.85 12.79 5.51
CA LYS B 364 0.61 11.94 6.67
C LYS B 364 0.33 12.75 7.91
N ARG B 365 1.11 13.82 8.14
CA ARG B 365 0.81 14.69 9.27
C ARG B 365 -0.51 15.45 9.05
N LEU B 366 -0.77 15.86 7.81
CA LEU B 366 -2.00 16.57 7.47
C LEU B 366 -3.19 15.65 7.25
N GLY B 367 -2.98 14.33 7.26
CA GLY B 367 -4.07 13.39 7.09
C GLY B 367 -4.72 13.40 5.72
N ILE B 368 -3.93 13.46 4.66
CA ILE B 368 -4.45 13.43 3.30
C ILE B 368 -3.89 12.20 2.56
N PRO B 369 -4.69 11.57 1.71
CA PRO B 369 -4.16 10.47 0.88
C PRO B 369 -2.95 10.90 0.07
N CYS B 370 -1.92 10.04 0.01
CA CYS B 370 -0.63 10.42 -0.54
C CYS B 370 -0.06 9.29 -1.36
N ALA B 371 0.51 9.62 -2.52
CA ALA B 371 1.29 8.69 -3.32
C ALA B 371 2.57 9.38 -3.76
N VAL B 372 3.60 8.58 -4.03
CA VAL B 372 4.91 9.10 -4.40
C VAL B 372 5.07 9.00 -5.90
N ILE B 373 5.46 10.10 -6.54
CA ILE B 373 5.58 10.18 -7.99
C ILE B 373 6.90 10.74 -8.45
N SER B 374 7.79 11.15 -7.55
CA SER B 374 8.99 11.88 -7.96
C SER B 374 10.24 11.35 -7.29
N ALA B 375 11.37 11.96 -7.66
CA ALA B 375 12.70 11.38 -7.42
C ALA B 375 13.07 11.19 -5.96
N PRO B 376 12.90 12.17 -5.06
CA PRO B 376 13.33 11.93 -3.67
C PRO B 376 12.47 10.87 -3.00
N VAL B 377 13.06 9.70 -2.80
CA VAL B 377 12.32 8.51 -2.37
C VAL B 377 13.12 7.82 -1.26
N HIS B 378 12.46 6.87 -0.60
CA HIS B 378 13.07 6.07 0.44
C HIS B 378 13.53 4.73 -0.13
N VAL B 379 14.14 3.92 0.74
CA VAL B 379 14.58 2.58 0.34
C VAL B 379 13.37 1.71 0.02
N GLN B 380 12.28 1.89 0.78
CA GLN B 380 11.09 1.10 0.55
C GLN B 380 10.43 1.45 -0.77
N ASP B 381 10.69 2.66 -1.28
CA ASP B 381 10.01 3.10 -2.50
C ASP B 381 10.58 2.38 -3.72
N PHE B 382 11.86 2.03 -3.68
CA PHE B 382 12.44 1.22 -4.76
C PHE B 382 11.83 -0.17 -4.71
N PRO B 383 11.13 -0.60 -5.76
CA PRO B 383 10.40 -1.87 -5.69
C PRO B 383 11.19 -3.04 -6.25
N ALA B 384 11.06 -4.20 -5.61
CA ALA B 384 11.53 -5.43 -6.25
C ALA B 384 10.64 -5.80 -7.42
N ARG B 385 9.35 -5.50 -7.32
CA ARG B 385 8.39 -5.79 -8.37
C ARG B 385 8.58 -4.83 -9.55
N TYR B 386 8.07 -5.26 -10.71
CA TYR B 386 8.13 -4.48 -11.92
C TYR B 386 7.12 -3.34 -11.82
N SER B 387 7.62 -2.14 -11.53
CA SER B 387 6.77 -0.98 -11.26
C SER B 387 7.19 0.19 -12.14
N PRO B 388 6.84 0.13 -13.43
CA PRO B 388 7.18 1.25 -14.32
C PRO B 388 6.24 2.44 -14.12
N GLN B 389 6.76 3.62 -14.42
CA GLN B 389 5.97 4.83 -14.50
C GLN B 389 5.66 5.21 -15.93
N MET B 390 6.24 4.50 -16.90
CA MET B 390 6.16 4.85 -18.31
C MET B 390 5.41 3.77 -19.06
N GLY B 391 4.88 4.14 -20.22
CA GLY B 391 4.24 3.18 -21.09
C GLY B 391 2.88 2.78 -20.61
N PHE B 392 2.34 1.75 -21.27
CA PHE B 392 0.97 1.36 -21.05
C PHE B 392 0.81 0.58 -19.75
N GLU B 393 1.78 -0.26 -19.41
CA GLU B 393 1.75 -0.94 -18.13
C GLU B 393 2.09 0.03 -17.00
N GLY B 394 2.95 1.00 -17.28
CA GLY B 394 3.19 2.05 -16.32
C GLY B 394 1.94 2.88 -16.05
N ALA B 395 1.06 2.99 -17.04
CA ALA B 395 -0.23 3.65 -16.81
C ALA B 395 -1.06 2.89 -15.78
N ASN B 396 -1.08 1.56 -15.88
CA ASN B 396 -1.79 0.76 -14.88
C ASN B 396 -1.15 0.91 -13.51
N VAL B 397 0.19 0.92 -13.47
CA VAL B 397 0.88 1.13 -12.20
C VAL B 397 0.51 2.48 -11.60
N LEU B 398 0.47 3.52 -12.45
CA LEU B 398 0.08 4.85 -12.00
C LEU B 398 -1.34 4.84 -11.43
N PHE B 399 -2.27 4.23 -12.15
CA PHE B 399 -3.66 4.21 -11.70
C PHE B 399 -3.78 3.51 -10.35
N ASP B 400 -3.16 2.34 -10.21
CA ASP B 400 -3.27 1.60 -8.95
C ASP B 400 -2.59 2.35 -7.81
N THR B 401 -1.41 2.90 -8.07
CA THR B 401 -0.67 3.60 -7.02
C THR B 401 -1.43 4.84 -6.56
N TRP B 402 -2.05 5.57 -7.48
CA TRP B 402 -2.77 6.78 -7.11
C TRP B 402 -4.11 6.45 -6.47
N ILE B 403 -4.74 5.36 -6.88
CA ILE B 403 -6.02 4.96 -6.29
C ILE B 403 -5.85 4.42 -4.88
N HIS B 404 -4.76 3.70 -4.60
CA HIS B 404 -4.61 3.04 -3.31
C HIS B 404 -4.81 3.97 -2.11
N PRO B 405 -4.26 5.19 -2.08
CA PRO B 405 -4.53 6.06 -0.93
C PRO B 405 -6.00 6.42 -0.79
N LEU B 406 -6.66 6.77 -1.90
CA LEU B 406 -8.06 7.14 -1.84
C LEU B 406 -8.93 5.95 -1.43
N THR B 407 -8.66 4.78 -1.99
CA THR B 407 -9.42 3.58 -1.63
C THR B 407 -9.20 3.23 -0.15
N MET B 408 -7.96 3.31 0.31
CA MET B 408 -7.66 3.01 1.72
C MET B 408 -8.38 3.98 2.64
N GLY B 409 -8.33 5.28 2.33
CA GLY B 409 -9.01 6.25 3.16
C GLY B 409 -10.52 6.07 3.16
N LEU B 410 -11.10 5.80 1.98
CA LEU B 410 -12.54 5.58 1.90
C LEU B 410 -12.96 4.35 2.70
N GLU B 411 -12.20 3.26 2.58
CA GLU B 411 -12.53 2.05 3.32
C GLU B 411 -12.40 2.27 4.82
N GLU B 412 -11.35 2.98 5.25
CA GLU B 412 -11.19 3.26 6.67
C GLU B 412 -12.31 4.14 7.20
N HIS B 413 -12.68 5.19 6.45
CA HIS B 413 -13.76 6.07 6.88
C HIS B 413 -15.08 5.31 6.97
N LEU B 414 -15.37 4.47 5.98
CA LEU B 414 -16.60 3.68 6.01
C LEU B 414 -16.60 2.72 7.19
N LEU B 415 -15.46 2.08 7.46
CA LEU B 415 -15.39 1.12 8.56
C LEU B 415 -15.57 1.82 9.90
N THR B 416 -14.98 3.01 10.07
CA THR B 416 -15.19 3.77 11.29
C THR B 416 -16.64 4.21 11.43
N MET B 417 -17.26 4.63 10.33
CA MET B 417 -18.67 5.06 10.37
C MET B 417 -19.58 3.91 10.75
N PHE B 418 -19.32 2.72 10.19
CA PHE B 418 -20.19 1.57 10.47
C PHE B 418 -19.97 1.05 11.88
N ARG B 419 -18.78 1.26 12.44
CA ARG B 419 -18.49 0.85 13.81
C ARG B 419 -19.31 1.66 14.81
N GLN C 24 -36.23 -12.52 -17.67
CA GLN C 24 -35.17 -12.28 -16.72
C GLN C 24 -35.22 -10.85 -16.18
N ARG C 25 -35.29 -10.73 -14.85
CA ARG C 25 -35.34 -9.45 -14.17
C ARG C 25 -34.04 -9.27 -13.38
N GLU C 26 -33.49 -8.05 -13.43
CA GLU C 26 -32.27 -7.72 -12.72
C GLU C 26 -32.64 -6.88 -11.50
N VAL C 27 -33.00 -7.56 -10.42
CA VAL C 27 -33.30 -6.94 -9.13
C VAL C 27 -32.63 -7.78 -8.06
N PHE C 28 -32.55 -7.23 -6.85
CA PHE C 28 -32.10 -8.03 -5.72
C PHE C 28 -33.31 -8.47 -4.89
N CYS C 29 -33.16 -9.60 -4.21
CA CYS C 29 -34.20 -9.99 -3.28
C CYS C 29 -34.19 -9.04 -2.08
N GLY C 30 -35.32 -8.98 -1.38
CA GLY C 30 -35.54 -7.93 -0.41
C GLY C 30 -34.55 -7.92 0.74
N LEU C 31 -33.69 -8.93 0.81
CA LEU C 31 -32.69 -8.97 1.87
C LEU C 31 -31.67 -7.84 1.74
N THR C 32 -31.60 -7.20 0.56
CA THR C 32 -30.65 -6.12 0.38
C THR C 32 -31.05 -4.88 1.16
N GLY C 33 -32.35 -4.66 1.36
CA GLY C 33 -32.78 -3.53 2.15
C GLY C 33 -32.39 -3.64 3.61
N ILE C 34 -32.10 -4.87 4.05
CA ILE C 34 -31.79 -5.15 5.44
C ILE C 34 -30.60 -4.34 5.94
N ILE C 35 -29.59 -4.15 5.08
CA ILE C 35 -28.34 -3.54 5.53
C ILE C 35 -28.55 -2.09 5.89
N TRP C 36 -29.43 -1.37 5.18
CA TRP C 36 -29.69 -0.01 5.59
C TRP C 36 -30.82 0.09 6.60
N LEU C 37 -31.72 -0.90 6.62
CA LEU C 37 -32.73 -0.94 7.68
C LEU C 37 -32.06 -1.07 9.05
N HIS C 38 -31.02 -1.89 9.13
CA HIS C 38 -30.35 -2.15 10.40
C HIS C 38 -29.43 -0.98 10.79
N ARG C 39 -29.02 -0.17 9.81
CA ARG C 39 -28.38 1.09 10.14
C ARG C 39 -29.40 2.09 10.66
N LYS C 40 -30.62 2.06 10.11
CA LYS C 40 -31.71 2.85 10.68
C LYS C 40 -32.04 2.40 12.10
N MET C 41 -32.13 1.11 12.35
CA MET C 41 -32.57 0.56 13.62
C MET C 41 -31.37 0.04 14.40
N GLN C 42 -30.94 0.80 15.41
CA GLN C 42 -29.81 0.36 16.22
C GLN C 42 -30.18 -0.83 17.10
N ASP C 43 -31.46 -1.02 17.35
CA ASP C 43 -31.95 -1.99 18.32
C ASP C 43 -32.37 -3.29 17.62
N ALA C 44 -32.38 -3.31 16.29
CA ALA C 44 -32.95 -4.42 15.54
C ALA C 44 -31.84 -5.31 14.99
N PHE C 45 -32.05 -6.63 15.08
CA PHE C 45 -31.21 -7.62 14.44
C PHE C 45 -32.03 -8.30 13.35
N PHE C 46 -31.39 -8.57 12.22
CA PHE C 46 -32.07 -9.11 11.05
C PHE C 46 -31.58 -10.55 10.81
N LEU C 47 -32.34 -11.50 11.33
CA LEU C 47 -32.03 -12.92 11.18
C LEU C 47 -32.66 -13.42 9.89
N VAL C 48 -31.83 -13.71 8.90
CA VAL C 48 -32.30 -14.25 7.62
C VAL C 48 -32.26 -15.76 7.70
N VAL C 49 -33.44 -16.38 7.62
CA VAL C 49 -33.54 -17.84 7.57
C VAL C 49 -33.47 -18.21 6.10
N GLY C 50 -32.25 -18.44 5.61
CA GLY C 50 -32.05 -18.69 4.20
C GLY C 50 -30.88 -19.63 3.97
N SER C 51 -30.60 -19.89 2.71
CA SER C 51 -29.52 -20.78 2.33
C SER C 51 -28.20 -20.01 2.31
N ARG C 52 -27.13 -20.66 1.87
CA ARG C 52 -25.84 -20.00 1.75
C ARG C 52 -25.88 -18.89 0.70
N THR C 53 -26.77 -19.01 -0.29
CA THR C 53 -26.85 -17.99 -1.33
C THR C 53 -27.25 -16.64 -0.76
N CYS C 54 -28.21 -16.63 0.17
CA CYS C 54 -28.67 -15.37 0.73
C CYS C 54 -27.65 -14.79 1.71
N ALA C 55 -26.91 -15.65 2.41
CA ALA C 55 -25.80 -15.18 3.23
C ALA C 55 -24.72 -14.55 2.35
N HIS C 56 -24.42 -15.16 1.20
CA HIS C 56 -23.45 -14.57 0.28
C HIS C 56 -23.97 -13.26 -0.29
N LEU C 57 -25.27 -13.18 -0.55
CA LEU C 57 -25.87 -11.91 -0.95
C LEU C 57 -25.62 -10.83 0.08
N LEU C 58 -25.94 -11.11 1.34
CA LEU C 58 -25.75 -10.11 2.37
C LEU C 58 -24.29 -9.71 2.48
N GLN C 59 -23.38 -10.68 2.48
CA GLN C 59 -21.95 -10.39 2.60
C GLN C 59 -21.46 -9.53 1.45
N SER C 60 -21.77 -9.94 0.21
CA SER C 60 -21.27 -9.21 -0.96
C SER C 60 -21.86 -7.82 -1.04
N ALA C 61 -23.18 -7.69 -0.82
CA ALA C 61 -23.81 -6.38 -0.90
C ALA C 61 -23.24 -5.45 0.16
N ALA C 62 -23.07 -5.96 1.39
CA ALA C 62 -22.56 -5.13 2.47
C ALA C 62 -21.12 -4.73 2.23
N GLY C 63 -20.28 -5.64 1.76
CA GLY C 63 -18.91 -5.29 1.45
C GLY C 63 -18.11 -5.04 2.71
N VAL C 64 -17.68 -3.79 2.90
CA VAL C 64 -16.93 -3.43 4.10
C VAL C 64 -17.79 -3.58 5.34
N MET C 65 -19.12 -3.54 5.16
CA MET C 65 -20.04 -3.49 6.29
C MET C 65 -19.90 -4.73 7.18
N ILE C 66 -19.74 -5.91 6.57
CA ILE C 66 -19.74 -7.15 7.34
C ILE C 66 -18.54 -7.21 8.28
N PHE C 67 -17.46 -6.49 7.94
CA PHE C 67 -16.28 -6.51 8.78
C PHE C 67 -16.43 -5.65 10.03
N ALA C 68 -17.55 -4.92 10.14
CA ALA C 68 -17.85 -4.13 11.32
C ALA C 68 -18.70 -4.87 12.33
N GLU C 69 -18.90 -6.17 12.14
CA GLU C 69 -19.79 -6.98 12.95
C GLU C 69 -21.19 -6.39 12.97
N PRO C 70 -21.90 -6.39 11.85
CA PRO C 70 -23.20 -5.75 11.77
C PRO C 70 -24.28 -6.60 12.43
N ARG C 71 -25.52 -6.15 12.30
CA ARG C 71 -26.65 -6.77 12.99
C ARG C 71 -27.52 -7.60 12.06
N PHE C 72 -27.00 -8.07 10.93
CA PHE C 72 -27.72 -9.03 10.10
C PHE C 72 -26.94 -10.34 10.06
N GLY C 73 -27.64 -11.44 10.29
CA GLY C 73 -27.03 -12.76 10.22
C GLY C 73 -27.97 -13.72 9.53
N THR C 74 -27.38 -14.72 8.89
CA THR C 74 -28.12 -15.72 8.13
C THR C 74 -27.94 -17.08 8.78
N ALA C 75 -29.06 -17.77 8.99
CA ALA C 75 -29.03 -19.15 9.49
C ALA C 75 -29.24 -20.08 8.30
N VAL C 76 -28.18 -20.76 7.87
CA VAL C 76 -28.26 -21.60 6.67
C VAL C 76 -29.14 -22.81 6.98
N LEU C 77 -30.22 -22.94 6.22
CA LEU C 77 -31.06 -24.13 6.31
C LEU C 77 -30.29 -25.33 5.76
N GLU C 78 -29.82 -26.19 6.66
CA GLU C 78 -29.04 -27.35 6.26
C GLU C 78 -29.95 -28.40 5.62
N GLU C 79 -29.35 -29.44 5.07
CA GLU C 79 -30.11 -30.47 4.37
C GLU C 79 -31.12 -31.13 5.30
N LYS C 80 -30.73 -31.39 6.55
CA LYS C 80 -31.67 -31.92 7.52
C LYS C 80 -32.80 -30.95 7.80
N ASP C 81 -32.52 -29.64 7.74
CA ASP C 81 -33.53 -28.64 8.00
C ASP C 81 -34.61 -28.66 6.92
N LEU C 82 -34.20 -28.72 5.64
CA LEU C 82 -35.18 -28.87 4.58
C LEU C 82 -35.84 -30.24 4.58
N ALA C 83 -35.18 -31.25 5.17
CA ALA C 83 -35.77 -32.56 5.30
C ALA C 83 -36.89 -32.55 6.34
N GLY C 84 -36.57 -32.16 7.57
CA GLY C 84 -37.54 -32.13 8.64
C GLY C 84 -37.91 -30.73 9.10
N LEU C 85 -39.19 -30.38 8.97
CA LEU C 85 -39.63 -29.04 9.35
C LEU C 85 -39.56 -28.83 10.86
N ALA C 86 -39.94 -29.84 11.64
CA ALA C 86 -39.91 -29.70 13.09
C ALA C 86 -38.49 -29.55 13.61
N ASP C 87 -37.55 -30.31 13.03
CA ASP C 87 -36.15 -30.18 13.42
C ASP C 87 -35.63 -28.78 13.10
N ALA C 88 -36.01 -28.24 11.94
CA ALA C 88 -35.61 -26.88 11.58
C ALA C 88 -36.20 -25.87 12.56
N ASN C 89 -37.45 -26.08 12.97
CA ASN C 89 -38.09 -25.15 13.91
C ASN C 89 -37.38 -25.17 15.26
N ALA C 90 -37.06 -26.36 15.76
CA ALA C 90 -36.33 -26.46 17.02
C ALA C 90 -34.95 -25.82 16.91
N GLU C 91 -34.27 -26.04 15.78
CA GLU C 91 -32.97 -25.43 15.56
C GLU C 91 -33.07 -23.91 15.55
N LEU C 92 -34.11 -23.38 14.91
CA LEU C 92 -34.32 -21.93 14.89
C LEU C 92 -34.55 -21.39 16.30
N ASP C 93 -35.34 -22.12 17.10
CA ASP C 93 -35.56 -21.72 18.49
C ASP C 93 -34.23 -21.64 19.24
N ARG C 94 -33.39 -22.67 19.09
CA ARG C 94 -32.10 -22.67 19.76
C ARG C 94 -31.19 -21.56 19.23
N GLU C 95 -31.27 -21.29 17.93
CA GLU C 95 -30.48 -20.20 17.33
C GLU C 95 -30.83 -18.87 17.94
N VAL C 96 -32.13 -18.57 18.04
CA VAL C 96 -32.53 -17.27 18.59
C VAL C 96 -32.22 -17.22 20.08
N ASP C 97 -32.32 -18.35 20.79
CA ASP C 97 -31.89 -18.35 22.18
C ASP C 97 -30.42 -17.98 22.31
N ARG C 98 -29.57 -18.58 21.46
CA ARG C 98 -28.15 -18.28 21.51
C ARG C 98 -27.87 -16.84 21.10
N LEU C 99 -28.62 -16.33 20.12
CA LEU C 99 -28.46 -14.94 19.69
C LEU C 99 -28.83 -13.97 20.82
N LEU C 100 -29.91 -14.25 21.52
CA LEU C 100 -30.29 -13.42 22.67
C LEU C 100 -29.22 -13.49 23.76
N ALA C 101 -28.68 -14.68 24.00
CA ALA C 101 -27.62 -14.81 25.00
C ALA C 101 -26.38 -14.01 24.60
N ARG C 102 -26.01 -14.06 23.32
CA ARG C 102 -24.82 -13.36 22.86
C ARG C 102 -25.01 -11.84 22.89
N ARG C 103 -26.21 -11.37 22.57
CA ARG C 103 -26.51 -9.94 22.48
C ARG C 103 -27.71 -9.61 23.36
N PRO C 104 -27.47 -9.25 24.63
CA PRO C 104 -28.58 -8.75 25.45
C PRO C 104 -29.13 -7.42 24.97
N ASP C 105 -28.39 -6.70 24.13
CA ASP C 105 -28.81 -5.36 23.73
C ASP C 105 -30.01 -5.41 22.78
N ILE C 106 -30.10 -6.46 21.95
CA ILE C 106 -31.16 -6.54 20.95
C ILE C 106 -32.50 -6.68 21.66
N ARG C 107 -33.40 -5.73 21.41
CA ARG C 107 -34.75 -5.77 21.96
C ARG C 107 -35.81 -6.11 20.94
N GLN C 108 -35.53 -5.88 19.65
CA GLN C 108 -36.42 -6.28 18.58
C GLN C 108 -35.62 -7.06 17.54
N LEU C 109 -36.15 -8.21 17.12
CA LEU C 109 -35.46 -9.12 16.24
C LEU C 109 -36.36 -9.42 15.05
N PHE C 110 -35.79 -9.37 13.86
CA PHE C 110 -36.55 -9.50 12.63
C PHE C 110 -36.23 -10.84 11.98
N LEU C 111 -37.14 -11.80 12.11
CA LEU C 111 -37.02 -13.06 11.39
C LEU C 111 -37.42 -12.82 9.94
N VAL C 112 -36.44 -12.83 9.04
CA VAL C 112 -36.63 -12.45 7.65
C VAL C 112 -36.81 -13.70 6.82
N GLY C 113 -37.93 -13.79 6.11
CA GLY C 113 -38.14 -14.89 5.21
C GLY C 113 -37.23 -14.82 3.99
N SER C 114 -36.96 -15.98 3.41
CA SER C 114 -36.10 -16.08 2.24
C SER C 114 -36.69 -17.08 1.27
N CYS C 115 -36.07 -17.18 0.10
CA CYS C 115 -36.58 -18.08 -0.93
C CYS C 115 -36.56 -19.55 -0.49
N PRO C 116 -35.44 -20.12 -0.05
CA PRO C 116 -35.48 -21.51 0.43
C PRO C 116 -36.37 -21.69 1.65
N SER C 117 -36.44 -20.67 2.51
CA SER C 117 -37.36 -20.75 3.65
C SER C 117 -38.81 -20.84 3.18
N GLU C 118 -39.17 -20.05 2.17
CA GLU C 118 -40.53 -20.07 1.66
C GLU C 118 -40.84 -21.42 1.00
N VAL C 119 -39.89 -21.95 0.22
CA VAL C 119 -40.13 -23.24 -0.43
C VAL C 119 -40.21 -24.36 0.60
N ILE C 120 -39.38 -24.28 1.64
CA ILE C 120 -39.48 -25.23 2.75
C ILE C 120 -40.83 -25.07 3.44
N LYS C 121 -41.39 -23.85 3.40
CA LYS C 121 -42.71 -23.51 3.91
C LYS C 121 -42.78 -23.50 5.43
N LEU C 122 -41.64 -23.39 6.12
CA LEU C 122 -41.68 -23.23 7.56
C LEU C 122 -42.32 -21.89 7.92
N ASP C 123 -43.21 -21.92 8.91
CA ASP C 123 -44.04 -20.76 9.23
C ASP C 123 -43.23 -19.80 10.07
N LEU C 124 -42.68 -18.77 9.43
CA LEU C 124 -41.94 -17.74 10.17
C LEU C 124 -42.88 -16.93 11.05
N HIS C 125 -44.16 -16.83 10.68
CA HIS C 125 -45.10 -16.08 11.50
C HIS C 125 -45.43 -16.83 12.78
N ARG C 126 -45.70 -18.14 12.67
CA ARG C 126 -45.92 -18.95 13.86
C ARG C 126 -44.68 -18.94 14.75
N ALA C 127 -43.49 -19.00 14.15
CA ALA C 127 -42.27 -18.87 14.91
C ALA C 127 -42.22 -17.55 15.66
N ALA C 128 -42.26 -16.43 14.92
CA ALA C 128 -42.16 -15.12 15.55
C ALA C 128 -43.17 -14.99 16.69
N GLU C 129 -44.38 -15.53 16.51
CA GLU C 129 -45.34 -15.57 17.61
C GLU C 129 -44.79 -16.36 18.80
N ARG C 130 -44.24 -17.55 18.54
CA ARG C 130 -43.79 -18.42 19.63
C ARG C 130 -42.64 -17.78 20.41
N LEU C 131 -41.64 -17.25 19.70
CA LEU C 131 -40.49 -16.69 20.40
C LEU C 131 -40.80 -15.30 20.96
N SER C 132 -41.76 -14.58 20.40
CA SER C 132 -42.22 -13.37 21.06
C SER C 132 -42.95 -13.70 22.36
N ALA C 133 -43.64 -14.84 22.38
CA ALA C 133 -44.31 -15.27 23.59
C ALA C 133 -43.31 -15.72 24.65
N HIS C 134 -42.33 -16.53 24.27
CA HIS C 134 -41.43 -17.11 25.27
C HIS C 134 -40.14 -16.31 25.46
N HIS C 135 -40.00 -15.15 24.83
CA HIS C 135 -38.89 -14.25 25.09
C HIS C 135 -39.34 -12.87 25.53
N GLY C 136 -40.63 -12.62 25.59
CA GLY C 136 -41.15 -11.33 26.00
C GLY C 136 -41.11 -11.16 27.50
N PRO C 137 -41.45 -9.95 27.98
CA PRO C 137 -41.85 -8.77 27.20
C PRO C 137 -40.65 -7.96 26.74
N ALA C 138 -39.44 -8.46 27.01
CA ALA C 138 -38.24 -7.72 26.64
C ALA C 138 -38.02 -7.74 25.14
N VAL C 139 -37.88 -8.91 24.55
CA VAL C 139 -37.55 -9.07 23.15
C VAL C 139 -38.82 -9.32 22.37
N ARG C 140 -39.06 -8.50 21.34
CA ARG C 140 -40.20 -8.65 20.45
C ARG C 140 -39.68 -9.04 19.07
N VAL C 141 -40.19 -10.15 18.55
CA VAL C 141 -39.71 -10.73 17.30
C VAL C 141 -40.76 -10.56 16.23
N TYR C 142 -40.39 -9.91 15.13
CA TYR C 142 -41.26 -9.71 13.99
C TYR C 142 -40.83 -10.56 12.82
N ASN C 143 -41.75 -10.75 11.88
CA ASN C 143 -41.52 -11.53 10.68
C ASN C 143 -41.86 -10.66 9.47
N PHE C 144 -40.97 -10.65 8.50
CA PHE C 144 -41.28 -10.10 7.18
C PHE C 144 -40.47 -10.88 6.14
N SER C 145 -40.99 -10.91 4.92
CA SER C 145 -40.41 -11.71 3.85
C SER C 145 -39.60 -10.81 2.93
N GLY C 146 -38.31 -11.08 2.83
CA GLY C 146 -37.45 -10.49 1.84
C GLY C 146 -37.13 -11.40 0.67
N SER C 147 -37.87 -12.48 0.50
CA SER C 147 -37.59 -13.45 -0.56
C SER C 147 -37.84 -12.84 -1.93
N GLY C 148 -36.94 -13.13 -2.87
CA GLY C 148 -37.04 -12.55 -4.20
C GLY C 148 -38.30 -12.97 -4.93
N ILE C 149 -38.84 -14.14 -4.59
CA ILE C 149 -40.05 -14.63 -5.23
C ILE C 149 -41.26 -13.76 -4.97
N GLU C 150 -41.23 -12.94 -3.91
CA GLU C 150 -42.33 -12.01 -3.67
C GLU C 150 -41.81 -10.68 -3.13
N THR C 151 -40.57 -10.34 -3.46
CA THR C 151 -39.99 -9.09 -2.98
C THR C 151 -38.84 -8.69 -3.88
N THR C 152 -38.73 -7.38 -4.12
CA THR C 152 -37.62 -6.80 -4.88
C THR C 152 -36.86 -5.82 -3.97
N PHE C 153 -36.03 -4.98 -4.61
CA PHE C 153 -34.99 -4.21 -3.94
C PHE C 153 -35.46 -3.54 -2.65
N THR C 154 -36.42 -2.63 -2.75
CA THR C 154 -36.82 -1.83 -1.58
C THR C 154 -38.10 -2.32 -0.93
N GLN C 155 -38.78 -3.29 -1.54
CA GLN C 155 -39.90 -3.90 -0.84
C GLN C 155 -39.44 -4.68 0.38
N GLY C 156 -38.13 -4.92 0.51
CA GLY C 156 -37.62 -5.45 1.76
C GLY C 156 -37.83 -4.50 2.92
N GLU C 157 -37.46 -3.23 2.73
CA GLU C 157 -37.70 -2.23 3.77
C GLU C 157 -39.18 -1.96 3.92
N ASP C 158 -39.90 -1.96 2.79
CA ASP C 158 -41.35 -1.78 2.84
C ASP C 158 -41.98 -2.87 3.71
N ALA C 159 -41.56 -4.12 3.51
CA ALA C 159 -42.13 -5.24 4.26
C ALA C 159 -41.71 -5.21 5.72
N CYS C 160 -40.47 -4.79 6.01
CA CYS C 160 -40.09 -4.61 7.40
C CYS C 160 -41.00 -3.63 8.10
N LEU C 161 -41.20 -2.45 7.50
CA LEU C 161 -42.06 -1.45 8.12
C LEU C 161 -43.51 -1.94 8.21
N ALA C 162 -43.97 -2.69 7.21
CA ALA C 162 -45.30 -3.25 7.26
C ALA C 162 -45.43 -4.24 8.40
N SER C 163 -44.37 -5.00 8.68
CA SER C 163 -44.38 -5.92 9.81
C SER C 163 -44.43 -5.18 11.13
N ILE C 164 -43.77 -4.02 11.23
CA ILE C 164 -43.81 -3.28 12.48
C ILE C 164 -45.21 -2.76 12.80
N VAL C 165 -45.99 -2.38 11.79
CA VAL C 165 -47.19 -1.59 12.04
C VAL C 165 -48.22 -2.29 12.92
N PRO C 166 -48.60 -3.55 12.68
CA PRO C 166 -49.66 -4.15 13.51
C PRO C 166 -49.35 -4.18 15.00
N THR C 167 -48.09 -4.30 15.38
CA THR C 167 -47.75 -4.39 16.80
C THR C 167 -47.75 -3.03 17.47
N LEU C 168 -47.91 -1.95 16.71
CA LEU C 168 -47.90 -0.62 17.30
C LEU C 168 -49.14 -0.39 18.13
N PRO C 169 -49.06 0.39 19.20
CA PRO C 169 -50.23 0.61 20.07
C PRO C 169 -51.30 1.44 19.38
N ALA C 170 -52.53 1.23 19.80
CA ALA C 170 -53.67 1.96 19.28
C ALA C 170 -53.85 3.24 20.07
N THR C 171 -53.47 4.37 19.48
CA THR C 171 -53.55 5.64 20.17
C THR C 171 -54.88 6.34 19.90
N GLU C 172 -55.18 7.34 20.73
CA GLU C 172 -56.38 8.15 20.59
C GLU C 172 -56.06 9.63 20.46
N ALA C 173 -54.78 9.98 20.35
CA ALA C 173 -54.34 11.35 20.18
C ALA C 173 -53.71 11.54 18.81
N ARG C 174 -54.18 12.57 18.10
CA ARG C 174 -53.77 12.80 16.73
C ARG C 174 -52.29 13.16 16.67
N GLU C 175 -51.55 12.45 15.81
CA GLU C 175 -50.12 12.66 15.63
C GLU C 175 -49.78 12.48 14.16
N LEU C 176 -48.74 13.18 13.71
CA LEU C 176 -48.22 12.95 12.37
C LEU C 176 -47.14 11.88 12.42
N LEU C 177 -47.19 10.93 11.48
CA LEU C 177 -46.22 9.84 11.45
C LEU C 177 -45.49 9.88 10.11
N LEU C 178 -44.20 10.19 10.17
CA LEU C 178 -43.36 10.10 8.98
C LEU C 178 -42.91 8.67 8.79
N VAL C 179 -43.22 8.10 7.63
CA VAL C 179 -42.88 6.71 7.32
C VAL C 179 -41.83 6.71 6.22
N GLY C 180 -40.71 6.06 6.50
CA GLY C 180 -39.58 5.99 5.59
C GLY C 180 -38.28 5.98 6.37
N ALA C 181 -37.25 5.44 5.73
CA ALA C 181 -35.93 5.33 6.37
C ALA C 181 -35.10 6.57 6.05
N LEU C 182 -35.56 7.69 6.58
CA LEU C 182 -34.80 8.93 6.47
C LEU C 182 -33.48 8.79 7.22
N PRO C 183 -32.35 9.12 6.60
CA PRO C 183 -31.10 9.16 7.35
C PRO C 183 -31.20 10.14 8.50
N ASP C 184 -30.47 9.84 9.58
CA ASP C 184 -30.66 10.57 10.83
C ASP C 184 -30.53 12.08 10.65
N VAL C 185 -29.63 12.51 9.76
CA VAL C 185 -29.52 13.94 9.48
C VAL C 185 -30.73 14.42 8.69
N VAL C 186 -31.21 13.61 7.75
CA VAL C 186 -32.39 13.98 6.98
C VAL C 186 -33.63 13.94 7.86
N GLU C 187 -33.71 12.94 8.74
CA GLU C 187 -34.79 12.92 9.72
C GLU C 187 -34.76 14.15 10.61
N ASP C 188 -33.57 14.55 11.04
CA ASP C 188 -33.46 15.74 11.88
C ASP C 188 -33.91 16.99 11.14
N GLN C 189 -33.52 17.13 9.87
CA GLN C 189 -33.95 18.30 9.11
C GLN C 189 -35.47 18.30 8.92
N ALA C 190 -36.04 17.16 8.56
CA ALA C 190 -37.49 17.09 8.36
C ALA C 190 -38.25 17.38 9.65
N VAL C 191 -37.80 16.78 10.76
CA VAL C 191 -38.47 16.99 12.04
C VAL C 191 -38.36 18.45 12.48
N SER C 192 -37.17 19.04 12.33
CA SER C 192 -37.00 20.44 12.70
C SER C 192 -37.87 21.35 11.84
N LEU C 193 -37.91 21.10 10.53
CA LEU C 193 -38.70 21.92 9.64
C LEU C 193 -40.18 21.81 9.97
N LEU C 194 -40.65 20.61 10.28
CA LEU C 194 -42.05 20.45 10.69
C LEU C 194 -42.33 21.16 12.01
N THR C 195 -41.50 20.93 13.03
CA THR C 195 -41.77 21.48 14.34
C THR C 195 -41.75 23.01 14.33
N GLN C 196 -40.86 23.59 13.53
CA GLN C 196 -40.85 25.03 13.41
C GLN C 196 -41.91 25.51 12.41
N LEU C 197 -42.46 24.60 11.61
CA LEU C 197 -43.56 24.92 10.71
C LEU C 197 -44.85 25.20 11.48
N GLY C 198 -45.07 24.50 12.59
CA GLY C 198 -46.25 24.72 13.40
C GLY C 198 -47.13 23.51 13.61
N ILE C 199 -46.70 22.32 13.19
CA ILE C 199 -47.51 21.11 13.37
C ILE C 199 -47.50 20.69 14.84
N GLY C 200 -48.36 19.72 15.15
CA GLY C 200 -48.42 19.14 16.47
C GLY C 200 -47.39 18.03 16.65
N PRO C 201 -47.85 16.83 17.00
CA PRO C 201 -46.91 15.72 17.22
C PRO C 201 -46.40 15.15 15.91
N VAL C 202 -45.09 14.95 15.83
CA VAL C 202 -44.44 14.28 14.70
C VAL C 202 -43.68 13.07 15.23
N ARG C 203 -43.95 11.90 14.66
CA ARG C 203 -43.29 10.66 15.02
C ARG C 203 -42.88 9.92 13.76
N CYS C 204 -41.92 9.02 13.90
CA CYS C 204 -41.39 8.25 12.78
C CYS C 204 -41.62 6.78 13.02
N LEU C 205 -42.18 6.09 12.02
CA LEU C 205 -42.45 4.66 12.15
C LEU C 205 -41.19 3.84 12.38
N PRO C 206 -40.08 4.03 11.64
CA PRO C 206 -38.84 3.30 11.98
C PRO C 206 -38.14 3.86 13.22
N ALA C 207 -38.81 3.74 14.36
CA ALA C 207 -38.22 4.21 15.62
C ALA C 207 -36.98 3.39 15.96
N HIS C 208 -35.96 4.09 16.48
CA HIS C 208 -34.69 3.42 16.75
C HIS C 208 -34.83 2.36 17.83
N HIS C 209 -35.58 2.66 18.90
CA HIS C 209 -35.81 1.71 19.98
C HIS C 209 -37.29 1.40 20.09
N ALA C 210 -37.59 0.17 20.54
CA ALA C 210 -38.98 -0.28 20.60
C ALA C 210 -39.80 0.58 21.56
N ALA C 211 -39.15 1.18 22.56
CA ALA C 211 -39.88 2.06 23.47
C ALA C 211 -40.39 3.31 22.75
N GLU C 212 -39.69 3.75 21.70
CA GLU C 212 -40.09 4.94 20.97
C GLU C 212 -41.03 4.63 19.82
N ALA C 213 -41.61 3.44 19.78
CA ALA C 213 -42.49 3.08 18.67
C ALA C 213 -43.69 4.02 18.64
N PRO C 214 -44.14 4.46 17.47
CA PRO C 214 -45.21 5.44 17.39
C PRO C 214 -46.57 4.81 17.67
N GLY C 215 -47.57 5.68 17.79
CA GLY C 215 -48.95 5.27 17.98
C GLY C 215 -49.75 5.52 16.71
N VAL C 216 -50.56 4.53 16.35
CA VAL C 216 -51.39 4.59 15.15
C VAL C 216 -52.85 4.40 15.56
N GLY C 217 -53.72 5.26 15.05
CA GLY C 217 -55.13 5.19 15.33
C GLY C 217 -55.96 5.80 14.22
N PRO C 218 -57.28 5.79 14.39
CA PRO C 218 -58.14 6.41 13.36
C PRO C 218 -57.85 7.89 13.16
N ASN C 219 -57.46 8.60 14.22
CA ASN C 219 -57.23 10.04 14.11
C ASN C 219 -55.80 10.36 13.72
N THR C 220 -54.88 9.40 13.90
CA THR C 220 -53.47 9.65 13.60
C THR C 220 -53.23 9.64 12.09
N VAL C 221 -52.53 10.67 11.61
CA VAL C 221 -52.25 10.84 10.20
C VAL C 221 -50.79 10.45 9.92
N PHE C 222 -50.53 10.06 8.68
CA PHE C 222 -49.18 9.68 8.28
C PHE C 222 -48.86 10.21 6.89
N ALA C 223 -47.60 10.60 6.70
CA ALA C 223 -47.09 11.11 5.44
C ALA C 223 -45.92 10.25 4.99
N LEU C 224 -45.80 10.04 3.69
CA LEU C 224 -44.88 9.04 3.15
C LEU C 224 -43.65 9.74 2.58
N VAL C 225 -42.47 9.32 3.03
CA VAL C 225 -41.24 9.98 2.63
C VAL C 225 -40.65 9.32 1.39
N GLN C 226 -40.56 7.98 1.39
CA GLN C 226 -40.03 7.27 0.25
C GLN C 226 -41.14 6.46 -0.43
N PRO C 227 -41.08 6.31 -1.75
CA PRO C 227 -42.24 5.76 -2.48
C PRO C 227 -42.50 4.27 -2.23
N PHE C 228 -41.46 3.45 -2.12
CA PHE C 228 -41.64 2.01 -2.18
C PHE C 228 -42.49 1.45 -1.04
N LEU C 229 -42.95 2.29 -0.11
CA LEU C 229 -43.68 1.82 1.06
C LEU C 229 -45.17 1.65 0.74
N GLY C 230 -45.44 0.80 -0.25
CA GLY C 230 -46.82 0.53 -0.62
C GLY C 230 -47.52 -0.36 0.38
N ASP C 231 -46.93 -1.52 0.68
CA ASP C 231 -47.51 -2.40 1.69
C ASP C 231 -47.54 -1.73 3.05
N THR C 232 -46.56 -0.86 3.32
CA THR C 232 -46.60 -0.09 4.56
C THR C 232 -47.83 0.80 4.61
N HIS C 233 -48.09 1.55 3.53
CA HIS C 233 -49.26 2.42 3.49
C HIS C 233 -50.53 1.61 3.64
N GLY C 234 -50.61 0.46 2.97
CA GLY C 234 -51.76 -0.41 3.15
C GLY C 234 -51.92 -0.86 4.60
N ALA C 235 -50.79 -1.12 5.26
CA ALA C 235 -50.86 -1.57 6.65
C ALA C 235 -51.38 -0.46 7.56
N LEU C 236 -50.89 0.77 7.41
CA LEU C 236 -51.37 1.83 8.29
C LEU C 236 -52.78 2.27 7.93
N THR C 237 -53.21 2.00 6.70
CA THR C 237 -54.58 2.33 6.34
C THR C 237 -55.59 1.54 7.17
N ARG C 238 -55.28 0.26 7.45
CA ARG C 238 -56.21 -0.57 8.20
C ARG C 238 -56.42 -0.09 9.63
N ARG C 239 -55.37 0.36 10.31
CA ARG C 239 -55.49 0.84 11.68
C ARG C 239 -56.19 2.18 11.78
N GLY C 240 -56.75 2.67 10.69
CA GLY C 240 -57.47 3.93 10.70
C GLY C 240 -56.63 5.15 10.35
N ALA C 241 -55.32 4.99 10.24
CA ALA C 241 -54.47 6.11 9.85
C ALA C 241 -54.77 6.51 8.40
N ARG C 242 -54.72 7.81 8.14
CA ARG C 242 -55.13 8.36 6.85
C ARG C 242 -53.92 8.95 6.13
N HIS C 243 -53.89 8.72 4.82
CA HIS C 243 -52.72 9.08 4.02
C HIS C 243 -52.71 10.56 3.69
N ILE C 244 -51.51 11.12 3.56
CA ILE C 244 -51.33 12.50 3.11
C ILE C 244 -50.87 12.44 1.66
N ALA C 245 -51.68 12.98 0.75
CA ALA C 245 -51.36 12.94 -0.67
C ALA C 245 -50.35 14.04 -0.96
N ALA C 246 -49.08 13.65 -1.06
CA ALA C 246 -48.00 14.60 -1.28
C ALA C 246 -46.95 14.01 -2.20
N PRO C 247 -46.32 14.84 -3.03
CA PRO C 247 -45.10 14.39 -3.73
C PRO C 247 -43.96 14.19 -2.75
N PHE C 248 -43.00 13.37 -3.16
CA PHE C 248 -41.97 12.92 -2.23
C PHE C 248 -40.84 13.95 -2.15
N PRO C 249 -40.31 14.23 -0.96
CA PRO C 249 -39.39 15.36 -0.77
C PRO C 249 -37.98 15.09 -1.26
N PHE C 250 -37.83 15.00 -2.57
CA PHE C 250 -36.54 14.64 -3.17
C PHE C 250 -35.66 15.87 -3.38
N GLY C 251 -36.13 16.79 -4.23
CA GLY C 251 -35.32 17.98 -4.55
C GLY C 251 -35.85 19.23 -3.90
N GLU C 252 -36.22 20.23 -4.72
CA GLU C 252 -36.77 21.51 -4.18
C GLU C 252 -38.30 21.42 -4.18
N GLU C 253 -38.93 21.56 -5.35
CA GLU C 253 -40.42 21.57 -5.43
C GLU C 253 -40.99 20.27 -4.83
N GLY C 254 -40.40 19.12 -5.18
CA GLY C 254 -40.85 17.84 -4.59
C GLY C 254 -40.97 17.96 -3.07
N THR C 255 -39.98 18.61 -2.44
CA THR C 255 -40.01 18.82 -0.98
C THR C 255 -41.08 19.84 -0.62
N THR C 256 -41.09 20.99 -1.30
CA THR C 256 -42.13 22.03 -1.04
C THR C 256 -43.52 21.38 -1.07
N LEU C 257 -43.88 20.73 -2.17
CA LEU C 257 -45.21 20.16 -2.27
C LEU C 257 -45.48 19.19 -1.14
N TRP C 258 -44.48 18.41 -0.74
CA TRP C 258 -44.61 17.54 0.42
C TRP C 258 -44.97 18.34 1.66
N LEU C 259 -44.18 19.36 1.97
CA LEU C 259 -44.44 20.13 3.18
C LEU C 259 -45.73 20.93 3.07
N LYS C 260 -46.12 21.31 1.85
CA LYS C 260 -47.36 22.06 1.68
C LYS C 260 -48.57 21.17 1.94
N ALA C 261 -48.54 19.94 1.44
CA ALA C 261 -49.62 19.01 1.75
C ALA C 261 -49.68 18.71 3.24
N ILE C 262 -48.52 18.53 3.87
CA ILE C 262 -48.52 18.30 5.32
C ILE C 262 -49.11 19.49 6.06
N ALA C 263 -48.72 20.70 5.67
CA ALA C 263 -49.23 21.90 6.35
C ALA C 263 -50.73 22.04 6.15
N ASP C 264 -51.22 21.77 4.93
CA ASP C 264 -52.65 21.93 4.67
C ASP C 264 -53.47 20.90 5.41
N GLU C 265 -52.98 19.66 5.52
CA GLU C 265 -53.70 18.68 6.32
C GLU C 265 -53.64 19.03 7.80
N PHE C 266 -52.54 19.65 8.25
CA PHE C 266 -52.48 20.11 9.62
C PHE C 266 -53.11 21.49 9.79
N GLY C 267 -53.60 22.10 8.72
CA GLY C 267 -54.31 23.37 8.84
C GLY C 267 -53.45 24.60 9.00
N VAL C 268 -52.15 24.49 8.75
CA VAL C 268 -51.26 25.63 8.89
C VAL C 268 -51.53 26.65 7.79
N SER C 269 -51.55 27.92 8.16
CA SER C 269 -51.79 28.99 7.20
C SER C 269 -50.69 29.01 6.14
N ALA C 270 -51.07 29.37 4.91
CA ALA C 270 -50.14 29.35 3.79
C ALA C 270 -49.01 30.36 3.96
N GLU C 271 -49.33 31.56 4.46
CA GLU C 271 -48.30 32.59 4.63
C GLU C 271 -47.29 32.18 5.69
N THR C 272 -47.75 31.59 6.79
CA THR C 272 -46.83 31.09 7.81
C THR C 272 -45.89 30.05 7.22
N PHE C 273 -46.43 29.13 6.41
CA PHE C 273 -45.59 28.09 5.81
C PHE C 273 -44.60 28.70 4.82
N GLU C 274 -45.02 29.72 4.08
CA GLU C 274 -44.10 30.37 3.16
C GLU C 274 -42.95 31.02 3.91
N ALA C 275 -43.25 31.67 5.03
CA ALA C 275 -42.20 32.25 5.86
C ALA C 275 -41.31 31.15 6.45
N VAL C 276 -41.88 29.96 6.65
CA VAL C 276 -41.12 28.82 7.12
C VAL C 276 -40.13 28.34 6.06
N THR C 277 -40.59 28.18 4.82
CA THR C 277 -39.83 27.45 3.81
C THR C 277 -39.09 28.33 2.83
N ALA C 278 -39.25 29.66 2.90
CA ALA C 278 -38.56 30.53 1.95
C ALA C 278 -37.05 30.41 2.07
N ALA C 279 -36.54 30.42 3.30
CA ALA C 279 -35.09 30.40 3.50
C ALA C 279 -34.43 29.14 2.99
N PRO C 280 -34.90 27.93 3.31
CA PRO C 280 -34.25 26.73 2.73
C PRO C 280 -34.50 26.62 1.23
N ARG C 281 -35.60 27.19 0.74
CA ARG C 281 -35.95 27.04 -0.67
C ARG C 281 -34.91 27.69 -1.57
N ALA C 282 -34.44 28.89 -1.20
CA ALA C 282 -33.46 29.57 -2.02
C ALA C 282 -32.15 28.80 -2.10
N ARG C 283 -31.68 28.27 -0.97
CA ARG C 283 -30.45 27.49 -1.00
C ARG C 283 -30.64 26.19 -1.79
N ALA C 284 -31.81 25.57 -1.68
CA ALA C 284 -32.06 24.36 -2.46
C ALA C 284 -32.05 24.68 -3.95
N ARG C 285 -32.67 25.79 -4.35
CA ARG C 285 -32.65 26.20 -5.75
C ARG C 285 -31.25 26.48 -6.23
N LYS C 286 -30.46 27.19 -5.43
CA LYS C 286 -29.09 27.50 -5.83
C LYS C 286 -28.25 26.23 -5.96
N ALA C 287 -28.38 25.31 -5.01
CA ALA C 287 -27.61 24.08 -5.05
C ALA C 287 -28.01 23.22 -6.26
N VAL C 288 -29.31 23.15 -6.56
CA VAL C 288 -29.76 22.40 -7.72
C VAL C 288 -29.23 23.01 -9.01
N ALA C 289 -29.29 24.35 -9.11
CA ALA C 289 -28.84 25.02 -10.33
C ALA C 289 -27.34 24.91 -10.50
N ALA C 290 -26.59 24.84 -9.40
CA ALA C 290 -25.14 24.73 -9.48
C ALA C 290 -24.72 23.41 -10.12
N ALA C 291 -25.37 22.31 -9.76
CA ALA C 291 -24.99 21.00 -10.24
C ALA C 291 -25.81 20.53 -11.43
N SER C 292 -26.85 21.25 -11.83
CA SER C 292 -27.66 20.82 -12.96
C SER C 292 -27.12 21.31 -14.29
N GLU C 293 -26.05 22.10 -14.28
CA GLU C 293 -25.56 22.72 -15.51
C GLU C 293 -25.11 21.67 -16.53
N GLY C 294 -24.56 20.56 -16.04
CA GLY C 294 -24.13 19.51 -16.96
C GLY C 294 -25.30 18.69 -17.49
N LEU C 295 -26.43 18.73 -16.79
CA LEU C 295 -27.57 17.90 -17.16
C LEU C 295 -28.55 18.62 -18.08
N ARG C 296 -28.33 19.90 -18.35
CA ARG C 296 -29.25 20.65 -19.20
C ARG C 296 -29.21 20.12 -20.63
N GLY C 297 -30.39 19.98 -21.22
CA GLY C 297 -30.49 19.49 -22.58
C GLY C 297 -29.98 18.09 -22.76
N LYS C 298 -30.24 17.21 -21.79
CA LYS C 298 -29.74 15.84 -21.81
C LYS C 298 -30.92 14.88 -21.66
N SER C 299 -30.69 13.63 -22.03
CA SER C 299 -31.70 12.59 -21.97
C SER C 299 -31.33 11.56 -20.91
N VAL C 300 -32.32 11.16 -20.11
CA VAL C 300 -32.12 10.22 -19.00
C VAL C 300 -33.03 9.03 -19.21
N PHE C 301 -32.52 7.84 -18.87
CA PHE C 301 -33.25 6.59 -19.00
C PHE C 301 -33.24 5.90 -17.65
N PHE C 302 -34.41 5.45 -17.20
CA PHE C 302 -34.56 4.84 -15.88
C PHE C 302 -34.93 3.37 -16.03
N LEU C 303 -34.00 2.49 -15.66
CA LEU C 303 -34.25 1.05 -15.54
C LEU C 303 -34.87 0.76 -14.18
N PRO C 304 -35.87 -0.13 -14.11
CA PRO C 304 -36.52 -0.41 -12.83
C PRO C 304 -35.55 -0.92 -11.77
N ASP C 305 -35.29 -0.09 -10.75
CA ASP C 305 -34.37 -0.50 -9.69
C ASP C 305 -35.02 -0.52 -8.32
N SER C 306 -35.61 0.59 -7.89
CA SER C 306 -35.96 0.77 -6.48
C SER C 306 -37.28 1.53 -6.32
N GLN C 307 -38.06 1.62 -7.41
CA GLN C 307 -39.35 2.33 -7.38
C GLN C 307 -39.18 3.80 -7.01
N LEU C 308 -37.96 4.32 -7.12
CA LEU C 308 -37.66 5.72 -6.89
C LEU C 308 -37.66 6.54 -8.17
N GLU C 309 -37.88 5.91 -9.31
CA GLU C 309 -37.54 6.53 -10.58
C GLU C 309 -38.58 7.51 -11.13
N PRO C 310 -39.89 7.30 -10.98
CA PRO C 310 -40.83 8.35 -11.40
C PRO C 310 -40.57 9.68 -10.73
N SER C 311 -40.37 9.67 -9.41
CA SER C 311 -40.10 10.90 -8.68
C SER C 311 -38.76 11.51 -9.09
N LEU C 312 -37.75 10.66 -9.27
CA LEU C 312 -36.44 11.16 -9.69
C LEU C 312 -36.51 11.76 -11.09
N ALA C 313 -37.29 11.14 -11.98
CA ALA C 313 -37.48 11.69 -13.32
C ALA C 313 -38.23 13.01 -13.26
N ARG C 314 -39.22 13.12 -12.36
CA ARG C 314 -39.88 14.40 -12.17
C ARG C 314 -38.89 15.47 -11.73
N PHE C 315 -38.03 15.15 -10.76
CA PHE C 315 -37.04 16.10 -10.28
C PHE C 315 -36.09 16.52 -11.39
N LEU C 316 -35.64 15.55 -12.19
CA LEU C 316 -34.66 15.84 -13.23
C LEU C 316 -35.29 16.62 -14.38
N THR C 317 -36.53 16.29 -14.74
CA THR C 317 -37.19 16.97 -15.85
C THR C 317 -37.58 18.40 -15.50
N ARG C 318 -38.22 18.59 -14.34
CA ARG C 318 -38.67 19.92 -13.97
C ARG C 318 -37.54 20.81 -13.47
N GLU C 319 -36.65 20.25 -12.66
CA GLU C 319 -35.67 21.10 -11.97
C GLU C 319 -34.31 21.06 -12.66
N CYS C 320 -33.87 19.89 -13.09
CA CYS C 320 -32.55 19.74 -13.67
C CYS C 320 -32.52 19.93 -15.18
N GLY C 321 -33.68 20.17 -15.81
CA GLY C 321 -33.72 20.39 -17.25
C GLY C 321 -33.26 19.18 -18.05
N MET C 322 -33.67 17.99 -17.63
CA MET C 322 -33.25 16.75 -18.25
C MET C 322 -34.45 16.06 -18.89
N SER C 323 -34.36 15.77 -20.18
CA SER C 323 -35.42 15.05 -20.85
C SER C 323 -35.38 13.57 -20.44
N ALA C 324 -36.57 12.98 -20.27
CA ALA C 324 -36.70 11.58 -19.88
C ALA C 324 -37.34 10.82 -21.03
N VAL C 325 -36.70 9.71 -21.42
CA VAL C 325 -37.17 8.93 -22.57
C VAL C 325 -38.10 7.83 -22.09
N GLU C 326 -37.79 7.22 -20.95
CA GLU C 326 -38.68 6.24 -20.33
C GLU C 326 -38.30 6.09 -18.86
N VAL C 327 -39.31 6.03 -18.00
CA VAL C 327 -39.12 5.77 -16.58
C VAL C 327 -39.55 4.33 -16.30
N GLY C 328 -38.67 3.57 -15.66
CA GLY C 328 -38.94 2.18 -15.37
C GLY C 328 -39.15 1.92 -13.89
N THR C 329 -40.17 1.14 -13.55
CA THR C 329 -40.51 0.86 -12.17
C THR C 329 -40.80 -0.63 -12.00
N PRO C 330 -40.30 -1.24 -10.93
CA PRO C 330 -40.64 -2.66 -10.69
C PRO C 330 -42.13 -2.93 -10.67
N PHE C 331 -42.90 -2.11 -9.96
CA PHE C 331 -44.38 -2.15 -10.03
C PHE C 331 -44.87 -0.78 -9.59
N LEU C 332 -45.78 -0.20 -10.37
CA LEU C 332 -46.31 1.12 -10.05
C LEU C 332 -47.40 1.03 -8.99
N HIS C 333 -47.24 1.78 -7.90
CA HIS C 333 -48.32 1.97 -6.94
C HIS C 333 -48.89 3.36 -7.20
N ARG C 334 -49.93 3.41 -8.03
CA ARG C 334 -50.39 4.69 -8.58
C ARG C 334 -50.94 5.60 -7.49
N GLY C 335 -51.52 5.03 -6.44
CA GLY C 335 -52.15 5.87 -5.43
C GLY C 335 -51.17 6.75 -4.70
N ILE C 336 -50.09 6.17 -4.18
CA ILE C 336 -49.09 6.93 -3.45
C ILE C 336 -48.25 7.78 -4.38
N LEU C 337 -48.00 7.28 -5.59
CA LEU C 337 -47.10 7.91 -6.55
C LEU C 337 -47.82 8.86 -7.51
N GLY C 338 -49.11 9.09 -7.32
CA GLY C 338 -49.91 9.89 -8.22
C GLY C 338 -49.46 11.33 -8.39
N PRO C 339 -49.22 12.05 -7.29
CA PRO C 339 -48.78 13.44 -7.44
C PRO C 339 -47.52 13.62 -8.27
N ASP C 340 -46.54 12.73 -8.12
CA ASP C 340 -45.31 12.86 -8.90
C ASP C 340 -45.55 12.56 -10.37
N LEU C 341 -46.36 11.55 -10.65
CA LEU C 341 -46.70 11.24 -12.04
C LEU C 341 -47.46 12.39 -12.68
N ASP C 342 -48.36 13.02 -11.93
CA ASP C 342 -49.06 14.19 -12.44
C ASP C 342 -48.10 15.33 -12.71
N LEU C 343 -47.16 15.58 -11.79
CA LEU C 343 -46.14 16.59 -12.02
C LEU C 343 -45.23 16.21 -13.18
N LEU C 344 -44.93 14.92 -13.32
CA LEU C 344 -44.07 14.46 -14.39
C LEU C 344 -44.79 14.62 -15.73
N ALA C 345 -44.03 15.05 -16.74
CA ALA C 345 -44.63 15.42 -18.02
C ALA C 345 -45.26 14.21 -18.70
N GLU C 346 -46.18 14.50 -19.63
CA GLU C 346 -46.89 13.42 -20.32
C GLU C 346 -45.99 12.72 -21.33
N GLY C 347 -44.88 13.37 -21.71
CA GLY C 347 -43.97 12.82 -22.70
C GLY C 347 -43.29 11.53 -22.31
N PRO C 348 -42.55 11.49 -21.20
CA PRO C 348 -41.89 10.23 -20.79
C PRO C 348 -42.90 9.11 -20.60
N VAL C 349 -42.63 7.97 -21.23
CA VAL C 349 -43.50 6.81 -21.15
C VAL C 349 -43.02 5.93 -19.99
N LEU C 350 -43.94 5.54 -19.12
CA LEU C 350 -43.60 4.75 -17.94
C LEU C 350 -43.73 3.27 -18.31
N SER C 351 -42.63 2.54 -18.22
CA SER C 351 -42.68 1.10 -18.37
C SER C 351 -42.59 0.42 -17.00
N GLU C 352 -43.34 -0.68 -16.86
CA GLU C 352 -43.42 -1.37 -15.58
C GLU C 352 -42.86 -2.78 -15.62
N GLY C 353 -42.70 -3.38 -16.79
CA GLY C 353 -42.17 -4.73 -16.92
C GLY C 353 -40.65 -4.70 -16.90
N GLN C 354 -40.07 -5.65 -16.17
CA GLN C 354 -38.62 -5.79 -16.07
C GLN C 354 -38.19 -6.98 -16.93
N ASP C 355 -37.45 -6.69 -18.00
CA ASP C 355 -36.95 -7.73 -18.89
C ASP C 355 -35.67 -7.18 -19.53
N VAL C 356 -34.53 -7.59 -18.97
CA VAL C 356 -33.25 -6.98 -19.35
C VAL C 356 -32.94 -7.19 -20.82
N GLU C 357 -33.39 -8.31 -21.39
CA GLU C 357 -33.05 -8.61 -22.79
C GLU C 357 -33.56 -7.52 -23.72
N ARG C 358 -34.86 -7.24 -23.67
CA ARG C 358 -35.46 -6.20 -24.50
C ARG C 358 -35.23 -4.80 -23.94
N GLN C 359 -35.05 -4.69 -22.62
CA GLN C 359 -34.79 -3.38 -22.03
C GLN C 359 -33.45 -2.82 -22.47
N LEU C 360 -32.45 -3.69 -22.62
CA LEU C 360 -31.15 -3.24 -23.09
C LEU C 360 -31.22 -2.81 -24.55
N ASP C 361 -32.00 -3.51 -25.38
CA ASP C 361 -32.21 -3.06 -26.75
C ASP C 361 -32.91 -1.72 -26.78
N ARG C 362 -33.86 -1.49 -25.86
CA ARG C 362 -34.51 -0.20 -25.77
C ARG C 362 -33.52 0.90 -25.37
N VAL C 363 -32.61 0.59 -24.44
CA VAL C 363 -31.57 1.53 -24.08
C VAL C 363 -30.70 1.85 -25.28
N ARG C 364 -30.30 0.82 -26.03
CA ARG C 364 -29.43 1.03 -27.18
C ARG C 364 -30.12 1.87 -28.25
N ALA C 365 -31.40 1.61 -28.49
CA ALA C 365 -32.15 2.40 -29.46
C ALA C 365 -32.29 3.85 -29.01
N ALA C 366 -32.56 4.05 -27.71
CA ALA C 366 -32.79 5.40 -27.21
C ALA C 366 -31.51 6.24 -27.26
N ARG C 367 -30.36 5.61 -27.05
CA ARG C 367 -29.08 6.29 -26.93
C ARG C 367 -29.13 7.43 -25.90
N PRO C 368 -29.48 7.14 -24.65
CA PRO C 368 -29.65 8.21 -23.67
C PRO C 368 -28.31 8.70 -23.15
N ASP C 369 -28.27 9.99 -22.81
CA ASP C 369 -27.06 10.58 -22.26
C ASP C 369 -26.71 9.94 -20.91
N LEU C 370 -27.72 9.73 -20.07
CA LEU C 370 -27.52 9.10 -18.76
C LEU C 370 -28.51 7.96 -18.62
N THR C 371 -28.03 6.83 -18.08
CA THR C 371 -28.83 5.62 -17.95
C THR C 371 -28.82 5.18 -16.50
N VAL C 372 -29.94 5.37 -15.80
CA VAL C 372 -30.04 4.92 -14.42
C VAL C 372 -30.40 3.44 -14.41
N CYS C 373 -29.44 2.61 -13.99
CA CYS C 373 -29.59 1.17 -14.05
C CYS C 373 -29.00 0.54 -12.79
N GLY C 374 -29.06 -0.78 -12.74
CA GLY C 374 -28.46 -1.50 -11.64
C GLY C 374 -26.94 -1.56 -11.73
N LEU C 375 -26.33 -1.96 -10.62
CA LEU C 375 -24.88 -2.05 -10.59
C LEU C 375 -24.36 -3.16 -11.50
N GLY C 376 -25.17 -4.20 -11.70
CA GLY C 376 -24.77 -5.25 -12.62
C GLY C 376 -24.70 -4.79 -14.06
N LEU C 377 -25.62 -3.91 -14.46
CA LEU C 377 -25.65 -3.40 -15.82
C LEU C 377 -24.85 -2.12 -16.00
N ALA C 378 -24.31 -1.54 -14.92
CA ALA C 378 -23.66 -0.24 -15.02
C ALA C 378 -22.39 -0.31 -15.87
N ASN C 379 -21.42 -1.13 -15.43
CA ASN C 379 -20.19 -1.28 -16.18
C ASN C 379 -20.41 -1.81 -17.60
N PRO C 380 -21.23 -2.85 -17.83
CA PRO C 380 -21.45 -3.29 -19.22
C PRO C 380 -22.02 -2.21 -20.13
N LEU C 381 -22.98 -1.42 -19.65
CA LEU C 381 -23.51 -0.33 -20.47
C LEU C 381 -22.48 0.78 -20.63
N GLU C 382 -21.62 0.95 -19.62
CA GLU C 382 -20.54 1.92 -19.73
C GLU C 382 -19.58 1.52 -20.85
N ALA C 383 -19.29 0.22 -20.97
CA ALA C 383 -18.39 -0.24 -22.02
C ALA C 383 -18.98 0.00 -23.41
N GLU C 384 -20.29 -0.19 -23.57
CA GLU C 384 -20.95 -0.01 -24.85
C GLU C 384 -21.08 1.44 -25.26
N GLY C 385 -20.69 2.38 -24.40
CA GLY C 385 -20.74 3.79 -24.75
C GLY C 385 -21.84 4.58 -24.09
N PHE C 386 -22.43 4.09 -23.00
CA PHE C 386 -23.53 4.76 -22.32
C PHE C 386 -23.06 5.19 -20.93
N THR C 387 -23.21 6.47 -20.63
CA THR C 387 -22.97 6.95 -19.27
C THR C 387 -24.07 6.42 -18.36
N THR C 388 -23.67 5.85 -17.23
CA THR C 388 -24.60 5.17 -16.35
C THR C 388 -24.50 5.70 -14.92
N LYS C 389 -25.66 5.83 -14.29
CA LYS C 389 -25.77 6.08 -12.86
C LYS C 389 -26.52 4.91 -12.24
N TRP C 390 -26.09 4.51 -11.05
CA TRP C 390 -26.66 3.34 -10.38
C TRP C 390 -27.57 3.82 -9.25
N ALA C 391 -28.82 3.35 -9.28
CA ALA C 391 -29.84 3.87 -8.37
C ALA C 391 -29.66 3.34 -6.95
N ILE C 392 -28.76 2.37 -6.75
CA ILE C 392 -28.51 1.86 -5.41
C ILE C 392 -27.94 2.95 -4.52
N GLU C 393 -27.32 3.98 -5.11
CA GLU C 393 -26.73 5.04 -4.32
C GLU C 393 -27.78 5.95 -3.72
N LEU C 394 -28.99 5.96 -4.30
CA LEU C 394 -30.04 6.85 -3.82
C LEU C 394 -30.55 6.45 -2.45
N VAL C 395 -30.75 5.16 -2.20
CA VAL C 395 -31.27 4.72 -0.91
C VAL C 395 -30.23 4.98 0.18
N PHE C 396 -28.96 4.72 -0.13
CA PHE C 396 -27.87 4.98 0.81
C PHE C 396 -27.69 6.46 1.08
N THR C 397 -27.33 7.22 0.06
CA THR C 397 -26.93 8.61 0.26
C THR C 397 -28.14 9.46 0.64
N PRO C 398 -27.95 10.43 1.54
CA PRO C 398 -29.05 11.35 1.86
C PRO C 398 -29.31 12.30 0.71
N VAL C 399 -30.45 12.14 0.03
CA VAL C 399 -30.73 12.92 -1.17
C VAL C 399 -32.07 13.64 -1.04
N HIS C 400 -32.81 13.29 0.01
CA HIS C 400 -34.17 13.87 0.18
C HIS C 400 -34.10 15.27 0.79
N PHE C 401 -35.18 16.06 0.64
CA PHE C 401 -35.29 17.41 1.27
C PHE C 401 -34.44 18.46 0.56
N TYR C 402 -34.42 19.67 1.12
CA TYR C 402 -33.74 20.81 0.44
C TYR C 402 -32.24 20.78 0.54
N GLU C 403 -31.68 20.61 1.75
CA GLU C 403 -30.23 20.77 1.83
C GLU C 403 -29.49 19.83 0.89
N GLN C 404 -30.05 18.64 0.65
CA GLN C 404 -29.40 17.60 -0.13
C GLN C 404 -29.88 17.55 -1.57
N ALA C 405 -30.70 18.51 -2.00
CA ALA C 405 -31.14 18.54 -3.40
C ALA C 405 -29.97 18.75 -4.33
N GLY C 406 -29.06 19.66 -3.97
CA GLY C 406 -27.84 19.84 -4.75
C GLY C 406 -26.99 18.59 -4.76
N ASP C 407 -26.96 17.85 -3.65
CA ASP C 407 -26.25 16.58 -3.63
C ASP C 407 -26.86 15.58 -4.60
N LEU C 408 -28.19 15.54 -4.68
CA LEU C 408 -28.87 14.67 -5.63
C LEU C 408 -28.52 15.05 -7.07
N ALA C 409 -28.58 16.35 -7.37
CA ALA C 409 -28.25 16.81 -8.72
C ALA C 409 -26.80 16.50 -9.07
N GLY C 410 -25.88 16.72 -8.13
CA GLY C 410 -24.49 16.40 -8.40
C GLY C 410 -24.25 14.92 -8.53
N LEU C 411 -24.99 14.11 -7.77
CA LEU C 411 -24.92 12.66 -7.89
C LEU C 411 -25.31 12.22 -9.29
N PHE C 412 -26.33 12.85 -9.87
CA PHE C 412 -26.70 12.52 -11.24
C PHE C 412 -25.80 13.17 -12.29
N SER C 413 -25.11 14.25 -11.95
CA SER C 413 -24.32 14.97 -12.95
C SER C 413 -22.87 14.51 -13.01
N ARG C 414 -22.37 13.91 -11.93
CA ARG C 414 -20.97 13.48 -11.87
C ARG C 414 -20.56 12.49 -12.96
N PRO C 415 -21.35 11.45 -13.30
CA PRO C 415 -20.97 10.58 -14.41
C PRO C 415 -20.81 11.32 -15.74
N VAL C 416 -21.70 12.28 -15.99
CA VAL C 416 -21.62 13.05 -17.23
C VAL C 416 -20.35 13.89 -17.25
N ARG C 417 -20.01 14.50 -16.10
CA ARG C 417 -18.76 15.24 -15.99
C ARG C 417 -17.58 14.34 -16.24
N ARG C 418 -17.60 13.13 -15.67
CA ARG C 418 -16.49 12.20 -15.84
C ARG C 418 -16.34 11.79 -17.30
N ARG C 419 -17.45 11.56 -17.98
CA ARG C 419 -17.37 11.20 -19.40
C ARG C 419 -16.85 12.37 -20.22
N ALA C 420 -17.29 13.58 -19.91
CA ALA C 420 -16.80 14.76 -20.64
C ALA C 420 -15.29 14.92 -20.44
N ILE C 421 -14.81 14.71 -19.22
CA ILE C 421 -13.38 14.83 -18.94
C ILE C 421 -12.59 13.73 -19.64
N LEU C 422 -13.08 12.49 -19.55
CA LEU C 422 -12.37 11.33 -20.06
C LEU C 422 -12.50 11.17 -21.57
N ARG C 423 -13.39 11.92 -22.21
CA ARG C 423 -13.61 11.85 -23.66
C ARG C 423 -13.88 10.42 -24.13
N MET D 1 -28.54 -25.56 11.68
CA MET D 1 -28.08 -24.27 11.17
C MET D 1 -27.03 -23.67 12.08
N LYS D 2 -26.27 -22.71 11.55
CA LYS D 2 -25.45 -21.83 12.36
C LYS D 2 -25.58 -20.41 11.84
N LEU D 3 -25.47 -19.45 12.75
CA LEU D 3 -25.60 -18.03 12.40
C LEU D 3 -24.32 -17.57 11.74
N THR D 4 -24.27 -17.70 10.41
CA THR D 4 -23.10 -17.25 9.67
C THR D 4 -23.29 -15.82 9.21
N LEU D 5 -22.21 -15.05 9.26
CA LEU D 5 -22.18 -13.68 8.76
C LEU D 5 -21.23 -13.52 7.59
N TRP D 6 -20.16 -14.30 7.55
CA TRP D 6 -19.15 -14.26 6.49
C TRP D 6 -18.83 -15.68 6.05
N THR D 7 -18.98 -15.93 4.75
CA THR D 7 -18.65 -17.21 4.17
C THR D 7 -17.43 -17.06 3.27
N TYR D 8 -16.46 -17.95 3.44
CA TYR D 8 -15.24 -17.87 2.65
C TYR D 8 -15.52 -18.21 1.19
N GLU D 9 -16.40 -19.16 0.95
CA GLU D 9 -16.82 -19.53 -0.39
C GLU D 9 -18.31 -19.28 -0.54
N GLY D 10 -18.72 -18.91 -1.74
CA GLY D 10 -20.11 -18.66 -2.03
C GLY D 10 -20.86 -19.94 -2.31
N PRO D 11 -22.08 -19.83 -2.81
CA PRO D 11 -22.84 -21.02 -3.21
C PRO D 11 -22.20 -21.68 -4.42
N PRO D 12 -22.40 -22.99 -4.59
CA PRO D 12 -21.69 -23.71 -5.66
C PRO D 12 -21.95 -23.16 -7.04
N HIS D 13 -23.12 -22.57 -7.29
CA HIS D 13 -23.41 -22.06 -8.63
C HIS D 13 -22.53 -20.86 -8.97
N VAL D 14 -21.95 -20.19 -7.97
CA VAL D 14 -21.05 -19.09 -8.25
C VAL D 14 -19.77 -19.60 -8.92
N GLY D 15 -19.32 -20.78 -8.53
CA GLY D 15 -18.16 -21.35 -9.20
C GLY D 15 -18.42 -21.66 -10.67
N ALA D 16 -19.58 -22.25 -10.96
CA ALA D 16 -19.96 -22.49 -12.34
C ALA D 16 -20.12 -21.18 -13.11
N MET D 17 -20.64 -20.15 -12.43
CA MET D 17 -20.71 -18.82 -13.04
C MET D 17 -19.34 -18.29 -13.37
N ARG D 18 -18.37 -18.48 -12.47
CA ARG D 18 -17.00 -18.05 -12.73
C ARG D 18 -16.43 -18.78 -13.93
N VAL D 19 -16.66 -20.09 -14.01
CA VAL D 19 -16.16 -20.87 -15.13
C VAL D 19 -16.78 -20.37 -16.43
N ALA D 20 -18.10 -20.14 -16.44
CA ALA D 20 -18.77 -19.66 -17.64
C ALA D 20 -18.27 -18.28 -18.05
N THR D 21 -18.07 -17.40 -17.07
CA THR D 21 -17.58 -16.06 -17.38
C THR D 21 -16.17 -16.10 -17.95
N GLY D 22 -15.33 -17.00 -17.45
CA GLY D 22 -13.99 -17.13 -18.00
C GLY D 22 -13.99 -17.52 -19.46
N MET D 23 -14.81 -18.49 -19.83
CA MET D 23 -14.88 -18.93 -21.21
C MET D 23 -15.67 -17.93 -22.06
N THR D 24 -15.44 -17.99 -23.37
CA THR D 24 -16.17 -17.20 -24.35
C THR D 24 -16.97 -18.14 -25.23
N GLY D 25 -18.24 -17.80 -25.46
CA GLY D 25 -19.12 -18.66 -26.22
C GLY D 25 -19.87 -19.68 -25.40
N MET D 26 -19.64 -19.74 -24.10
CA MET D 26 -20.37 -20.61 -23.20
C MET D 26 -21.34 -19.77 -22.39
N HIS D 27 -22.59 -20.21 -22.30
CA HIS D 27 -23.63 -19.47 -21.61
C HIS D 27 -24.21 -20.33 -20.49
N TYR D 28 -24.39 -19.71 -19.33
CA TYR D 28 -24.97 -20.37 -18.16
C TYR D 28 -26.44 -20.01 -18.07
N VAL D 29 -27.30 -21.03 -18.09
CA VAL D 29 -28.72 -20.86 -17.85
C VAL D 29 -29.03 -21.40 -16.46
N LEU D 30 -29.41 -20.51 -15.56
CA LEU D 30 -29.58 -20.84 -14.15
C LEU D 30 -31.05 -20.76 -13.78
N HIS D 31 -31.57 -21.85 -13.21
CA HIS D 31 -32.89 -21.83 -12.58
C HIS D 31 -32.74 -21.20 -11.21
N ALA D 32 -32.93 -19.89 -11.13
CA ALA D 32 -32.82 -19.16 -9.89
C ALA D 32 -33.98 -18.18 -9.76
N PRO D 33 -34.41 -17.89 -8.53
CA PRO D 33 -35.43 -16.86 -8.35
C PRO D 33 -34.88 -15.48 -8.66
N GLN D 34 -35.79 -14.56 -8.95
CA GLN D 34 -35.38 -13.17 -9.15
C GLN D 34 -34.74 -12.65 -7.88
N GLY D 35 -33.60 -11.99 -8.02
CA GLY D 35 -32.78 -11.59 -6.90
C GLY D 35 -31.47 -12.33 -6.78
N ASP D 36 -31.36 -13.51 -7.40
CA ASP D 36 -30.09 -14.24 -7.47
C ASP D 36 -29.19 -13.73 -8.59
N THR D 37 -29.52 -12.60 -9.19
CA THR D 37 -28.70 -11.97 -10.20
C THR D 37 -27.57 -11.15 -9.59
N TYR D 38 -27.54 -11.06 -8.26
CA TYR D 38 -26.48 -10.34 -7.56
C TYR D 38 -25.10 -10.86 -7.93
N ALA D 39 -24.99 -12.14 -8.22
CA ALA D 39 -23.69 -12.73 -8.52
C ALA D 39 -23.07 -12.19 -9.79
N ASP D 40 -23.86 -11.59 -10.68
CA ASP D 40 -23.33 -10.89 -11.84
C ASP D 40 -22.67 -9.58 -11.45
N LEU D 41 -22.91 -9.08 -10.25
CA LEU D 41 -22.30 -7.84 -9.78
C LEU D 41 -20.89 -8.04 -9.27
N LEU D 42 -20.50 -9.28 -8.99
CA LEU D 42 -19.11 -9.59 -8.68
C LEU D 42 -18.23 -9.45 -9.92
N PHE D 43 -18.67 -10.02 -11.03
CA PHE D 43 -17.85 -10.02 -12.24
C PHE D 43 -17.79 -8.63 -12.86
N THR D 44 -18.93 -7.93 -12.92
CA THR D 44 -18.96 -6.63 -13.58
C THR D 44 -18.23 -5.56 -12.78
N MET D 45 -18.19 -5.68 -11.46
CA MET D 45 -17.65 -4.61 -10.65
C MET D 45 -16.30 -4.98 -10.04
N ILE D 46 -16.23 -6.12 -9.35
CA ILE D 46 -14.97 -6.54 -8.72
C ILE D 46 -13.93 -6.86 -9.79
N GLU D 47 -14.31 -7.65 -10.79
CA GLU D 47 -13.40 -7.99 -11.88
C GLU D 47 -13.39 -6.95 -12.99
N ARG D 48 -14.35 -6.04 -13.01
CA ARG D 48 -14.52 -5.04 -14.07
C ARG D 48 -14.58 -5.70 -15.45
N ARG D 49 -15.58 -6.56 -15.62
CA ARG D 49 -15.84 -7.12 -16.95
C ARG D 49 -16.65 -6.12 -17.75
N GLY D 50 -16.09 -5.69 -18.89
CA GLY D 50 -16.81 -4.76 -19.74
C GLY D 50 -18.06 -5.35 -20.34
N LYS D 51 -18.14 -6.68 -20.38
CA LYS D 51 -19.30 -7.39 -20.86
C LYS D 51 -20.04 -8.03 -19.68
N ARG D 52 -21.36 -8.16 -19.84
CA ARG D 52 -22.15 -8.84 -18.83
C ARG D 52 -21.68 -10.29 -18.71
N PRO D 53 -21.79 -10.88 -17.52
CA PRO D 53 -21.54 -12.31 -17.39
C PRO D 53 -22.45 -13.10 -18.31
N PRO D 54 -21.94 -14.14 -18.95
CA PRO D 54 -22.76 -14.92 -19.90
C PRO D 54 -23.73 -15.85 -19.18
N VAL D 55 -24.60 -15.26 -18.36
CA VAL D 55 -25.50 -16.02 -17.51
C VAL D 55 -26.93 -15.49 -17.70
N SER D 56 -27.86 -16.40 -17.93
CA SER D 56 -29.26 -16.09 -18.01
C SER D 56 -30.01 -16.73 -16.84
N TYR D 57 -30.84 -15.93 -16.18
CA TYR D 57 -31.61 -16.38 -15.04
C TYR D 57 -33.08 -16.48 -15.41
N THR D 58 -33.72 -17.57 -14.99
CA THR D 58 -35.15 -17.72 -15.21
C THR D 58 -35.95 -16.68 -14.44
N THR D 59 -35.51 -16.37 -13.22
CA THR D 59 -36.15 -15.38 -12.35
C THR D 59 -37.64 -15.68 -12.16
N PHE D 60 -37.92 -16.82 -11.54
CA PHE D 60 -39.28 -17.17 -11.22
C PHE D 60 -39.72 -16.51 -9.90
N GLN D 61 -41.03 -16.35 -9.75
CA GLN D 61 -41.62 -15.69 -8.59
C GLN D 61 -42.65 -16.61 -7.95
N ALA D 62 -43.42 -16.05 -7.02
CA ALA D 62 -44.48 -16.82 -6.37
C ALA D 62 -45.51 -17.30 -7.38
N ARG D 63 -45.83 -16.45 -8.36
CA ARG D 63 -46.73 -16.84 -9.44
C ARG D 63 -46.18 -17.98 -10.29
N ASP D 64 -44.89 -17.98 -10.58
CA ASP D 64 -44.24 -19.04 -11.35
C ASP D 64 -43.63 -20.04 -10.39
N LEU D 65 -44.47 -20.71 -9.61
CA LEU D 65 -44.02 -21.70 -8.63
C LEU D 65 -44.58 -23.09 -8.94
N GLY D 66 -45.89 -23.21 -9.12
CA GLY D 66 -46.52 -24.51 -9.28
C GLY D 66 -46.08 -25.27 -10.52
N SER D 67 -46.42 -24.74 -11.70
CA SER D 67 -46.12 -25.41 -12.96
C SER D 67 -45.35 -24.54 -13.93
N ASP D 68 -45.28 -23.23 -13.69
CA ASP D 68 -44.66 -22.31 -14.64
C ASP D 68 -43.14 -22.39 -14.59
N THR D 69 -42.58 -23.11 -13.61
CA THR D 69 -41.13 -23.16 -13.46
C THR D 69 -40.46 -23.82 -14.65
N ALA D 70 -40.97 -24.99 -15.07
CA ALA D 70 -40.38 -25.71 -16.19
C ALA D 70 -40.52 -24.92 -17.49
N GLU D 71 -41.69 -24.32 -17.69
CA GLU D 71 -41.90 -23.49 -18.88
C GLU D 71 -40.95 -22.30 -18.89
N LEU D 72 -40.74 -21.67 -17.73
CA LEU D 72 -39.81 -20.56 -17.64
C LEU D 72 -38.40 -21.00 -17.96
N PHE D 73 -37.98 -22.16 -17.45
CA PHE D 73 -36.64 -22.66 -17.76
C PHE D 73 -36.48 -22.93 -19.25
N GLN D 74 -37.47 -23.58 -19.86
CA GLN D 74 -37.39 -23.88 -21.29
C GLN D 74 -37.32 -22.60 -22.11
N SER D 75 -38.19 -21.64 -21.81
CA SER D 75 -38.20 -20.38 -22.54
C SER D 75 -36.91 -19.62 -22.34
N ALA D 76 -36.38 -19.60 -21.11
CA ALA D 76 -35.13 -18.90 -20.85
C ALA D 76 -33.97 -19.52 -21.62
N CYS D 77 -33.89 -20.86 -21.64
CA CYS D 77 -32.81 -21.51 -22.37
C CYS D 77 -32.91 -21.22 -23.86
N ARG D 78 -34.12 -21.36 -24.43
CA ARG D 78 -34.29 -21.12 -25.86
C ARG D 78 -33.97 -19.67 -26.22
N ASP D 79 -34.50 -18.72 -25.45
CA ASP D 79 -34.27 -17.30 -25.74
C ASP D 79 -32.80 -16.94 -25.55
N ALA D 80 -32.13 -17.55 -24.57
CA ALA D 80 -30.70 -17.32 -24.40
C ALA D 80 -29.92 -17.80 -25.62
N TYR D 81 -30.27 -18.97 -26.14
CA TYR D 81 -29.61 -19.44 -27.35
C TYR D 81 -29.84 -18.49 -28.52
N GLU D 82 -31.09 -18.05 -28.71
CA GLU D 82 -31.38 -17.19 -29.86
C GLU D 82 -30.69 -15.83 -29.72
N ARG D 83 -30.75 -15.22 -28.53
CA ARG D 83 -30.20 -13.88 -28.37
C ARG D 83 -28.69 -13.88 -28.36
N PHE D 84 -28.07 -14.80 -27.63
CA PHE D 84 -26.64 -14.75 -27.37
C PHE D 84 -25.82 -15.59 -28.34
N GLN D 85 -26.45 -16.54 -29.03
CA GLN D 85 -25.78 -17.45 -29.95
C GLN D 85 -24.52 -18.07 -29.35
N PRO D 86 -24.66 -18.78 -28.21
CA PRO D 86 -23.47 -19.37 -27.59
C PRO D 86 -23.06 -20.64 -28.32
N GLN D 87 -21.75 -20.91 -28.34
CA GLN D 87 -21.27 -22.11 -29.00
C GLN D 87 -21.56 -23.36 -28.18
N ALA D 88 -21.82 -23.20 -26.89
CA ALA D 88 -22.29 -24.27 -26.03
C ALA D 88 -22.99 -23.65 -24.83
N ILE D 89 -23.84 -24.44 -24.17
CA ILE D 89 -24.70 -23.96 -23.10
C ILE D 89 -24.52 -24.86 -21.89
N MET D 90 -24.42 -24.26 -20.70
CA MET D 90 -24.43 -24.99 -19.45
C MET D 90 -25.69 -24.64 -18.66
N VAL D 91 -26.37 -25.65 -18.16
CA VAL D 91 -27.64 -25.49 -17.44
C VAL D 91 -27.45 -26.01 -16.02
N GLY D 92 -27.99 -25.28 -15.05
CA GLY D 92 -27.81 -25.63 -13.65
C GLY D 92 -28.99 -25.16 -12.82
N SER D 93 -28.82 -25.28 -11.50
CA SER D 93 -29.86 -24.96 -10.54
C SER D 93 -29.29 -24.16 -9.39
N SER D 94 -30.11 -23.27 -8.83
CA SER D 94 -29.75 -22.52 -7.64
C SER D 94 -30.22 -23.25 -6.39
N CYS D 95 -29.96 -22.66 -5.24
CA CYS D 95 -30.38 -23.28 -3.98
C CYS D 95 -31.89 -23.39 -3.89
N THR D 96 -32.60 -22.35 -4.33
CA THR D 96 -34.06 -22.37 -4.28
C THR D 96 -34.64 -23.43 -5.20
N ALA D 97 -34.06 -23.59 -6.40
CA ALA D 97 -34.61 -24.52 -7.37
C ALA D 97 -34.33 -25.98 -7.02
N GLU D 98 -33.43 -26.24 -6.07
CA GLU D 98 -33.23 -27.62 -5.62
C GLU D 98 -34.50 -28.19 -5.01
N LEU D 99 -35.15 -27.41 -4.16
CA LEU D 99 -36.42 -27.85 -3.56
C LEU D 99 -37.56 -27.77 -4.57
N ILE D 100 -37.47 -26.82 -5.51
CA ILE D 100 -38.48 -26.72 -6.56
C ILE D 100 -38.43 -27.97 -7.43
N GLN D 101 -39.58 -28.38 -7.94
CA GLN D 101 -39.64 -29.54 -8.83
C GLN D 101 -39.03 -29.16 -10.18
N ASP D 102 -37.71 -29.16 -10.25
CA ASP D 102 -36.96 -28.69 -11.41
C ASP D 102 -36.30 -29.85 -12.12
N ASP D 103 -36.43 -29.89 -13.44
CA ASP D 103 -35.78 -30.88 -14.29
C ASP D 103 -34.92 -30.16 -15.32
N THR D 104 -33.68 -29.82 -14.93
CA THR D 104 -32.78 -29.14 -15.85
C THR D 104 -32.47 -30.01 -17.06
N GLY D 105 -32.25 -31.30 -16.82
CA GLY D 105 -31.86 -32.19 -17.90
C GLY D 105 -32.87 -32.21 -19.03
N GLY D 106 -34.09 -32.69 -18.74
CA GLY D 106 -35.13 -32.82 -19.74
C GLY D 106 -35.52 -31.49 -20.37
N LEU D 107 -35.65 -30.44 -19.56
CA LEU D 107 -35.99 -29.13 -20.10
C LEU D 107 -34.93 -28.66 -21.08
N ALA D 108 -33.66 -28.92 -20.78
CA ALA D 108 -32.59 -28.51 -21.68
C ALA D 108 -32.58 -29.33 -22.96
N ASP D 109 -32.71 -30.66 -22.85
CA ASP D 109 -32.54 -31.49 -24.04
C ASP D 109 -33.80 -31.53 -24.90
N ALA D 110 -34.95 -31.11 -24.36
CA ALA D 110 -36.17 -31.12 -25.14
C ALA D 110 -36.14 -30.08 -26.25
N LEU D 111 -35.50 -28.94 -26.01
CA LEU D 111 -35.42 -27.87 -27.00
C LEU D 111 -34.54 -28.23 -28.19
N SER D 112 -33.74 -29.30 -28.09
CA SER D 112 -32.91 -29.78 -29.18
C SER D 112 -32.00 -28.69 -29.72
N LEU D 113 -31.31 -27.99 -28.81
CA LEU D 113 -30.40 -26.92 -29.20
C LEU D 113 -29.26 -27.48 -30.04
N PRO D 114 -28.94 -26.85 -31.19
CA PRO D 114 -27.86 -27.36 -32.04
C PRO D 114 -26.52 -27.41 -31.33
N VAL D 115 -26.27 -26.43 -30.46
CA VAL D 115 -24.98 -26.39 -29.76
C VAL D 115 -25.02 -27.38 -28.59
N PRO D 116 -23.89 -27.96 -28.20
CA PRO D 116 -23.91 -28.90 -27.07
C PRO D 116 -24.33 -28.22 -25.78
N VAL D 117 -25.14 -28.93 -24.99
CA VAL D 117 -25.62 -28.43 -23.71
C VAL D 117 -25.00 -29.28 -22.60
N VAL D 118 -24.39 -28.62 -21.64
CA VAL D 118 -23.70 -29.28 -20.53
C VAL D 118 -24.62 -29.26 -19.32
N HIS D 119 -24.94 -30.44 -18.80
CA HIS D 119 -25.84 -30.58 -17.67
C HIS D 119 -25.02 -30.61 -16.39
N LEU D 120 -25.40 -29.77 -15.43
CA LEU D 120 -24.66 -29.62 -14.19
C LEU D 120 -25.49 -30.15 -13.03
N GLU D 121 -24.91 -31.06 -12.25
CA GLU D 121 -25.52 -31.57 -11.03
C GLU D 121 -24.63 -31.16 -9.87
N LEU D 122 -24.97 -30.05 -9.22
CA LEU D 122 -24.20 -29.53 -8.10
C LEU D 122 -25.04 -29.56 -6.84
N PRO D 123 -24.61 -30.28 -5.80
CA PRO D 123 -25.32 -30.22 -4.53
C PRO D 123 -25.16 -28.87 -3.85
N SER D 124 -26.22 -28.07 -3.87
CA SER D 124 -26.12 -26.68 -3.41
C SER D 124 -25.90 -26.61 -1.90
N TYR D 125 -26.71 -27.34 -1.13
CA TYR D 125 -26.65 -27.21 0.32
C TYR D 125 -25.43 -27.91 0.91
N GLN D 126 -24.85 -28.87 0.18
CA GLN D 126 -23.73 -29.62 0.73
C GLN D 126 -22.39 -29.00 0.33
N ARG D 127 -22.18 -28.78 -0.96
CA ARG D 127 -20.88 -28.34 -1.45
C ARG D 127 -20.78 -26.81 -1.43
N LYS D 128 -19.68 -26.31 -1.98
CA LYS D 128 -19.42 -24.86 -1.98
C LYS D 128 -18.95 -24.36 -3.34
N GLU D 129 -18.48 -23.12 -3.39
CA GLU D 129 -18.20 -22.45 -4.65
C GLU D 129 -17.10 -23.15 -5.45
N ASN D 130 -16.01 -23.54 -4.78
CA ASN D 130 -14.91 -24.20 -5.48
C ASN D 130 -15.33 -25.54 -6.06
N PHE D 131 -16.21 -26.27 -5.39
CA PHE D 131 -16.74 -27.48 -5.99
C PHE D 131 -17.51 -27.15 -7.26
N GLY D 132 -18.30 -26.08 -7.24
CA GLY D 132 -19.01 -25.67 -8.45
C GLY D 132 -18.06 -25.36 -9.58
N ALA D 133 -17.01 -24.58 -9.31
CA ALA D 133 -16.03 -24.25 -10.32
C ALA D 133 -15.31 -25.47 -10.86
N ASP D 134 -14.92 -26.41 -10.00
CA ASP D 134 -14.25 -27.63 -10.42
C ASP D 134 -15.17 -28.54 -11.23
N GLU D 135 -16.39 -28.79 -10.73
CA GLU D 135 -17.29 -29.74 -11.38
C GLU D 135 -17.81 -29.19 -12.70
N SER D 136 -18.07 -27.88 -12.76
CA SER D 136 -18.52 -27.29 -14.02
C SER D 136 -17.45 -27.43 -15.09
N PHE D 137 -16.20 -27.12 -14.74
CA PHE D 137 -15.10 -27.26 -15.69
C PHE D 137 -14.92 -28.72 -16.10
N LEU D 138 -15.01 -29.62 -15.13
CA LEU D 138 -14.88 -31.05 -15.44
C LEU D 138 -15.96 -31.50 -16.41
N GLN D 139 -17.22 -31.16 -16.14
CA GLN D 139 -18.32 -31.59 -17.01
C GLN D 139 -18.22 -30.94 -18.38
N ILE D 140 -17.76 -29.69 -18.44
CA ILE D 140 -17.50 -29.05 -19.71
C ILE D 140 -16.46 -29.84 -20.50
N CYS D 141 -15.41 -30.29 -19.82
CA CYS D 141 -14.38 -31.08 -20.49
C CYS D 141 -14.94 -32.41 -20.99
N ARG D 142 -15.76 -33.09 -20.19
CA ARG D 142 -16.35 -34.35 -20.65
C ARG D 142 -17.23 -34.12 -21.87
N LYS D 143 -18.01 -33.04 -21.87
CA LYS D 143 -18.92 -32.80 -22.99
C LYS D 143 -18.17 -32.39 -24.26
N LEU D 144 -17.11 -31.60 -24.12
CA LEU D 144 -16.43 -31.04 -25.29
C LEU D 144 -15.09 -31.73 -25.59
N ALA D 145 -14.22 -31.87 -24.59
CA ALA D 145 -12.89 -32.40 -24.86
C ALA D 145 -12.96 -33.88 -25.22
N ARG D 146 -12.35 -34.23 -26.35
CA ARG D 146 -12.31 -35.58 -26.87
C ARG D 146 -10.86 -35.94 -27.10
N PRO D 147 -10.53 -37.24 -27.09
CA PRO D 147 -9.17 -37.64 -27.47
C PRO D 147 -8.84 -37.19 -28.89
N MET D 148 -7.64 -36.64 -29.05
CA MET D 148 -7.28 -35.98 -30.30
C MET D 148 -5.79 -36.12 -30.54
N GLU D 149 -5.42 -36.18 -31.82
CA GLU D 149 -4.03 -36.29 -32.21
C GLU D 149 -3.22 -35.09 -31.73
N ARG D 150 -2.07 -35.38 -31.13
CA ARG D 150 -1.29 -34.36 -30.42
C ARG D 150 -0.69 -33.35 -31.39
N THR D 151 -0.34 -32.17 -30.88
CA THR D 151 0.26 -31.15 -31.71
C THR D 151 1.66 -31.57 -32.17
N GLU D 152 2.08 -31.04 -33.31
CA GLU D 152 3.37 -31.41 -33.87
C GLU D 152 4.51 -31.04 -32.95
N LYS D 153 4.47 -29.84 -32.37
CA LYS D 153 5.45 -29.38 -31.40
C LYS D 153 4.88 -29.52 -30.00
N VAL D 154 5.72 -29.31 -28.99
CA VAL D 154 5.32 -29.53 -27.62
C VAL D 154 4.36 -28.44 -27.18
N SER D 155 3.22 -28.84 -26.63
CA SER D 155 2.17 -27.92 -26.23
C SER D 155 1.73 -28.23 -24.80
N CYS D 156 1.27 -27.21 -24.09
CA CYS D 156 0.82 -27.33 -22.71
C CYS D 156 -0.52 -26.63 -22.53
N ASN D 157 -1.32 -27.12 -21.59
CA ASN D 157 -2.59 -26.49 -21.23
C ASN D 157 -2.50 -25.94 -19.82
N LEU D 158 -2.91 -24.68 -19.67
CA LEU D 158 -2.99 -24.07 -18.35
C LEU D 158 -4.39 -24.32 -17.77
N LEU D 159 -4.48 -25.22 -16.81
CA LEU D 159 -5.76 -25.64 -16.24
C LEU D 159 -5.92 -25.00 -14.86
N GLY D 160 -7.08 -24.40 -14.63
CA GLY D 160 -7.38 -23.82 -13.35
C GLY D 160 -7.85 -22.38 -13.32
N PRO D 161 -7.28 -21.49 -14.15
CA PRO D 161 -7.67 -20.08 -14.08
C PRO D 161 -9.14 -19.86 -14.42
N THR D 162 -9.85 -19.19 -13.53
CA THR D 162 -11.26 -18.89 -13.69
C THR D 162 -11.49 -17.42 -13.39
N ALA D 163 -12.70 -16.96 -13.72
CA ALA D 163 -13.09 -15.60 -13.38
C ALA D 163 -13.22 -15.45 -11.86
N LEU D 164 -13.07 -14.22 -11.40
CA LEU D 164 -13.12 -13.88 -9.98
C LEU D 164 -12.11 -14.71 -9.20
N GLY D 165 -10.95 -14.92 -9.82
CA GLY D 165 -9.86 -15.62 -9.20
C GLY D 165 -8.74 -14.66 -8.83
N PHE D 166 -7.99 -15.05 -7.81
CA PHE D 166 -6.95 -14.17 -7.26
C PHE D 166 -5.77 -14.13 -8.21
N ARG D 167 -5.64 -13.02 -8.94
CA ARG D 167 -4.49 -12.75 -9.79
C ARG D 167 -4.29 -13.83 -10.85
N HIS D 168 -5.39 -14.45 -11.30
CA HIS D 168 -5.29 -15.47 -12.33
C HIS D 168 -4.83 -14.87 -13.65
N ARG D 169 -5.27 -13.66 -13.96
CA ARG D 169 -4.93 -13.02 -15.22
C ARG D 169 -3.44 -12.81 -15.37
N ASP D 170 -2.78 -12.35 -14.31
CA ASP D 170 -1.34 -12.08 -14.40
C ASP D 170 -0.54 -13.38 -14.32
N ASP D 171 -1.02 -14.36 -13.56
CA ASP D 171 -0.34 -15.64 -13.49
C ASP D 171 -0.37 -16.36 -14.84
N ILE D 172 -1.45 -16.20 -15.60
CA ILE D 172 -1.49 -16.80 -16.93
C ILE D 172 -0.35 -16.23 -17.79
N LEU D 173 -0.20 -14.90 -17.78
CA LEU D 173 0.85 -14.28 -18.57
C LEU D 173 2.24 -14.72 -18.09
N GLU D 174 2.43 -14.78 -16.76
CA GLU D 174 3.74 -15.15 -16.24
C GLU D 174 4.11 -16.58 -16.60
N VAL D 175 3.18 -17.52 -16.40
CA VAL D 175 3.46 -18.92 -16.72
C VAL D 175 3.62 -19.10 -18.23
N THR D 176 2.87 -18.34 -19.03
CA THR D 176 3.03 -18.41 -20.47
C THR D 176 4.42 -17.92 -20.88
N ARG D 177 4.89 -16.84 -20.27
CA ARG D 177 6.24 -16.37 -20.55
C ARG D 177 7.29 -17.40 -20.14
N LEU D 178 7.09 -18.04 -18.97
CA LEU D 178 8.02 -19.06 -18.54
C LEU D 178 8.08 -20.23 -19.51
N LEU D 179 6.92 -20.70 -19.95
CA LEU D 179 6.86 -21.83 -20.88
C LEU D 179 7.44 -21.45 -22.23
N GLU D 180 7.17 -20.23 -22.70
CA GLU D 180 7.74 -19.79 -23.97
C GLU D 180 9.26 -19.70 -23.89
N GLY D 181 9.79 -19.21 -22.76
CA GLY D 181 11.23 -19.25 -22.56
C GLY D 181 11.78 -20.66 -22.55
N MET D 182 11.03 -21.59 -21.94
CA MET D 182 11.44 -22.99 -21.96
C MET D 182 11.26 -23.64 -23.32
N GLY D 183 10.61 -22.98 -24.26
CA GLY D 183 10.35 -23.54 -25.57
C GLY D 183 9.02 -24.25 -25.71
N ILE D 184 8.09 -24.02 -24.79
CA ILE D 184 6.78 -24.68 -24.80
C ILE D 184 5.71 -23.64 -25.09
N ALA D 185 4.90 -23.90 -26.11
CA ALA D 185 3.81 -23.01 -26.49
C ALA D 185 2.53 -23.49 -25.82
N VAL D 186 1.82 -22.55 -25.17
CA VAL D 186 0.60 -22.90 -24.46
C VAL D 186 -0.49 -23.21 -25.49
N ASN D 187 -0.98 -24.44 -25.49
CA ASN D 187 -2.03 -24.82 -26.43
C ASN D 187 -3.34 -24.11 -26.11
N ALA D 188 -3.76 -24.14 -24.84
CA ALA D 188 -5.01 -23.52 -24.44
C ALA D 188 -4.95 -23.20 -22.97
N VAL D 189 -5.64 -22.13 -22.59
CA VAL D 189 -5.83 -21.76 -21.20
C VAL D 189 -7.32 -21.83 -20.90
N ALA D 190 -7.70 -22.71 -19.97
CA ALA D 190 -9.09 -22.94 -19.64
C ALA D 190 -9.23 -23.02 -18.13
N PRO D 191 -10.39 -22.62 -17.59
CA PRO D 191 -11.57 -22.05 -18.26
C PRO D 191 -11.38 -20.63 -18.78
N MET D 192 -10.65 -19.76 -18.08
CA MET D 192 -10.57 -18.36 -18.50
C MET D 192 -9.74 -18.22 -19.77
N GLY D 193 -10.21 -17.36 -20.67
CA GLY D 193 -9.59 -17.21 -21.97
C GLY D 193 -9.74 -18.44 -22.84
N ALA D 194 -10.93 -19.04 -22.85
CA ALA D 194 -11.18 -20.27 -23.59
C ALA D 194 -12.53 -20.19 -24.28
N SER D 195 -12.73 -21.09 -25.23
CA SER D 195 -13.97 -21.28 -25.96
C SER D 195 -14.25 -22.77 -26.03
N PRO D 196 -15.47 -23.18 -26.39
CA PRO D 196 -15.73 -24.60 -26.59
C PRO D 196 -14.78 -25.25 -27.59
N ALA D 197 -14.35 -24.50 -28.61
CA ALA D 197 -13.30 -25.00 -29.49
C ALA D 197 -12.00 -25.23 -28.73
N ASP D 198 -11.67 -24.33 -27.81
CA ASP D 198 -10.47 -24.52 -26.99
C ASP D 198 -10.59 -25.76 -26.11
N ILE D 199 -11.77 -25.98 -25.51
CA ILE D 199 -11.97 -27.16 -24.70
C ILE D 199 -11.85 -28.42 -25.54
N ALA D 200 -12.34 -28.37 -26.78
CA ALA D 200 -12.15 -29.50 -27.69
C ALA D 200 -10.67 -29.70 -28.00
N ARG D 201 -9.92 -28.62 -28.18
CA ARG D 201 -8.49 -28.70 -28.48
C ARG D 201 -7.66 -29.11 -27.28
N LEU D 202 -8.23 -29.10 -26.07
CA LEU D 202 -7.50 -29.54 -24.88
C LEU D 202 -6.82 -30.89 -25.09
N GLY D 203 -7.40 -31.74 -25.93
CA GLY D 203 -6.81 -33.05 -26.16
C GLY D 203 -5.49 -33.00 -26.91
N ALA D 204 -5.19 -31.87 -27.55
CA ALA D 204 -3.99 -31.77 -28.36
C ALA D 204 -2.72 -31.59 -27.53
N ALA D 205 -2.84 -31.11 -26.30
CA ALA D 205 -1.66 -30.78 -25.51
C ALA D 205 -0.93 -32.04 -25.06
N HIS D 206 0.40 -31.93 -24.95
CA HIS D 206 1.21 -33.05 -24.51
C HIS D 206 1.07 -33.29 -23.02
N PHE D 207 0.95 -32.22 -22.24
CA PHE D 207 0.79 -32.34 -20.79
C PHE D 207 -0.06 -31.19 -20.30
N ASN D 208 -0.61 -31.36 -19.10
CA ASN D 208 -1.47 -30.36 -18.48
C ASN D 208 -0.70 -29.65 -17.37
N VAL D 209 -0.93 -28.35 -17.25
CA VAL D 209 -0.33 -27.54 -16.19
C VAL D 209 -1.45 -27.09 -15.27
N LEU D 210 -1.38 -27.51 -14.00
CA LEU D 210 -2.42 -27.20 -13.02
C LEU D 210 -1.95 -26.03 -12.17
N LEU D 211 -2.24 -24.81 -12.64
CA LEU D 211 -1.90 -23.63 -11.86
C LEU D 211 -2.74 -23.56 -10.59
N TYR D 212 -4.02 -23.86 -10.70
CA TYR D 212 -4.96 -23.77 -9.59
C TYR D 212 -5.66 -25.11 -9.39
N PRO D 213 -5.24 -25.91 -8.41
CA PRO D 213 -5.92 -27.18 -8.16
C PRO D 213 -7.39 -27.03 -7.81
N GLU D 214 -7.75 -25.92 -7.14
CA GLU D 214 -9.11 -25.77 -6.61
C GLU D 214 -10.16 -25.88 -7.71
N THR D 215 -9.90 -25.26 -8.87
CA THR D 215 -10.88 -25.25 -9.95
C THR D 215 -10.47 -26.07 -11.16
N GLY D 216 -9.37 -26.82 -11.07
CA GLY D 216 -8.90 -27.58 -12.22
C GLY D 216 -8.36 -28.97 -11.94
N GLU D 217 -8.36 -29.37 -10.67
CA GLU D 217 -7.80 -30.67 -10.31
C GLU D 217 -8.59 -31.81 -10.94
N SER D 218 -9.91 -31.71 -10.90
CA SER D 218 -10.75 -32.76 -11.44
C SER D 218 -10.59 -32.85 -12.96
N ALA D 219 -10.52 -31.71 -13.63
CA ALA D 219 -10.26 -31.70 -15.06
C ALA D 219 -8.91 -32.33 -15.38
N ALA D 220 -7.89 -32.02 -14.57
CA ALA D 220 -6.57 -32.59 -14.80
C ALA D 220 -6.56 -34.10 -14.62
N ARG D 221 -7.21 -34.59 -13.55
CA ARG D 221 -7.28 -36.03 -13.37
C ARG D 221 -8.07 -36.71 -14.47
N TRP D 222 -9.17 -36.12 -14.92
CA TRP D 222 -9.91 -36.73 -16.01
C TRP D 222 -9.10 -36.74 -17.30
N ALA D 223 -8.34 -35.68 -17.56
CA ALA D 223 -7.47 -35.66 -18.71
C ALA D 223 -6.40 -36.74 -18.62
N GLU D 224 -5.86 -36.96 -17.41
CA GLU D 224 -4.92 -38.05 -17.22
C GLU D 224 -5.56 -39.40 -17.49
N LYS D 225 -6.81 -39.58 -17.06
CA LYS D 225 -7.49 -40.86 -17.23
C LYS D 225 -7.80 -41.14 -18.69
N THR D 226 -8.32 -40.14 -19.41
CA THR D 226 -8.87 -40.37 -20.75
C THR D 226 -7.99 -39.79 -21.85
N LEU D 227 -7.59 -38.52 -21.75
CA LEU D 227 -6.80 -37.89 -22.80
C LEU D 227 -5.32 -38.21 -22.69
N LYS D 228 -4.90 -38.97 -21.67
CA LYS D 228 -3.53 -39.43 -21.53
C LYS D 228 -2.55 -38.27 -21.44
N GLN D 229 -2.88 -37.28 -20.61
CA GLN D 229 -2.03 -36.12 -20.42
C GLN D 229 -1.55 -36.06 -18.98
N PRO D 230 -0.26 -36.18 -18.70
CA PRO D 230 0.21 -35.95 -17.34
C PRO D 230 0.04 -34.50 -16.93
N TYR D 231 -0.19 -34.27 -15.65
CA TYR D 231 -0.45 -32.94 -15.13
C TYR D 231 0.52 -32.60 -14.02
N THR D 232 1.00 -31.36 -14.02
CA THR D 232 2.01 -30.93 -13.07
C THR D 232 1.44 -30.86 -11.66
N LYS D 233 2.24 -31.29 -10.69
CA LYS D 233 1.83 -31.31 -9.29
C LYS D 233 2.45 -30.20 -8.47
N THR D 234 3.24 -29.32 -9.08
CA THR D 234 3.88 -28.21 -8.39
C THR D 234 3.27 -26.89 -8.88
N VAL D 235 2.79 -26.09 -7.94
CA VAL D 235 2.26 -24.76 -8.26
C VAL D 235 3.40 -23.76 -8.14
N PRO D 236 3.72 -23.03 -9.20
CA PRO D 236 4.92 -22.18 -9.24
C PRO D 236 4.78 -20.84 -8.54
N ILE D 237 4.52 -20.86 -7.24
CA ILE D 237 4.44 -19.65 -6.44
C ILE D 237 5.65 -19.61 -5.51
N GLY D 238 6.53 -18.64 -5.74
CA GLY D 238 7.80 -18.58 -5.04
C GLY D 238 8.95 -19.06 -5.90
N VAL D 239 10.15 -18.57 -5.56
CA VAL D 239 11.32 -18.89 -6.37
C VAL D 239 11.60 -20.38 -6.36
N GLY D 240 11.59 -20.99 -5.18
CA GLY D 240 11.83 -22.43 -5.11
C GLY D 240 10.76 -23.23 -5.82
N ALA D 241 9.50 -22.88 -5.59
CA ALA D 241 8.41 -23.56 -6.30
C ALA D 241 8.49 -23.30 -7.80
N THR D 242 8.91 -22.10 -8.19
CA THR D 242 9.04 -21.81 -9.62
C THR D 242 10.13 -22.68 -10.26
N ARG D 243 11.26 -22.85 -9.58
CA ARG D 243 12.32 -23.69 -10.12
C ARG D 243 11.90 -25.15 -10.16
N ASP D 244 11.19 -25.62 -9.13
CA ASP D 244 10.69 -26.99 -9.16
C ASP D 244 9.69 -27.18 -10.30
N PHE D 245 8.81 -26.21 -10.51
CA PHE D 245 7.84 -26.29 -11.61
C PHE D 245 8.56 -26.29 -12.95
N VAL D 246 9.59 -25.46 -13.09
CA VAL D 246 10.35 -25.41 -14.33
C VAL D 246 11.02 -26.75 -14.60
N ALA D 247 11.66 -27.33 -13.59
CA ALA D 247 12.32 -28.61 -13.75
C ALA D 247 11.33 -29.70 -14.11
N GLU D 248 10.19 -29.75 -13.42
CA GLU D 248 9.22 -30.80 -13.68
C GLU D 248 8.58 -30.65 -15.04
N VAL D 249 8.31 -29.41 -15.47
CA VAL D 249 7.71 -29.19 -16.77
C VAL D 249 8.71 -29.49 -17.88
N ALA D 250 9.99 -29.17 -17.67
CA ALA D 250 11.01 -29.53 -18.63
C ALA D 250 11.15 -31.04 -18.75
N ALA D 251 11.05 -31.75 -17.63
CA ALA D 251 11.06 -33.22 -17.67
C ALA D 251 9.84 -33.75 -18.43
N LEU D 252 8.67 -33.15 -18.19
CA LEU D 252 7.46 -33.60 -18.86
C LEU D 252 7.53 -33.37 -20.36
N ALA D 253 8.03 -32.21 -20.78
CA ALA D 253 8.06 -31.87 -22.20
C ALA D 253 9.27 -32.48 -22.89
N GLY D 254 10.32 -32.78 -22.14
CA GLY D 254 11.56 -33.25 -22.72
C GLY D 254 12.49 -32.17 -23.20
N VAL D 255 12.11 -30.90 -23.04
CA VAL D 255 12.96 -29.77 -23.43
C VAL D 255 13.91 -29.45 -22.29
N ALA D 256 14.96 -28.68 -22.58
CA ALA D 256 15.92 -28.32 -21.55
C ALA D 256 15.31 -27.29 -20.59
N PRO D 257 15.63 -27.39 -19.31
CA PRO D 257 15.13 -26.40 -18.34
C PRO D 257 15.82 -25.05 -18.51
N VAL D 258 15.11 -24.09 -19.07
CA VAL D 258 15.64 -22.74 -19.30
C VAL D 258 14.67 -21.75 -18.67
N ALA D 259 15.12 -21.09 -17.61
CA ALA D 259 14.32 -20.11 -16.90
C ALA D 259 15.06 -18.77 -16.87
N ASP D 260 14.32 -17.70 -17.09
CA ASP D 260 14.87 -16.36 -17.13
C ASP D 260 14.86 -15.79 -15.71
N ASP D 261 16.01 -15.78 -15.06
CA ASP D 261 16.16 -15.28 -13.71
C ASP D 261 16.69 -13.85 -13.66
N SER D 262 16.79 -13.19 -14.81
CA SER D 262 17.31 -11.83 -14.85
C SER D 262 16.40 -10.88 -14.08
N ARG D 263 15.09 -11.03 -14.23
CA ARG D 263 14.15 -10.14 -13.53
C ARG D 263 14.07 -10.46 -12.05
N LEU D 264 14.51 -11.65 -11.64
CA LEU D 264 14.39 -12.06 -10.24
C LEU D 264 15.18 -11.14 -9.32
N ARG D 265 14.49 -10.55 -8.35
CA ARG D 265 15.11 -9.69 -7.36
C ARG D 265 14.79 -10.08 -5.93
N GLN D 266 13.85 -11.01 -5.70
CA GLN D 266 13.48 -11.38 -4.35
C GLN D 266 14.63 -12.00 -3.56
N PRO D 267 15.41 -12.95 -4.10
CA PRO D 267 16.50 -13.51 -3.29
C PRO D 267 17.53 -12.49 -2.87
N TRP D 268 17.95 -11.59 -3.76
CA TRP D 268 18.93 -10.58 -3.40
C TRP D 268 18.35 -9.59 -2.39
N TRP D 269 17.10 -9.18 -2.59
CA TRP D 269 16.48 -8.21 -1.69
C TRP D 269 16.23 -8.82 -0.32
N SER D 270 16.02 -10.14 -0.26
CA SER D 270 15.92 -10.81 1.02
C SER D 270 17.28 -10.97 1.69
N ALA D 271 18.32 -11.25 0.90
CA ALA D 271 19.65 -11.39 1.45
C ALA D 271 20.27 -10.06 1.84
N SER D 272 19.64 -8.95 1.47
CA SER D 272 20.20 -7.63 1.76
C SER D 272 20.21 -7.36 3.25
N VAL D 273 21.01 -6.36 3.64
CA VAL D 273 21.10 -5.93 5.03
C VAL D 273 19.76 -5.41 5.56
N ASP D 274 18.94 -4.85 4.69
CA ASP D 274 17.69 -4.23 5.09
C ASP D 274 16.62 -5.23 5.52
N SER D 275 16.78 -6.50 5.15
CA SER D 275 15.80 -7.52 5.45
C SER D 275 16.17 -8.38 6.65
N THR D 276 17.18 -7.97 7.43
CA THR D 276 17.56 -8.75 8.61
C THR D 276 16.45 -8.75 9.64
N TYR D 277 15.71 -7.65 9.76
CA TYR D 277 14.65 -7.59 10.76
C TYR D 277 13.51 -8.54 10.42
N LEU D 278 13.47 -9.04 9.18
CA LEU D 278 12.43 -9.98 8.80
C LEU D 278 12.66 -11.35 9.41
N THR D 279 13.87 -11.62 9.89
CA THR D 279 14.20 -12.95 10.36
C THR D 279 13.45 -13.28 11.64
N GLY D 280 12.77 -14.43 11.62
CA GLY D 280 12.05 -14.90 12.79
C GLY D 280 10.68 -14.28 13.01
N LYS D 281 10.22 -13.43 12.10
CA LYS D 281 8.88 -12.87 12.22
C LYS D 281 7.86 -14.00 12.17
N ARG D 282 6.92 -13.97 13.10
CA ARG D 282 5.88 -14.99 13.16
C ARG D 282 4.73 -14.61 12.24
N VAL D 283 4.45 -15.48 11.27
CA VAL D 283 3.45 -15.23 10.24
C VAL D 283 2.32 -16.23 10.39
N PHE D 284 1.09 -15.75 10.44
CA PHE D 284 -0.09 -16.58 10.38
C PHE D 284 -0.62 -16.59 8.95
N LEU D 285 -0.97 -17.77 8.46
CA LEU D 285 -1.35 -17.95 7.07
C LEU D 285 -2.75 -18.56 7.01
N PHE D 286 -3.62 -17.97 6.19
CA PHE D 286 -4.93 -18.53 5.94
C PHE D 286 -5.37 -18.22 4.52
N GLY D 287 -6.38 -18.93 4.07
CA GLY D 287 -6.92 -18.79 2.75
C GLY D 287 -7.00 -20.13 2.05
N ASP D 288 -7.17 -20.11 0.73
CA ASP D 288 -7.25 -21.36 0.00
C ASP D 288 -5.93 -22.11 0.07
N ALA D 289 -6.01 -23.44 -0.04
CA ALA D 289 -4.91 -24.30 0.39
C ALA D 289 -3.66 -24.08 -0.45
N THR D 290 -3.80 -23.99 -1.77
CA THR D 290 -2.63 -23.89 -2.63
C THR D 290 -1.82 -22.64 -2.31
N HIS D 291 -2.50 -21.50 -2.21
CA HIS D 291 -1.81 -20.25 -1.91
C HIS D 291 -1.18 -20.30 -0.53
N VAL D 292 -1.84 -20.93 0.44
CA VAL D 292 -1.31 -20.95 1.80
C VAL D 292 -0.05 -21.81 1.87
N ILE D 293 -0.08 -22.98 1.22
CA ILE D 293 1.09 -23.84 1.19
C ILE D 293 2.26 -23.13 0.52
N ALA D 294 1.99 -22.55 -0.65
CA ALA D 294 3.05 -21.85 -1.38
C ALA D 294 3.59 -20.67 -0.59
N ALA D 295 2.70 -19.93 0.08
CA ALA D 295 3.13 -18.76 0.84
C ALA D 295 3.93 -19.17 2.08
N ALA D 296 3.58 -20.30 2.68
CA ALA D 296 4.37 -20.80 3.81
C ALA D 296 5.77 -21.19 3.36
N ARG D 297 5.87 -21.85 2.20
CA ARG D 297 7.20 -22.15 1.67
C ARG D 297 7.97 -20.87 1.38
N VAL D 298 7.33 -19.89 0.74
CA VAL D 298 8.01 -18.63 0.46
C VAL D 298 8.51 -18.01 1.76
N ALA D 299 7.62 -17.85 2.74
CA ALA D 299 7.99 -17.27 4.02
C ALA D 299 9.20 -17.96 4.61
N ARG D 300 9.07 -19.26 4.91
CA ARG D 300 10.10 -19.95 5.66
C ARG D 300 11.43 -19.96 4.90
N ASP D 301 11.42 -20.42 3.64
CA ASP D 301 12.71 -20.64 2.98
C ASP D 301 13.31 -19.36 2.41
N GLU D 302 12.51 -18.46 1.86
CA GLU D 302 13.08 -17.29 1.20
C GLU D 302 12.92 -16.00 1.99
N MET D 303 11.87 -15.86 2.81
CA MET D 303 11.63 -14.59 3.49
C MET D 303 12.19 -14.56 4.90
N GLY D 304 12.55 -15.71 5.46
CA GLY D 304 13.09 -15.76 6.81
C GLY D 304 12.05 -15.81 7.90
N PHE D 305 10.78 -15.66 7.56
CA PHE D 305 9.71 -15.73 8.55
C PHE D 305 9.59 -17.14 9.11
N GLU D 306 9.15 -17.23 10.36
CA GLU D 306 8.77 -18.49 10.96
C GLU D 306 7.25 -18.58 10.92
N VAL D 307 6.73 -19.68 10.40
CA VAL D 307 5.29 -19.82 10.19
C VAL D 307 4.69 -20.24 11.53
N VAL D 308 3.88 -19.36 12.11
CA VAL D 308 3.30 -19.64 13.42
C VAL D 308 1.92 -20.24 13.27
N GLY D 309 1.31 -20.11 12.11
CA GLY D 309 -0.01 -20.67 11.88
C GLY D 309 -0.25 -20.96 10.42
N MET D 310 -1.03 -22.01 10.17
CA MET D 310 -1.42 -22.41 8.83
C MET D 310 -2.89 -22.79 8.85
N GLY D 311 -3.56 -22.62 7.73
CA GLY D 311 -4.96 -22.98 7.66
C GLY D 311 -5.54 -22.82 6.28
N CYS D 312 -6.72 -23.39 6.11
CA CYS D 312 -7.45 -23.28 4.85
C CYS D 312 -8.94 -23.42 5.11
N TYR D 313 -9.75 -22.86 4.21
CA TYR D 313 -11.19 -23.06 4.22
C TYR D 313 -11.64 -24.14 3.26
N ASN D 314 -10.71 -24.84 2.63
CA ASN D 314 -11.01 -25.87 1.65
C ASN D 314 -10.92 -27.24 2.33
N ARG D 315 -12.08 -27.86 2.56
CA ARG D 315 -12.08 -29.22 3.08
C ARG D 315 -11.55 -30.20 2.04
N GLU D 316 -11.79 -29.92 0.76
CA GLU D 316 -11.32 -30.78 -0.31
C GLU D 316 -9.81 -30.85 -0.37
N PHE D 317 -9.11 -29.91 0.26
CA PHE D 317 -7.65 -29.88 0.29
C PHE D 317 -7.12 -29.93 1.71
N ALA D 318 -7.87 -30.54 2.64
CA ALA D 318 -7.42 -30.62 4.03
C ALA D 318 -6.18 -31.49 4.17
N ARG D 319 -6.15 -32.62 3.46
CA ARG D 319 -5.01 -33.53 3.58
C ARG D 319 -3.70 -32.90 3.13
N PRO D 320 -3.59 -32.26 1.96
CA PRO D 320 -2.32 -31.60 1.63
C PRO D 320 -1.95 -30.49 2.60
N MET D 321 -2.94 -29.73 3.08
CA MET D 321 -2.64 -28.67 4.04
C MET D 321 -2.19 -29.25 5.37
N ARG D 322 -2.81 -30.34 5.82
CA ARG D 322 -2.37 -30.95 7.06
C ARG D 322 -0.97 -31.53 6.92
N ALA D 323 -0.66 -32.13 5.78
CA ALA D 323 0.69 -32.63 5.54
C ALA D 323 1.70 -31.49 5.55
N ALA D 324 1.39 -30.39 4.87
CA ALA D 324 2.28 -29.23 4.88
C ALA D 324 2.47 -28.69 6.28
N ALA D 325 1.38 -28.52 7.03
CA ALA D 325 1.47 -27.97 8.38
C ALA D 325 2.33 -28.87 9.27
N LYS D 326 2.17 -30.18 9.15
CA LYS D 326 3.09 -31.09 9.82
C LYS D 326 4.52 -30.84 9.36
N GLY D 327 4.69 -30.50 8.08
CA GLY D 327 6.02 -30.17 7.59
C GLY D 327 6.62 -28.98 8.31
N TYR D 328 5.83 -27.94 8.56
CA TYR D 328 6.30 -26.76 9.28
C TYR D 328 6.13 -26.88 10.79
N GLY D 329 5.90 -28.08 11.31
CA GLY D 329 5.79 -28.27 12.74
C GLY D 329 4.56 -27.63 13.36
N LEU D 330 3.42 -27.70 12.67
CA LEU D 330 2.19 -27.13 13.17
C LEU D 330 1.03 -28.06 12.83
N GLU D 331 -0.14 -27.71 13.34
CA GLU D 331 -1.39 -28.37 12.98
C GLU D 331 -2.23 -27.41 12.17
N ALA D 332 -2.74 -27.88 11.03
CA ALA D 332 -3.47 -27.01 10.14
C ALA D 332 -4.80 -26.59 10.75
N LEU D 333 -5.34 -25.48 10.24
CA LEU D 333 -6.61 -24.93 10.68
C LEU D 333 -7.58 -25.03 9.51
N VAL D 334 -8.25 -26.18 9.38
CA VAL D 334 -9.19 -26.40 8.27
C VAL D 334 -10.57 -26.06 8.81
N THR D 335 -10.93 -24.79 8.68
CA THR D 335 -12.25 -24.30 9.06
C THR D 335 -12.73 -23.26 8.05
N ASP D 336 -14.05 -23.13 7.95
CA ASP D 336 -14.68 -22.11 7.13
C ASP D 336 -15.29 -21.00 7.98
N ASP D 337 -14.99 -21.01 9.27
CA ASP D 337 -15.57 -20.07 10.23
C ASP D 337 -14.53 -19.03 10.59
N TYR D 338 -14.85 -17.75 10.34
CA TYR D 338 -13.90 -16.69 10.61
C TYR D 338 -13.65 -16.48 12.10
N LEU D 339 -14.57 -16.92 12.95
CA LEU D 339 -14.38 -16.86 14.40
C LEU D 339 -13.24 -17.74 14.88
N GLU D 340 -13.12 -18.96 14.37
CA GLU D 340 -12.01 -19.83 14.70
C GLU D 340 -10.67 -19.30 14.22
N VAL D 341 -10.62 -18.73 13.02
CA VAL D 341 -9.39 -18.11 12.53
C VAL D 341 -9.03 -16.91 13.40
N GLU D 342 -10.02 -16.12 13.78
CA GLU D 342 -9.76 -14.98 14.67
C GLU D 342 -9.24 -15.44 16.02
N GLU D 343 -9.82 -16.51 16.56
CA GLU D 343 -9.35 -17.05 17.84
C GLU D 343 -7.92 -17.56 17.73
N ALA D 344 -7.60 -18.25 16.62
CA ALA D 344 -6.23 -18.71 16.41
C ALA D 344 -5.26 -17.55 16.29
N ILE D 345 -5.68 -16.48 15.61
CA ILE D 345 -4.83 -15.29 15.50
C ILE D 345 -4.59 -14.68 16.87
N GLN D 346 -5.65 -14.54 17.67
CA GLN D 346 -5.53 -13.92 18.99
C GLN D 346 -4.63 -14.74 19.90
N ALA D 347 -4.80 -16.07 19.89
CA ALA D 347 -3.95 -16.93 20.70
C ALA D 347 -2.51 -16.89 20.23
N LEU D 348 -2.31 -16.90 18.91
CA LEU D 348 -0.97 -16.96 18.35
C LEU D 348 -0.27 -15.62 18.43
N ALA D 349 -1.01 -14.53 18.26
CA ALA D 349 -0.46 -13.18 18.19
C ALA D 349 0.67 -13.06 17.17
N PRO D 350 0.39 -13.27 15.89
CA PRO D 350 1.46 -13.26 14.89
C PRO D 350 1.95 -11.85 14.60
N GLU D 351 3.19 -11.76 14.12
CA GLU D 351 3.74 -10.47 13.75
C GLU D 351 3.19 -9.97 12.42
N LEU D 352 2.84 -10.89 11.53
CA LEU D 352 2.29 -10.56 10.22
C LEU D 352 1.25 -11.60 9.83
N ILE D 353 0.15 -11.15 9.25
CA ILE D 353 -0.95 -12.02 8.84
C ILE D 353 -1.04 -11.99 7.32
N LEU D 354 -0.86 -13.14 6.70
CA LEU D 354 -1.05 -13.32 5.26
C LEU D 354 -2.28 -14.19 5.06
N GLY D 355 -3.31 -13.63 4.44
CA GLY D 355 -4.54 -14.38 4.30
C GLY D 355 -5.52 -13.69 3.38
N THR D 356 -6.80 -13.92 3.67
CA THR D 356 -7.88 -13.38 2.88
C THR D 356 -8.18 -11.94 3.29
N GLN D 357 -9.28 -11.41 2.75
CA GLN D 357 -9.73 -10.08 3.14
C GLN D 357 -10.24 -10.08 4.58
N MET D 358 -10.87 -11.18 4.99
CA MET D 358 -11.31 -11.31 6.37
C MET D 358 -10.11 -11.29 7.31
N GLU D 359 -9.03 -11.98 6.94
CA GLU D 359 -7.83 -11.97 7.77
C GLU D 359 -7.20 -10.58 7.79
N ARG D 360 -7.26 -9.86 6.67
CA ARG D 360 -6.75 -8.50 6.64
C ARG D 360 -7.52 -7.61 7.59
N HIS D 361 -8.85 -7.73 7.61
CA HIS D 361 -9.65 -6.92 8.53
C HIS D 361 -9.41 -7.34 9.98
N ILE D 362 -9.27 -8.63 10.23
CA ILE D 362 -8.98 -9.11 11.58
C ILE D 362 -7.65 -8.53 12.07
N ALA D 363 -6.64 -8.54 11.20
CA ALA D 363 -5.36 -7.95 11.57
C ALA D 363 -5.49 -6.45 11.79
N LYS D 364 -6.32 -5.78 10.99
CA LYS D 364 -6.52 -4.35 11.16
C LYS D 364 -7.14 -4.04 12.53
N ARG D 365 -8.13 -4.82 12.95
CA ARG D 365 -8.70 -4.62 14.28
C ARG D 365 -7.69 -4.92 15.37
N LEU D 366 -6.85 -5.94 15.17
CA LEU D 366 -5.85 -6.34 16.15
C LEU D 366 -4.53 -5.58 16.00
N GLY D 367 -4.42 -4.70 15.02
CA GLY D 367 -3.20 -3.92 14.84
C GLY D 367 -1.99 -4.74 14.44
N ILE D 368 -2.15 -5.67 13.52
CA ILE D 368 -1.08 -6.52 13.02
C ILE D 368 -0.90 -6.22 11.54
N PRO D 369 0.33 -6.06 11.06
CA PRO D 369 0.54 -5.88 9.61
C PRO D 369 -0.05 -7.04 8.82
N CYS D 370 -0.65 -6.72 7.68
CA CYS D 370 -1.47 -7.67 6.95
C CYS D 370 -1.20 -7.56 5.45
N ALA D 371 -1.33 -8.68 4.76
CA ALA D 371 -1.32 -8.72 3.31
C ALA D 371 -2.29 -9.79 2.84
N VAL D 372 -2.77 -9.64 1.61
CA VAL D 372 -3.76 -10.55 1.04
C VAL D 372 -3.05 -11.51 0.09
N ILE D 373 -3.29 -12.81 0.29
CA ILE D 373 -2.61 -13.83 -0.49
C ILE D 373 -3.59 -14.83 -1.09
N SER D 374 -4.86 -14.74 -0.72
CA SER D 374 -5.81 -15.79 -1.08
C SER D 374 -7.06 -15.23 -1.74
N ALA D 375 -7.98 -16.15 -2.07
CA ALA D 375 -9.04 -15.85 -3.02
C ALA D 375 -10.05 -14.82 -2.53
N PRO D 376 -10.62 -14.92 -1.32
CA PRO D 376 -11.69 -13.98 -0.95
C PRO D 376 -11.14 -12.57 -0.82
N VAL D 377 -11.48 -11.72 -1.80
CA VAL D 377 -10.92 -10.37 -1.92
C VAL D 377 -12.00 -9.40 -2.34
N HIS D 378 -11.69 -8.11 -2.27
CA HIS D 378 -12.60 -7.04 -2.67
C HIS D 378 -12.29 -6.56 -4.08
N VAL D 379 -12.98 -5.49 -4.46
CA VAL D 379 -12.69 -4.74 -5.68
C VAL D 379 -11.28 -4.17 -5.60
N GLN D 380 -10.82 -3.83 -4.39
CA GLN D 380 -9.52 -3.20 -4.23
C GLN D 380 -8.40 -4.12 -4.68
N ASP D 381 -8.50 -5.40 -4.34
CA ASP D 381 -7.35 -6.30 -4.45
C ASP D 381 -6.95 -6.53 -5.89
N PHE D 382 -7.93 -6.72 -6.79
CA PHE D 382 -7.66 -6.92 -8.22
C PHE D 382 -6.87 -5.76 -8.82
N PRO D 383 -5.69 -6.03 -9.36
CA PRO D 383 -4.85 -4.92 -9.84
C PRO D 383 -5.28 -4.42 -11.20
N ALA D 384 -5.11 -3.12 -11.44
CA ALA D 384 -4.97 -2.68 -12.83
C ALA D 384 -3.59 -3.05 -13.35
N ARG D 385 -2.62 -3.17 -12.44
CA ARG D 385 -1.24 -3.42 -12.81
C ARG D 385 -0.96 -4.91 -12.95
N TYR D 386 0.19 -5.21 -13.53
CA TYR D 386 0.66 -6.58 -13.66
C TYR D 386 1.16 -7.07 -12.30
N SER D 387 0.34 -7.84 -11.60
CA SER D 387 0.66 -8.32 -10.26
C SER D 387 0.48 -9.84 -10.19
N PRO D 388 1.41 -10.59 -10.77
CA PRO D 388 1.32 -12.04 -10.67
C PRO D 388 1.75 -12.52 -9.29
N GLN D 389 1.27 -13.70 -8.92
CA GLN D 389 1.73 -14.40 -7.73
C GLN D 389 2.68 -15.53 -8.07
N MET D 390 2.80 -15.88 -9.35
CA MET D 390 3.62 -16.99 -9.81
C MET D 390 4.79 -16.45 -10.62
N GLY D 391 5.79 -17.31 -10.80
CA GLY D 391 6.97 -16.94 -11.55
C GLY D 391 7.91 -16.09 -10.72
N PHE D 392 8.97 -15.64 -11.40
CA PHE D 392 9.99 -14.85 -10.73
C PHE D 392 9.53 -13.43 -10.47
N GLU D 393 8.87 -12.81 -11.45
CA GLU D 393 8.28 -11.50 -11.22
C GLU D 393 7.17 -11.60 -10.18
N GLY D 394 6.45 -12.73 -10.17
CA GLY D 394 5.49 -12.97 -9.11
C GLY D 394 6.13 -13.08 -7.74
N ALA D 395 7.33 -13.65 -7.68
CA ALA D 395 8.08 -13.69 -6.43
C ALA D 395 8.46 -12.28 -5.99
N ASN D 396 8.85 -11.43 -6.94
CA ASN D 396 9.11 -10.02 -6.63
C ASN D 396 7.87 -9.36 -6.06
N VAL D 397 6.72 -9.61 -6.69
CA VAL D 397 5.45 -9.05 -6.22
C VAL D 397 5.15 -9.55 -4.80
N LEU D 398 5.37 -10.85 -4.57
CA LEU D 398 5.14 -11.43 -3.25
C LEU D 398 6.00 -10.74 -2.20
N PHE D 399 7.29 -10.56 -2.50
CA PHE D 399 8.19 -9.92 -1.55
C PHE D 399 7.74 -8.50 -1.23
N ASP D 400 7.46 -7.70 -2.26
CA ASP D 400 7.08 -6.32 -2.01
C ASP D 400 5.75 -6.23 -1.27
N THR D 401 4.77 -7.06 -1.66
CA THR D 401 3.46 -7.03 -1.02
C THR D 401 3.55 -7.44 0.44
N TRP D 402 4.36 -8.45 0.75
CA TRP D 402 4.45 -8.92 2.12
C TRP D 402 5.26 -7.96 2.99
N ILE D 403 6.30 -7.32 2.43
CA ILE D 403 7.09 -6.36 3.19
C ILE D 403 6.33 -5.07 3.45
N HIS D 404 5.48 -4.64 2.50
CA HIS D 404 4.87 -3.31 2.59
C HIS D 404 4.16 -3.06 3.93
N PRO D 405 3.34 -3.97 4.46
CA PRO D 405 2.76 -3.72 5.79
C PRO D 405 3.79 -3.61 6.89
N LEU D 406 4.83 -4.46 6.87
CA LEU D 406 5.88 -4.38 7.88
C LEU D 406 6.65 -3.07 7.76
N THR D 407 6.92 -2.64 6.53
CA THR D 407 7.60 -1.36 6.34
C THR D 407 6.75 -0.20 6.84
N MET D 408 5.45 -0.22 6.55
CA MET D 408 4.57 0.85 7.03
C MET D 408 4.54 0.88 8.55
N GLY D 409 4.39 -0.28 9.18
CA GLY D 409 4.37 -0.33 10.63
C GLY D 409 5.66 0.15 11.25
N LEU D 410 6.80 -0.28 10.70
CA LEU D 410 8.09 0.14 11.22
C LEU D 410 8.29 1.64 11.06
N GLU D 411 7.90 2.18 9.90
CA GLU D 411 8.05 3.62 9.68
C GLU D 411 7.17 4.42 10.61
N GLU D 412 5.92 3.98 10.80
CA GLU D 412 5.01 4.68 11.70
C GLU D 412 5.53 4.64 13.13
N HIS D 413 6.00 3.47 13.58
CA HIS D 413 6.52 3.34 14.93
C HIS D 413 7.78 4.18 15.12
N LEU D 414 8.64 4.23 14.10
CA LEU D 414 9.84 5.06 14.16
C LEU D 414 9.49 6.54 14.29
N LEU D 415 8.56 7.02 13.45
CA LEU D 415 8.21 8.44 13.51
C LEU D 415 7.42 8.76 14.77
N THR D 416 6.78 7.75 15.36
CA THR D 416 6.15 7.94 16.66
C THR D 416 7.19 8.11 17.76
N MET D 417 8.22 7.26 17.75
CA MET D 417 9.29 7.40 18.73
C MET D 417 10.02 8.72 18.58
N PHE D 418 10.31 9.11 17.33
CA PHE D 418 11.11 10.31 17.08
C PHE D 418 10.38 11.55 17.57
N ARG D 419 9.07 11.62 17.34
CA ARG D 419 8.28 12.75 17.83
C ARG D 419 6.88 12.28 18.24
FE1 SF4 E . 30.98 15.56 6.96
FE2 SF4 E . 31.35 15.87 4.35
FE3 SF4 E . 30.25 17.83 5.75
FE4 SF4 E . 32.88 17.26 6.05
S1 SF4 E . 31.84 18.04 4.19
S2 SF4 E . 31.36 17.63 7.72
S3 SF4 E . 32.85 15.03 5.77
S4 SF4 E . 29.41 15.75 5.39
MG PMR F . 20.18 5.02 8.07
CBB PMR F . 24.98 7.64 5.66
CAB PMR F . 23.68 7.95 5.67
C3B PMR F . 22.65 6.89 5.57
C2B PMR F . 21.51 6.93 4.76
CMB PMR F . 21.54 7.13 3.27
C1B PMR F . 20.51 6.26 5.45
CHB PMR F . 19.43 5.52 5.01
NB PMR F . 21.14 5.84 6.62
C4B PMR F . 22.49 5.75 6.36
CHC PMR F . 23.27 5.12 7.31
C1C PMR F . 23.00 5.43 8.65
NC PMR F . 21.72 5.67 8.99
C2C PMR F . 23.75 6.35 9.48
CMC PMR F . 24.99 7.12 9.09
C3C PMR F . 23.02 6.55 10.61
CAC PMR F . 23.59 6.81 11.97
CBC PMR F . 23.50 8.30 12.31
C4C PMR F . 21.71 5.94 10.31
CHD PMR F . 20.85 5.29 11.19
C1D PMR F . 20.33 4.04 10.90
C2D PMR F . 20.23 2.78 11.44
CMD PMR F . 20.57 2.42 12.86
ND PMR F . 20.23 3.77 9.54
C4D PMR F . 19.47 2.69 9.39
C3D PMR F . 19.33 2.08 10.64
CAD PMR F . 18.39 0.98 10.37
OAD PMR F . 18.09 0.10 11.15
CBD PMR F . 18.06 1.02 8.90
CGD PMR F . 18.42 -0.29 8.26
O1D PMR F . 17.64 -1.26 8.37
O2D PMR F . 19.60 -0.50 7.90
C2O PMR F . 20.07 -1.90 7.69
CHA PMR F . 18.87 2.16 8.28
C1A PMR F . 18.72 2.82 7.06
NA PMR F . 19.51 3.85 6.70
C4A PMR F . 19.22 4.20 5.42
C3A PMR F . 18.60 3.04 4.85
CMA PMR F . 18.40 2.77 3.37
C2A PMR F . 17.87 2.55 5.88
CAA PMR F . 16.80 1.49 5.78
CBA PMR F . 15.49 2.02 6.36
CGA PMR F . 14.56 0.85 6.62
O1A PMR F . 14.91 -0.02 7.44
O2A PMR F . 13.37 0.92 6.26
FE1 SF4 G . -32.57 -13.49 -2.23
FE2 SF4 G . -31.53 -15.51 -3.62
FE3 SF4 G . -31.82 -15.77 -1.00
FE4 SF4 G . -33.99 -15.75 -2.60
S1 SF4 G . -32.33 -17.30 -2.53
S2 SF4 G . -33.74 -14.58 -0.67
S3 SF4 G . -33.34 -14.33 -4.20
S4 SF4 G . -30.48 -14.31 -2.08
MG PMR H . -21.99 -3.10 -3.00
CBB PMR H . -24.82 -7.81 -3.95
CAB PMR H . -24.45 -7.19 -5.06
C3B PMR H . -23.24 -6.33 -5.07
C2B PMR H . -21.97 -6.77 -4.65
CMB PMR H . -21.28 -8.00 -5.19
C1B PMR H . -21.32 -5.73 -4.03
CHB PMR H . -19.99 -5.32 -4.05
NB PMR H . -22.30 -4.73 -3.97
C4B PMR H . -23.19 -4.92 -5.00
CHC PMR H . -24.13 -3.93 -5.14
C1C PMR H . -24.69 -3.39 -3.98
NC PMR H . -23.89 -3.26 -2.92
C2C PMR H . -25.95 -3.77 -3.36
CMC PMR H . -26.86 -4.88 -3.78
C3C PMR H . -25.97 -3.08 -2.18
CAC PMR H . -27.20 -2.48 -1.54
CBC PMR H . -27.87 -3.50 -0.64
C4C PMR H . -24.61 -2.60 -1.98
CHD PMR H . -24.18 -1.39 -1.43
C1D PMR H . -23.29 -0.55 -2.05
C2D PMR H . -23.13 0.78 -2.40
CMD PMR H . -23.95 1.92 -1.86
ND PMR H . -22.47 -1.20 -2.96
C4D PMR H . -21.55 -0.36 -3.42
C3D PMR H . -21.86 0.93 -2.96
CAD PMR H . -20.75 1.73 -3.47
OAD PMR H . -20.59 2.92 -3.30
CBD PMR H . -19.79 0.80 -4.19
CGD PMR H . -19.60 1.27 -5.60
O1D PMR H . -20.50 1.11 -6.46
O2D PMR H . -18.66 2.07 -5.85
C2O PMR H . -18.93 3.33 -6.60
CHA PMR H . -20.43 -0.60 -4.14
C1A PMR H . -19.77 -1.84 -4.26
NA PMR H . -20.45 -3.00 -4.13
C4A PMR H . -19.61 -4.03 -4.39
C3A PMR H . -18.52 -3.46 -5.14
CMA PMR H . -17.51 -4.19 -5.98
C2A PMR H . -18.39 -2.22 -4.59
CAA PMR H . -17.23 -1.29 -4.78
CBA PMR H . -16.69 -0.85 -3.40
CGA PMR H . -16.34 0.61 -3.44
O1A PMR H . -16.98 1.40 -2.72
O2A PMR H . -15.20 0.94 -3.83
CU CU I . -1.13 0.44 3.17
CU CU J . -0.58 1.53 2.81
#